data_2J8P
#
_entry.id   2J8P
#
_cell.length_a   1.000
_cell.length_b   1.000
_cell.length_c   1.000
_cell.angle_alpha   90.00
_cell.angle_beta   90.00
_cell.angle_gamma   90.00
#
_symmetry.space_group_name_H-M   'P 1'
#
_entity_poly.entity_id   1
_entity_poly.type   'polypeptide(L)'
_entity_poly.pdbx_seq_one_letter_code
;HMTPQDHEKAALIMQVLQLTADQIAMLPPEQRQSILILKEQIQKSTGAP
;
_entity_poly.pdbx_strand_id   A
#
# COMPACT_ATOMS: atom_id res chain seq x y z
N HIS A 1 -14.81 -3.79 -8.13
CA HIS A 1 -14.42 -2.85 -7.07
C HIS A 1 -13.46 -3.53 -6.10
N MET A 2 -12.17 -3.28 -6.33
CA MET A 2 -11.14 -3.86 -5.50
C MET A 2 -11.59 -3.92 -4.03
N THR A 3 -11.79 -5.13 -3.55
CA THR A 3 -12.22 -5.35 -2.19
C THR A 3 -11.46 -4.41 -1.24
N PRO A 4 -12.00 -4.28 0.00
CA PRO A 4 -11.39 -3.43 1.00
C PRO A 4 -10.13 -4.07 1.58
N GLN A 5 -10.03 -5.37 1.39
CA GLN A 5 -8.88 -6.12 1.88
C GLN A 5 -7.63 -5.76 1.08
N ASP A 6 -7.83 -5.62 -0.23
CA ASP A 6 -6.73 -5.28 -1.11
C ASP A 6 -6.22 -3.87 -0.79
N HIS A 7 -7.17 -2.99 -0.49
CA HIS A 7 -6.83 -1.62 -0.16
C HIS A 7 -6.09 -1.58 1.17
N GLU A 8 -6.35 -2.59 1.99
CA GLU A 8 -5.71 -2.69 3.29
C GLU A 8 -4.30 -3.29 3.15
N LYS A 9 -3.91 -3.50 1.90
CA LYS A 9 -2.60 -4.06 1.63
C LYS A 9 -1.52 -3.05 1.98
N ALA A 10 -1.92 -1.78 1.99
CA ALA A 10 -1.01 -0.70 2.32
C ALA A 10 -0.62 -0.79 3.80
N ALA A 11 -1.58 -1.24 4.60
CA ALA A 11 -1.36 -1.38 6.02
C ALA A 11 -0.14 -2.26 6.27
N LEU A 12 0.00 -3.26 5.43
CA LEU A 12 1.13 -4.18 5.55
C LEU A 12 2.44 -3.42 5.30
N ILE A 13 2.35 -2.43 4.44
CA ILE A 13 3.50 -1.61 4.11
C ILE A 13 3.46 -0.32 4.91
N MET A 14 2.35 -0.13 5.61
CA MET A 14 2.17 1.07 6.42
C MET A 14 3.16 1.10 7.58
N GLN A 15 3.41 -0.07 8.15
CA GLN A 15 4.34 -0.20 9.26
C GLN A 15 5.76 0.15 8.80
N VAL A 16 6.14 -0.42 7.66
CA VAL A 16 7.46 -0.19 7.11
C VAL A 16 7.54 1.24 6.59
N LEU A 17 6.41 1.71 6.08
CA LEU A 17 6.34 3.06 5.53
C LEU A 17 6.84 4.05 6.60
N GLN A 18 5.90 4.53 7.39
CA GLN A 18 6.22 5.48 8.44
C GLN A 18 6.19 4.80 9.81
N LEU A 19 5.38 3.75 9.90
CA LEU A 19 5.26 3.00 11.13
C LEU A 19 4.11 3.57 11.96
N THR A 20 3.05 3.98 11.25
CA THR A 20 1.89 4.54 11.90
C THR A 20 0.69 4.54 10.94
N ALA A 21 -0.33 3.79 11.33
CA ALA A 21 -1.54 3.68 10.52
C ALA A 21 -2.28 5.01 10.56
N ASP A 22 -2.01 5.78 11.61
CA ASP A 22 -2.65 7.07 11.77
C ASP A 22 -2.27 7.97 10.60
N GLN A 23 -1.01 7.88 10.20
CA GLN A 23 -0.52 8.68 9.10
C GLN A 23 -1.15 8.22 7.78
N ILE A 24 -1.24 6.90 7.63
CA ILE A 24 -1.81 6.33 6.42
C ILE A 24 -3.33 6.50 6.46
N ALA A 25 -3.85 6.57 7.67
CA ALA A 25 -5.29 6.73 7.86
C ALA A 25 -5.74 8.04 7.21
N MET A 26 -4.81 9.00 7.19
CA MET A 26 -5.10 10.30 6.62
C MET A 26 -5.08 10.23 5.09
N LEU A 27 -4.67 9.09 4.58
CA LEU A 27 -4.60 8.88 3.14
C LEU A 27 -5.92 8.28 2.66
N PRO A 28 -6.27 8.61 1.39
CA PRO A 28 -7.49 8.11 0.78
C PRO A 28 -7.36 6.63 0.41
N PRO A 29 -8.51 6.04 0.00
CA PRO A 29 -8.53 4.64 -0.40
C PRO A 29 -7.90 4.45 -1.77
N GLU A 30 -8.11 5.43 -2.63
CA GLU A 30 -7.56 5.39 -3.98
C GLU A 30 -6.06 5.63 -3.95
N GLN A 31 -5.55 5.87 -2.75
CA GLN A 31 -4.13 6.12 -2.57
C GLN A 31 -3.52 5.05 -1.67
N ARG A 32 -4.30 4.63 -0.68
CA ARG A 32 -3.84 3.63 0.26
C ARG A 32 -3.17 2.47 -0.49
N GLN A 33 -3.95 1.84 -1.37
CA GLN A 33 -3.44 0.73 -2.15
C GLN A 33 -2.22 1.17 -2.97
N SER A 34 -2.21 2.45 -3.30
CA SER A 34 -1.11 3.00 -4.08
C SER A 34 0.23 2.53 -3.52
N ILE A 35 0.26 2.38 -2.20
CA ILE A 35 1.47 1.94 -1.52
C ILE A 35 1.84 0.54 -2.02
N LEU A 36 0.81 -0.26 -2.26
CA LEU A 36 1.01 -1.62 -2.72
C LEU A 36 1.59 -1.59 -4.14
N ILE A 37 1.08 -0.66 -4.93
CA ILE A 37 1.53 -0.51 -6.30
C ILE A 37 3.00 -0.11 -6.30
N LEU A 38 3.32 0.88 -5.48
CA LEU A 38 4.68 1.37 -5.37
C LEU A 38 5.56 0.29 -4.76
N LYS A 39 4.97 -0.46 -3.83
CA LYS A 39 5.68 -1.53 -3.17
C LYS A 39 6.12 -2.58 -4.20
N GLU A 40 5.26 -2.78 -5.18
CA GLU A 40 5.53 -3.75 -6.23
C GLU A 40 6.78 -3.33 -7.02
N GLN A 41 6.91 -2.03 -7.19
CA GLN A 41 8.05 -1.49 -7.92
C GLN A 41 9.36 -1.84 -7.20
N ILE A 42 9.30 -1.72 -5.87
CA ILE A 42 10.47 -2.02 -5.06
C ILE A 42 10.90 -3.47 -5.29
N GLN A 43 9.91 -4.32 -5.48
CA GLN A 43 10.16 -5.73 -5.71
C GLN A 43 10.94 -5.92 -7.02
N LYS A 44 10.64 -5.06 -7.98
CA LYS A 44 11.31 -5.13 -9.27
C LYS A 44 11.03 -6.49 -9.91
N SER A 45 10.06 -6.49 -10.82
CA SER A 45 9.70 -7.72 -11.52
C SER A 45 8.83 -7.39 -12.73
N THR A 46 7.73 -6.71 -12.47
CA THR A 46 6.82 -6.32 -13.54
C THR A 46 6.40 -7.55 -14.35
N GLY A 47 5.17 -7.99 -14.11
CA GLY A 47 4.64 -9.14 -14.80
C GLY A 47 3.27 -9.54 -14.25
N ALA A 48 2.32 -8.62 -14.40
CA ALA A 48 0.98 -8.86 -13.92
C ALA A 48 0.02 -8.93 -15.12
N PRO A 49 -1.12 -9.64 -14.91
CA PRO A 49 -2.12 -9.79 -15.95
C PRO A 49 -2.93 -8.50 -16.12
N HIS A 1 -14.76 -5.18 -8.08
CA HIS A 1 -14.08 -4.09 -7.39
C HIS A 1 -12.97 -4.66 -6.51
N MET A 2 -11.76 -4.17 -6.76
CA MET A 2 -10.60 -4.62 -6.00
C MET A 2 -10.97 -4.85 -4.52
N THR A 3 -10.81 -6.08 -4.09
CA THR A 3 -11.12 -6.45 -2.72
C THR A 3 -10.58 -5.39 -1.76
N PRO A 4 -11.03 -5.49 -0.48
CA PRO A 4 -10.60 -4.55 0.55
C PRO A 4 -9.17 -4.86 0.99
N GLN A 5 -8.75 -6.09 0.72
CA GLN A 5 -7.41 -6.52 1.09
C GLN A 5 -6.36 -5.80 0.23
N ASP A 6 -6.69 -5.66 -1.05
CA ASP A 6 -5.79 -5.00 -1.98
C ASP A 6 -5.68 -3.52 -1.61
N HIS A 7 -6.80 -2.95 -1.23
CA HIS A 7 -6.83 -1.54 -0.84
C HIS A 7 -6.27 -1.39 0.57
N GLU A 8 -6.52 -2.40 1.40
CA GLU A 8 -6.04 -2.38 2.77
C GLU A 8 -4.67 -3.03 2.85
N LYS A 9 -4.10 -3.31 1.68
CA LYS A 9 -2.78 -3.92 1.61
C LYS A 9 -1.73 -2.92 2.09
N ALA A 10 -2.08 -1.65 2.00
CA ALA A 10 -1.17 -0.59 2.40
C ALA A 10 -0.97 -0.66 3.92
N ALA A 11 -2.03 -1.08 4.61
CA ALA A 11 -1.98 -1.20 6.05
C ALA A 11 -0.84 -2.13 6.45
N LEU A 12 -0.64 -3.15 5.63
CA LEU A 12 0.41 -4.12 5.89
C LEU A 12 1.77 -3.46 5.69
N ILE A 13 1.80 -2.51 4.76
CA ILE A 13 3.02 -1.79 4.47
C ILE A 13 2.98 -0.41 5.15
N MET A 14 1.98 -0.24 5.98
CA MET A 14 1.82 1.02 6.70
C MET A 14 2.96 1.23 7.69
N GLN A 15 3.29 0.17 8.40
CA GLN A 15 4.36 0.23 9.39
C GLN A 15 5.69 0.55 8.71
N VAL A 16 5.88 -0.03 7.53
CA VAL A 16 7.10 0.19 6.77
C VAL A 16 7.14 1.64 6.29
N LEU A 17 5.96 2.16 5.99
CA LEU A 17 5.84 3.54 5.52
C LEU A 17 6.51 4.47 6.53
N GLN A 18 5.70 4.99 7.44
CA GLN A 18 6.19 5.90 8.46
C GLN A 18 6.27 5.18 9.80
N LEU A 19 5.56 4.08 9.91
CA LEU A 19 5.56 3.29 11.12
C LEU A 19 4.37 3.73 11.99
N THR A 20 3.31 4.17 11.33
CA THR A 20 2.13 4.62 12.03
C THR A 20 0.89 4.46 11.13
N ALA A 21 -0.19 4.01 11.76
CA ALA A 21 -1.43 3.81 11.03
C ALA A 21 -2.20 5.14 10.97
N ASP A 22 -1.98 5.96 11.98
CA ASP A 22 -2.64 7.25 12.06
C ASP A 22 -2.24 8.10 10.86
N GLN A 23 -0.97 7.99 10.50
CA GLN A 23 -0.45 8.73 9.36
C GLN A 23 -1.12 8.27 8.07
N ILE A 24 -1.30 6.97 7.96
CA ILE A 24 -1.93 6.39 6.79
C ILE A 24 -3.42 6.71 6.80
N ALA A 25 -3.97 6.78 8.01
CA ALA A 25 -5.38 7.08 8.17
C ALA A 25 -5.68 8.47 7.59
N MET A 26 -4.62 9.28 7.50
CA MET A 26 -4.76 10.63 6.97
C MET A 26 -4.77 10.61 5.44
N LEU A 27 -4.44 9.45 4.89
CA LEU A 27 -4.40 9.28 3.45
C LEU A 27 -5.70 8.61 2.98
N PRO A 28 -6.09 8.94 1.72
CA PRO A 28 -7.30 8.39 1.15
C PRO A 28 -7.10 6.92 0.74
N PRO A 29 -8.23 6.28 0.32
CA PRO A 29 -8.18 4.89 -0.09
C PRO A 29 -7.52 4.74 -1.47
N GLU A 30 -7.87 5.68 -2.35
CA GLU A 30 -7.32 5.66 -3.69
C GLU A 30 -5.82 5.93 -3.66
N GLN A 31 -5.33 6.29 -2.49
CA GLN A 31 -3.92 6.58 -2.31
C GLN A 31 -3.27 5.49 -1.45
N ARG A 32 -4.03 4.98 -0.50
CA ARG A 32 -3.54 3.93 0.38
C ARG A 32 -2.97 2.77 -0.44
N GLN A 33 -3.83 2.19 -1.27
CA GLN A 33 -3.43 1.08 -2.11
C GLN A 33 -2.16 1.44 -2.90
N SER A 34 -2.01 2.73 -3.16
CA SER A 34 -0.86 3.21 -3.90
C SER A 34 0.41 2.56 -3.36
N ILE A 35 0.43 2.35 -2.06
CA ILE A 35 1.57 1.74 -1.41
C ILE A 35 1.78 0.33 -1.96
N LEU A 36 0.66 -0.37 -2.15
CA LEU A 36 0.69 -1.72 -2.68
C LEU A 36 1.31 -1.71 -4.07
N ILE A 37 0.96 -0.68 -4.83
CA ILE A 37 1.47 -0.54 -6.18
C ILE A 37 2.98 -0.31 -6.14
N LEU A 38 3.38 0.61 -5.27
CA LEU A 38 4.79 0.93 -5.11
C LEU A 38 5.51 -0.27 -4.48
N LYS A 39 4.80 -0.95 -3.61
CA LYS A 39 5.36 -2.12 -2.94
C LYS A 39 5.74 -3.17 -3.98
N GLU A 40 4.81 -3.43 -4.88
CA GLU A 40 5.04 -4.41 -5.92
C GLU A 40 6.10 -3.92 -6.90
N GLN A 41 6.09 -2.61 -7.12
CA GLN A 41 7.05 -2.00 -8.03
C GLN A 41 8.47 -2.18 -7.50
N ILE A 42 8.59 -2.08 -6.18
CA ILE A 42 9.88 -2.23 -5.54
C ILE A 42 10.45 -3.61 -5.85
N GLN A 43 9.56 -4.59 -5.88
CA GLN A 43 9.95 -5.96 -6.17
C GLN A 43 10.57 -6.04 -7.56
N LYS A 44 9.95 -5.35 -8.51
CA LYS A 44 10.44 -5.34 -9.87
C LYS A 44 10.25 -6.73 -10.48
N SER A 45 8.99 -7.09 -10.68
CA SER A 45 8.66 -8.38 -11.26
C SER A 45 7.37 -8.28 -12.07
N THR A 46 7.54 -7.89 -13.33
CA THR A 46 6.39 -7.74 -14.22
C THR A 46 5.27 -6.97 -13.53
N GLY A 47 5.40 -5.65 -13.54
CA GLY A 47 4.41 -4.79 -12.92
C GLY A 47 3.22 -4.57 -13.86
N ALA A 48 2.13 -4.09 -13.27
CA ALA A 48 0.92 -3.84 -14.03
C ALA A 48 0.42 -2.42 -13.73
N PRO A 49 0.99 -1.44 -14.47
CA PRO A 49 0.61 -0.05 -14.29
C PRO A 49 -0.76 0.23 -14.90
N HIS A 1 -13.69 -4.02 -8.58
CA HIS A 1 -13.94 -3.54 -7.23
C HIS A 1 -12.99 -4.24 -6.26
N MET A 2 -11.70 -4.05 -6.49
CA MET A 2 -10.68 -4.66 -5.64
C MET A 2 -11.13 -4.66 -4.17
N THR A 3 -11.17 -5.85 -3.60
CA THR A 3 -11.57 -5.99 -2.21
C THR A 3 -10.88 -4.94 -1.34
N PRO A 4 -11.36 -4.84 -0.08
CA PRO A 4 -10.81 -3.87 0.86
C PRO A 4 -9.44 -4.34 1.37
N GLN A 5 -9.20 -5.62 1.23
CA GLN A 5 -7.94 -6.21 1.67
C GLN A 5 -6.79 -5.73 0.77
N ASP A 6 -7.09 -5.66 -0.52
CA ASP A 6 -6.10 -5.23 -1.49
C ASP A 6 -5.74 -3.76 -1.22
N HIS A 7 -6.75 -3.00 -0.82
CA HIS A 7 -6.56 -1.59 -0.53
C HIS A 7 -5.88 -1.43 0.83
N GLU A 8 -6.15 -2.39 1.71
CA GLU A 8 -5.57 -2.36 3.04
C GLU A 8 -4.16 -2.96 3.02
N LYS A 9 -3.71 -3.27 1.81
CA LYS A 9 -2.38 -3.85 1.65
C LYS A 9 -1.33 -2.84 2.09
N ALA A 10 -1.72 -1.57 2.06
CA ALA A 10 -0.83 -0.50 2.45
C ALA A 10 -0.56 -0.59 3.96
N ALA A 11 -1.57 -1.03 4.69
CA ALA A 11 -1.46 -1.17 6.12
C ALA A 11 -0.30 -2.12 6.45
N LEU A 12 -0.17 -3.14 5.64
CA LEU A 12 0.89 -4.12 5.83
C LEU A 12 2.24 -3.46 5.53
N ILE A 13 2.23 -2.53 4.59
CA ILE A 13 3.44 -1.83 4.21
C ILE A 13 3.54 -0.54 5.03
N MET A 14 2.52 -0.30 5.83
CA MET A 14 2.49 0.89 6.67
C MET A 14 3.59 0.86 7.72
N GLN A 15 3.83 -0.34 8.23
CA GLN A 15 4.86 -0.52 9.25
C GLN A 15 6.25 -0.19 8.67
N VAL A 16 6.45 -0.61 7.43
CA VAL A 16 7.71 -0.36 6.76
C VAL A 16 7.90 1.14 6.58
N LEU A 17 6.79 1.83 6.40
CA LEU A 17 6.82 3.27 6.21
C LEU A 17 7.19 3.95 7.54
N GLN A 18 6.17 4.45 8.22
CA GLN A 18 6.37 5.12 9.49
C GLN A 18 5.90 4.23 10.64
N LEU A 19 4.98 3.34 10.32
CA LEU A 19 4.43 2.43 11.31
C LEU A 19 3.61 3.22 12.33
N THR A 20 2.56 3.86 11.83
CA THR A 20 1.69 4.65 12.69
C THR A 20 0.22 4.39 12.33
N ALA A 21 -0.06 4.47 11.04
CA ALA A 21 -1.42 4.25 10.55
C ALA A 21 -2.19 5.57 10.62
N ASP A 22 -1.69 6.48 11.45
CA ASP A 22 -2.33 7.78 11.61
C ASP A 22 -2.23 8.56 10.29
N GLN A 23 -1.03 8.55 9.73
CA GLN A 23 -0.79 9.24 8.48
C GLN A 23 -1.53 8.55 7.33
N ILE A 24 -1.53 7.23 7.38
CA ILE A 24 -2.20 6.44 6.35
C ILE A 24 -3.71 6.51 6.57
N ALA A 25 -4.09 6.70 7.82
CA ALA A 25 -5.49 6.80 8.18
C ALA A 25 -6.10 8.03 7.50
N MET A 26 -5.32 9.09 7.48
CA MET A 26 -5.77 10.34 6.88
C MET A 26 -5.62 10.29 5.36
N LEU A 27 -5.05 9.20 4.88
CA LEU A 27 -4.84 9.02 3.45
C LEU A 27 -6.10 8.42 2.82
N PRO A 28 -6.34 8.80 1.54
CA PRO A 28 -7.50 8.30 0.83
C PRO A 28 -7.30 6.84 0.39
N PRO A 29 -8.39 6.26 -0.18
CA PRO A 29 -8.33 4.88 -0.64
C PRO A 29 -7.56 4.77 -1.94
N GLU A 30 -7.79 5.74 -2.81
CA GLU A 30 -7.12 5.77 -4.10
C GLU A 30 -5.62 6.00 -3.92
N GLN A 31 -5.24 6.30 -2.69
CA GLN A 31 -3.85 6.55 -2.36
C GLN A 31 -3.30 5.41 -1.50
N ARG A 32 -4.13 4.93 -0.59
CA ARG A 32 -3.75 3.85 0.30
C ARG A 32 -3.15 2.70 -0.50
N GLN A 33 -3.99 2.12 -1.36
CA GLN A 33 -3.56 1.00 -2.19
C GLN A 33 -2.34 1.40 -3.02
N SER A 34 -2.24 2.70 -3.29
CA SER A 34 -1.13 3.22 -4.07
C SER A 34 0.19 2.62 -3.57
N ILE A 35 0.25 2.44 -2.26
CA ILE A 35 1.45 1.87 -1.64
C ILE A 35 1.68 0.46 -2.18
N LEU A 36 0.58 -0.26 -2.35
CA LEU A 36 0.66 -1.62 -2.84
C LEU A 36 1.19 -1.61 -4.27
N ILE A 37 0.73 -0.63 -5.03
CA ILE A 37 1.16 -0.48 -6.41
C ILE A 37 2.66 -0.17 -6.45
N LEU A 38 3.05 0.80 -5.63
CA LEU A 38 4.45 1.20 -5.57
C LEU A 38 5.27 0.06 -4.96
N LYS A 39 4.64 -0.66 -4.05
CA LYS A 39 5.31 -1.78 -3.39
C LYS A 39 5.70 -2.83 -4.43
N GLU A 40 4.81 -2.99 -5.41
CA GLU A 40 5.05 -3.95 -6.48
C GLU A 40 6.31 -3.57 -7.27
N GLN A 41 6.50 -2.27 -7.43
CA GLN A 41 7.65 -1.77 -8.15
C GLN A 41 8.95 -2.17 -7.44
N ILE A 42 8.89 -2.09 -6.11
CA ILE A 42 10.04 -2.44 -5.30
C ILE A 42 10.42 -3.90 -5.53
N GLN A 43 9.39 -4.73 -5.63
CA GLN A 43 9.59 -6.15 -5.85
C GLN A 43 10.22 -6.39 -7.22
N LYS A 44 9.73 -5.64 -8.20
CA LYS A 44 10.24 -5.75 -9.56
C LYS A 44 11.44 -4.82 -9.73
N SER A 45 12.53 -5.18 -9.07
CA SER A 45 13.75 -4.38 -9.15
C SER A 45 14.93 -5.27 -9.51
N THR A 46 15.45 -5.05 -10.71
CA THR A 46 16.58 -5.82 -11.20
C THR A 46 17.76 -5.69 -10.23
N GLY A 47 18.16 -4.45 -10.00
CA GLY A 47 19.28 -4.18 -9.11
C GLY A 47 18.93 -4.58 -7.67
N ALA A 48 19.54 -3.87 -6.73
CA ALA A 48 19.31 -4.13 -5.32
C ALA A 48 18.45 -3.01 -4.73
N PRO A 49 17.21 -3.40 -4.31
CA PRO A 49 16.29 -2.44 -3.73
C PRO A 49 16.70 -2.08 -2.30
N HIS A 1 -16.00 -4.01 -6.86
CA HIS A 1 -15.90 -3.23 -5.64
C HIS A 1 -14.79 -3.80 -4.76
N MET A 2 -13.55 -3.56 -5.18
CA MET A 2 -12.40 -4.04 -4.45
C MET A 2 -12.64 -3.96 -2.94
N THR A 3 -12.74 -5.14 -2.32
CA THR A 3 -12.98 -5.21 -0.89
C THR A 3 -12.09 -4.20 -0.15
N PRO A 4 -12.41 -4.01 1.15
CA PRO A 4 -11.66 -3.08 1.97
C PRO A 4 -10.30 -3.66 2.36
N GLN A 5 -10.17 -4.95 2.14
CA GLN A 5 -8.94 -5.65 2.47
C GLN A 5 -7.82 -5.23 1.49
N ASP A 6 -8.20 -5.10 0.23
CA ASP A 6 -7.25 -4.71 -0.80
C ASP A 6 -6.76 -3.30 -0.52
N HIS A 7 -7.66 -2.47 -0.02
CA HIS A 7 -7.32 -1.09 0.30
C HIS A 7 -6.37 -1.06 1.50
N GLU A 8 -6.47 -2.10 2.31
CA GLU A 8 -5.62 -2.21 3.49
C GLU A 8 -4.27 -2.80 3.12
N LYS A 9 -4.06 -2.98 1.82
CA LYS A 9 -2.81 -3.53 1.32
C LYS A 9 -1.67 -2.56 1.66
N ALA A 10 -2.02 -1.30 1.83
CA ALA A 10 -1.04 -0.29 2.15
C ALA A 10 -0.54 -0.49 3.58
N ALA A 11 -1.44 -0.98 4.42
CA ALA A 11 -1.12 -1.22 5.81
C ALA A 11 0.07 -2.19 5.89
N LEU A 12 0.08 -3.13 4.94
CA LEU A 12 1.14 -4.12 4.89
C LEU A 12 2.47 -3.42 4.60
N ILE A 13 2.38 -2.35 3.84
CA ILE A 13 3.56 -1.58 3.48
C ILE A 13 3.69 -0.37 4.41
N MET A 14 2.65 -0.18 5.22
CA MET A 14 2.63 0.93 6.16
C MET A 14 3.73 0.77 7.22
N GLN A 15 3.86 -0.45 7.70
CA GLN A 15 4.87 -0.74 8.72
C GLN A 15 6.27 -0.62 8.12
N VAL A 16 6.39 -1.06 6.88
CA VAL A 16 7.67 -1.00 6.19
C VAL A 16 8.12 0.46 6.08
N LEU A 17 7.14 1.34 5.93
CA LEU A 17 7.42 2.76 5.82
C LEU A 17 7.85 3.31 7.18
N GLN A 18 6.91 3.97 7.84
CA GLN A 18 7.16 4.54 9.14
C GLN A 18 6.44 3.73 10.24
N LEU A 19 5.32 3.16 9.85
CA LEU A 19 4.53 2.36 10.77
C LEU A 19 3.77 3.29 11.71
N THR A 20 2.47 3.40 11.47
CA THR A 20 1.61 4.25 12.29
C THR A 20 0.14 3.88 12.07
N ALA A 21 -0.23 3.76 10.82
CA ALA A 21 -1.60 3.43 10.46
C ALA A 21 -2.45 4.70 10.46
N ASP A 22 -2.26 5.51 11.49
CA ASP A 22 -3.00 6.75 11.62
C ASP A 22 -2.70 7.64 10.42
N GLN A 23 -1.44 7.61 10.00
CA GLN A 23 -1.00 8.41 8.86
C GLN A 23 -1.64 7.89 7.57
N ILE A 24 -1.73 6.57 7.48
CA ILE A 24 -2.32 5.94 6.31
C ILE A 24 -3.82 6.26 6.26
N ALA A 25 -4.39 6.41 7.45
CA ALA A 25 -5.81 6.73 7.55
C ALA A 25 -6.09 8.05 6.86
N MET A 26 -5.06 8.89 6.81
CA MET A 26 -5.19 10.19 6.18
C MET A 26 -5.12 10.08 4.66
N LEU A 27 -4.78 8.89 4.20
CA LEU A 27 -4.67 8.63 2.77
C LEU A 27 -5.95 7.96 2.29
N PRO A 28 -6.32 8.27 1.02
CA PRO A 28 -7.52 7.70 0.41
C PRO A 28 -7.29 6.24 0.03
N PRO A 29 -8.39 5.59 -0.43
CA PRO A 29 -8.33 4.19 -0.83
C PRO A 29 -7.64 4.04 -2.19
N GLU A 30 -7.97 4.96 -3.08
CA GLU A 30 -7.40 4.95 -4.42
C GLU A 30 -5.89 5.21 -4.35
N GLN A 31 -5.44 5.60 -3.16
CA GLN A 31 -4.03 5.88 -2.95
C GLN A 31 -3.41 4.83 -2.04
N ARG A 32 -4.19 4.39 -1.07
CA ARG A 32 -3.73 3.39 -0.12
C ARG A 32 -3.05 2.24 -0.86
N GLN A 33 -3.82 1.59 -1.72
CA GLN A 33 -3.31 0.47 -2.49
C GLN A 33 -2.20 0.94 -3.43
N SER A 34 -2.31 2.19 -3.85
CA SER A 34 -1.33 2.77 -4.74
C SER A 34 0.08 2.57 -4.17
N ILE A 35 0.16 2.63 -2.86
CA ILE A 35 1.44 2.46 -2.18
C ILE A 35 1.98 1.05 -2.46
N LEU A 36 1.07 0.09 -2.45
CA LEU A 36 1.45 -1.30 -2.71
C LEU A 36 2.09 -1.39 -4.10
N ILE A 37 1.58 -0.56 -5.00
CA ILE A 37 2.09 -0.56 -6.36
C ILE A 37 3.47 0.10 -6.37
N LEU A 38 3.58 1.21 -5.67
CA LEU A 38 4.84 1.94 -5.60
C LEU A 38 5.86 1.10 -4.85
N LYS A 39 5.41 0.53 -3.74
CA LYS A 39 6.27 -0.31 -2.92
C LYS A 39 6.62 -1.58 -3.70
N GLU A 40 5.66 -2.06 -4.46
CA GLU A 40 5.86 -3.27 -5.26
C GLU A 40 6.99 -3.06 -6.25
N GLN A 41 7.08 -1.84 -6.77
CA GLN A 41 8.11 -1.51 -7.73
C GLN A 41 9.50 -1.64 -7.10
N ILE A 42 9.57 -1.22 -5.84
CA ILE A 42 10.82 -1.28 -5.10
C ILE A 42 11.30 -2.74 -5.03
N GLN A 43 10.36 -3.63 -4.80
CA GLN A 43 10.67 -5.04 -4.71
C GLN A 43 11.13 -5.57 -6.08
N LYS A 44 10.55 -5.01 -7.12
CA LYS A 44 10.89 -5.41 -8.47
C LYS A 44 10.77 -6.93 -8.60
N SER A 45 9.55 -7.37 -8.87
CA SER A 45 9.29 -8.79 -9.02
C SER A 45 9.98 -9.33 -10.28
N THR A 46 10.08 -10.65 -10.34
CA THR A 46 10.71 -11.30 -11.49
C THR A 46 9.92 -12.54 -11.89
N GLY A 47 9.04 -12.36 -12.86
CA GLY A 47 8.22 -13.46 -13.34
C GLY A 47 7.02 -12.94 -14.14
N ALA A 48 5.86 -13.48 -13.80
CA ALA A 48 4.63 -13.07 -14.48
C ALA A 48 3.76 -12.27 -13.51
N PRO A 49 2.86 -11.44 -14.10
CA PRO A 49 1.97 -10.62 -13.31
C PRO A 49 0.84 -11.45 -12.69
N HIS A 1 -14.06 -5.91 -8.76
CA HIS A 1 -13.77 -4.80 -7.87
C HIS A 1 -12.73 -5.24 -6.83
N MET A 2 -11.51 -4.76 -7.02
CA MET A 2 -10.43 -5.10 -6.11
C MET A 2 -10.93 -5.15 -4.66
N THR A 3 -10.93 -6.35 -4.11
CA THR A 3 -11.38 -6.55 -2.74
C THR A 3 -10.84 -5.43 -1.84
N PRO A 4 -11.45 -5.32 -0.63
CA PRO A 4 -11.05 -4.31 0.32
C PRO A 4 -9.73 -4.69 0.99
N GLN A 5 -9.39 -5.97 0.90
CA GLN A 5 -8.16 -6.48 1.49
C GLN A 5 -6.95 -5.96 0.70
N ASP A 6 -7.12 -5.93 -0.62
CA ASP A 6 -6.05 -5.47 -1.49
C ASP A 6 -5.82 -3.98 -1.26
N HIS A 7 -6.91 -3.27 -1.03
CA HIS A 7 -6.85 -1.83 -0.79
C HIS A 7 -6.31 -1.57 0.62
N GLU A 8 -6.54 -2.54 1.49
CA GLU A 8 -6.08 -2.43 2.87
C GLU A 8 -4.67 -3.02 3.01
N LYS A 9 -4.08 -3.33 1.87
CA LYS A 9 -2.74 -3.90 1.86
C LYS A 9 -1.73 -2.83 2.28
N ALA A 10 -2.14 -1.58 2.10
CA ALA A 10 -1.28 -0.47 2.45
C ALA A 10 -1.00 -0.50 3.97
N ALA A 11 -2.00 -0.96 4.70
CA ALA A 11 -1.87 -1.04 6.14
C ALA A 11 -0.68 -1.93 6.50
N LEU A 12 -0.49 -2.97 5.70
CA LEU A 12 0.62 -3.89 5.92
C LEU A 12 1.93 -3.18 5.62
N ILE A 13 1.88 -2.27 4.66
CA ILE A 13 3.06 -1.53 4.26
C ILE A 13 3.18 -0.28 5.14
N MET A 14 2.07 0.08 5.76
CA MET A 14 2.03 1.25 6.63
C MET A 14 3.05 1.10 7.77
N GLN A 15 3.20 -0.13 8.23
CA GLN A 15 4.14 -0.42 9.31
C GLN A 15 5.57 -0.11 8.87
N VAL A 16 5.92 -0.62 7.69
CA VAL A 16 7.24 -0.41 7.15
C VAL A 16 7.38 1.05 6.71
N LEU A 17 6.28 1.59 6.22
CA LEU A 17 6.28 2.97 5.75
C LEU A 17 6.81 3.88 6.87
N GLN A 18 5.90 4.31 7.73
CA GLN A 18 6.26 5.18 8.84
C GLN A 18 6.31 4.37 10.14
N LEU A 19 5.45 3.36 10.22
CA LEU A 19 5.38 2.52 11.40
C LEU A 19 4.40 3.14 12.40
N THR A 20 3.28 3.61 11.88
CA THR A 20 2.26 4.21 12.72
C THR A 20 0.87 3.93 12.13
N ALA A 21 0.74 4.18 10.84
CA ALA A 21 -0.53 3.96 10.17
C ALA A 21 -1.39 5.23 10.26
N ASP A 22 -1.23 5.92 11.38
CA ASP A 22 -1.98 7.15 11.60
C ASP A 22 -1.64 8.15 10.51
N GLN A 23 -0.37 8.18 10.13
CA GLN A 23 0.10 9.09 9.09
C GLN A 23 -0.56 8.73 7.75
N ILE A 24 -0.59 7.44 7.47
CA ILE A 24 -1.18 6.96 6.23
C ILE A 24 -2.71 7.05 6.33
N ALA A 25 -3.20 7.00 7.56
CA ALA A 25 -4.63 7.09 7.80
C ALA A 25 -5.16 8.40 7.24
N MET A 26 -4.26 9.36 7.11
CA MET A 26 -4.62 10.67 6.58
C MET A 26 -4.78 10.63 5.06
N LEU A 27 -4.33 9.52 4.48
CA LEU A 27 -4.40 9.35 3.05
C LEU A 27 -5.77 8.76 2.67
N PRO A 28 -6.18 9.03 1.41
CA PRO A 28 -7.46 8.54 0.92
C PRO A 28 -7.40 7.04 0.63
N PRO A 29 -8.59 6.47 0.29
CA PRO A 29 -8.68 5.05 -0.02
C PRO A 29 -8.10 4.75 -1.40
N GLU A 30 -8.43 5.63 -2.34
CA GLU A 30 -7.95 5.48 -3.71
C GLU A 30 -6.43 5.61 -3.76
N GLN A 31 -5.87 6.05 -2.64
CA GLN A 31 -4.43 6.23 -2.54
C GLN A 31 -3.82 5.12 -1.69
N ARG A 32 -4.56 4.70 -0.68
CA ARG A 32 -4.10 3.65 0.21
C ARG A 32 -3.46 2.53 -0.59
N GLN A 33 -4.24 1.97 -1.50
CA GLN A 33 -3.76 0.87 -2.34
C GLN A 33 -2.52 1.32 -3.12
N SER A 34 -2.46 2.61 -3.41
CA SER A 34 -1.34 3.17 -4.14
C SER A 34 -0.02 2.66 -3.54
N ILE A 35 -0.03 2.50 -2.23
CA ILE A 35 1.15 2.04 -1.53
C ILE A 35 1.50 0.62 -2.00
N LEU A 36 0.45 -0.15 -2.26
CA LEU A 36 0.63 -1.52 -2.72
C LEU A 36 1.23 -1.51 -4.13
N ILE A 37 0.76 -0.56 -4.93
CA ILE A 37 1.26 -0.43 -6.29
C ILE A 37 2.74 -0.07 -6.26
N LEU A 38 3.06 0.92 -5.44
CA LEU A 38 4.43 1.37 -5.30
C LEU A 38 5.28 0.26 -4.65
N LYS A 39 4.63 -0.47 -3.75
CA LYS A 39 5.31 -1.55 -3.06
C LYS A 39 5.75 -2.60 -4.07
N GLU A 40 4.87 -2.88 -5.01
CA GLU A 40 5.16 -3.86 -6.05
C GLU A 40 6.37 -3.42 -6.88
N GLN A 41 6.47 -2.11 -7.07
CA GLN A 41 7.57 -1.55 -7.83
C GLN A 41 8.89 -1.80 -7.12
N ILE A 42 8.85 -1.68 -5.80
CA ILE A 42 10.04 -1.88 -5.00
C ILE A 42 10.55 -3.31 -5.21
N GLN A 43 9.62 -4.24 -5.28
CA GLN A 43 9.96 -5.64 -5.49
C GLN A 43 10.70 -5.81 -6.82
N LYS A 44 10.30 -5.01 -7.78
CA LYS A 44 10.90 -5.06 -9.11
C LYS A 44 10.68 -6.46 -9.71
N SER A 45 11.07 -6.59 -10.96
CA SER A 45 10.93 -7.85 -11.67
C SER A 45 12.06 -8.80 -11.28
N THR A 46 11.80 -10.09 -11.47
CA THR A 46 12.79 -11.11 -11.16
C THR A 46 13.05 -11.14 -9.65
N GLY A 47 12.27 -11.97 -8.97
CA GLY A 47 12.40 -12.11 -7.53
C GLY A 47 11.08 -12.55 -6.90
N ALA A 48 10.18 -11.59 -6.77
CA ALA A 48 8.87 -11.86 -6.18
C ALA A 48 8.04 -12.69 -7.16
N PRO A 49 8.00 -12.21 -8.43
CA PRO A 49 7.24 -12.91 -9.47
C PRO A 49 7.98 -14.16 -9.93
N HIS A 1 -14.29 -4.19 -8.17
CA HIS A 1 -13.77 -3.22 -7.22
C HIS A 1 -12.77 -3.92 -6.30
N MET A 2 -11.50 -3.57 -6.48
CA MET A 2 -10.44 -4.15 -5.67
C MET A 2 -10.89 -4.32 -4.22
N THR A 3 -10.84 -5.56 -3.75
CA THR A 3 -11.23 -5.86 -2.39
C THR A 3 -10.66 -4.83 -1.42
N PRO A 4 -11.14 -4.89 -0.16
CA PRO A 4 -10.68 -3.98 0.87
C PRO A 4 -9.29 -4.36 1.36
N GLN A 5 -8.92 -5.60 1.09
CA GLN A 5 -7.62 -6.10 1.49
C GLN A 5 -6.51 -5.44 0.67
N ASP A 6 -6.80 -5.28 -0.61
CA ASP A 6 -5.84 -4.67 -1.52
C ASP A 6 -5.66 -3.19 -1.14
N HIS A 7 -6.77 -2.58 -0.74
CA HIS A 7 -6.74 -1.18 -0.35
C HIS A 7 -6.09 -1.04 1.03
N GLU A 8 -6.42 -1.99 1.90
CA GLU A 8 -5.88 -1.98 3.25
C GLU A 8 -4.49 -2.63 3.26
N LYS A 9 -4.01 -2.94 2.08
CA LYS A 9 -2.70 -3.56 1.94
C LYS A 9 -1.62 -2.57 2.40
N ALA A 10 -1.98 -1.29 2.36
CA ALA A 10 -1.06 -0.24 2.77
C ALA A 10 -0.73 -0.41 4.25
N ALA A 11 -1.72 -0.89 4.99
CA ALA A 11 -1.55 -1.11 6.42
C ALA A 11 -0.36 -2.03 6.66
N LEU A 12 -0.24 -3.02 5.78
CA LEU A 12 0.86 -3.98 5.89
C LEU A 12 2.17 -3.28 5.58
N ILE A 13 2.09 -2.31 4.67
CA ILE A 13 3.27 -1.55 4.27
C ILE A 13 3.35 -0.26 5.08
N MET A 14 2.48 -0.18 6.09
CA MET A 14 2.44 0.99 6.95
C MET A 14 3.73 1.11 7.77
N GLN A 15 4.13 -0.01 8.33
CA GLN A 15 5.35 -0.04 9.14
C GLN A 15 6.58 0.11 8.25
N VAL A 16 6.52 -0.53 7.09
CA VAL A 16 7.62 -0.48 6.14
C VAL A 16 7.82 0.97 5.69
N LEU A 17 6.72 1.69 5.61
CA LEU A 17 6.76 3.09 5.19
C LEU A 17 7.35 3.94 6.31
N GLN A 18 6.45 4.61 7.02
CA GLN A 18 6.86 5.47 8.12
C GLN A 18 6.49 4.83 9.46
N LEU A 19 5.50 3.96 9.40
CA LEU A 19 5.04 3.27 10.60
C LEU A 19 4.27 4.25 11.47
N THR A 20 2.95 4.27 11.28
CA THR A 20 2.09 5.16 12.04
C THR A 20 0.66 4.62 12.06
N ALA A 21 0.19 4.26 10.88
CA ALA A 21 -1.16 3.73 10.75
C ALA A 21 -2.15 4.90 10.65
N ASP A 22 -1.96 5.87 11.53
CA ASP A 22 -2.82 7.05 11.54
C ASP A 22 -2.76 7.75 10.18
N GLN A 23 -1.56 7.77 9.62
CA GLN A 23 -1.35 8.40 8.33
C GLN A 23 -2.03 7.58 7.23
N ILE A 24 -1.93 6.27 7.36
CA ILE A 24 -2.54 5.37 6.39
C ILE A 24 -4.04 5.35 6.58
N ALA A 25 -4.46 5.61 7.82
CA ALA A 25 -5.87 5.62 8.14
C ALA A 25 -6.51 6.91 7.59
N MET A 26 -5.75 8.00 7.72
CA MET A 26 -6.23 9.29 7.24
C MET A 26 -5.91 9.48 5.76
N LEU A 27 -5.18 8.51 5.22
CA LEU A 27 -4.80 8.56 3.82
C LEU A 27 -6.03 8.26 2.95
N PRO A 28 -6.00 8.81 1.71
CA PRO A 28 -7.09 8.60 0.77
C PRO A 28 -7.06 7.18 0.20
N PRO A 29 -8.14 6.86 -0.58
CA PRO A 29 -8.25 5.55 -1.20
C PRO A 29 -7.30 5.42 -2.39
N GLU A 30 -7.09 6.54 -3.06
CA GLU A 30 -6.21 6.56 -4.22
C GLU A 30 -4.75 6.47 -3.77
N GLN A 31 -4.56 6.39 -2.46
CA GLN A 31 -3.23 6.30 -1.89
C GLN A 31 -3.08 5.00 -1.10
N ARG A 32 -4.13 4.66 -0.38
CA ARG A 32 -4.12 3.44 0.42
C ARG A 32 -3.54 2.28 -0.38
N GLN A 33 -4.16 2.03 -1.52
CA GLN A 33 -3.72 0.95 -2.39
C GLN A 33 -2.46 1.36 -3.15
N SER A 34 -2.37 2.65 -3.44
CA SER A 34 -1.22 3.18 -4.16
C SER A 34 0.07 2.61 -3.57
N ILE A 35 0.08 2.47 -2.25
CA ILE A 35 1.24 1.93 -1.56
C ILE A 35 1.53 0.53 -2.06
N LEU A 36 0.45 -0.22 -2.26
CA LEU A 36 0.58 -1.59 -2.75
C LEU A 36 1.18 -1.58 -4.16
N ILE A 37 0.73 -0.61 -4.95
CA ILE A 37 1.21 -0.47 -6.31
C ILE A 37 2.71 -0.18 -6.29
N LEU A 38 3.08 0.78 -5.45
CA LEU A 38 4.47 1.18 -5.33
C LEU A 38 5.27 0.03 -4.70
N LYS A 39 4.61 -0.67 -3.79
CA LYS A 39 5.24 -1.80 -3.12
C LYS A 39 5.53 -2.90 -4.13
N GLU A 40 4.60 -3.06 -5.07
CA GLU A 40 4.74 -4.07 -6.11
C GLU A 40 5.97 -3.79 -6.96
N GLN A 41 6.16 -2.51 -7.28
CA GLN A 41 7.28 -2.11 -8.10
C GLN A 41 8.60 -2.31 -7.34
N ILE A 42 8.55 -1.99 -6.05
CA ILE A 42 9.73 -2.14 -5.20
C ILE A 42 10.14 -3.61 -5.17
N GLN A 43 9.13 -4.48 -5.17
CA GLN A 43 9.38 -5.91 -5.14
C GLN A 43 10.13 -6.35 -6.39
N LYS A 44 9.84 -5.64 -7.49
CA LYS A 44 10.48 -5.95 -8.76
C LYS A 44 11.87 -5.30 -8.79
N SER A 45 12.68 -5.67 -7.81
CA SER A 45 14.03 -5.15 -7.72
C SER A 45 13.99 -3.64 -7.49
N THR A 46 13.73 -2.91 -8.56
CA THR A 46 13.66 -1.46 -8.49
C THR A 46 15.01 -0.87 -8.09
N GLY A 47 15.30 -0.97 -6.80
CA GLY A 47 16.55 -0.46 -6.28
C GLY A 47 16.56 -0.47 -4.75
N ALA A 48 16.68 0.72 -4.18
CA ALA A 48 16.69 0.87 -2.73
C ALA A 48 16.08 2.21 -2.35
N PRO A 49 14.75 2.18 -2.07
CA PRO A 49 14.03 3.38 -1.69
C PRO A 49 14.36 3.79 -0.26
N HIS A 1 -9.72 -2.66 -7.54
CA HIS A 1 -10.73 -2.43 -6.52
C HIS A 1 -11.24 -3.77 -5.99
N MET A 2 -10.32 -4.55 -5.45
CA MET A 2 -10.66 -5.86 -4.91
C MET A 2 -11.13 -5.74 -3.46
N THR A 3 -12.33 -5.21 -3.29
CA THR A 3 -12.90 -5.04 -1.97
C THR A 3 -12.05 -4.08 -1.14
N PRO A 4 -12.42 -3.96 0.16
CA PRO A 4 -11.71 -3.08 1.07
C PRO A 4 -10.36 -3.68 1.48
N GLN A 5 -10.24 -4.98 1.24
CA GLN A 5 -9.02 -5.70 1.58
C GLN A 5 -7.88 -5.27 0.65
N ASP A 6 -8.24 -5.11 -0.62
CA ASP A 6 -7.27 -4.71 -1.63
C ASP A 6 -6.67 -3.35 -1.24
N HIS A 7 -7.54 -2.50 -0.71
CA HIS A 7 -7.12 -1.17 -0.30
C HIS A 7 -6.43 -1.24 1.06
N GLU A 8 -6.79 -2.28 1.81
CA GLU A 8 -6.21 -2.48 3.13
C GLU A 8 -4.82 -3.08 3.01
N LYS A 9 -4.44 -3.40 1.78
CA LYS A 9 -3.13 -3.98 1.53
C LYS A 9 -2.04 -2.97 1.90
N ALA A 10 -2.43 -1.71 1.92
CA ALA A 10 -1.50 -0.64 2.26
C ALA A 10 -1.18 -0.72 3.76
N ALA A 11 -2.17 -1.14 4.52
CA ALA A 11 -2.01 -1.26 5.96
C ALA A 11 -0.78 -2.12 6.25
N LEU A 12 -0.58 -3.12 5.42
CA LEU A 12 0.56 -4.02 5.58
C LEU A 12 1.85 -3.26 5.30
N ILE A 13 1.75 -2.29 4.40
CA ILE A 13 2.90 -1.49 4.04
C ILE A 13 2.99 -0.28 4.98
N MET A 14 1.87 0.03 5.62
CA MET A 14 1.81 1.14 6.54
C MET A 14 2.86 0.99 7.64
N GLN A 15 3.01 -0.24 8.10
CA GLN A 15 3.98 -0.54 9.16
C GLN A 15 5.40 -0.37 8.63
N VAL A 16 5.61 -0.86 7.42
CA VAL A 16 6.91 -0.78 6.79
C VAL A 16 7.28 0.68 6.56
N LEU A 17 6.26 1.48 6.26
CA LEU A 17 6.46 2.90 6.03
C LEU A 17 7.22 3.50 7.21
N GLN A 18 6.46 4.08 8.13
CA GLN A 18 7.04 4.70 9.30
C GLN A 18 6.84 3.81 10.53
N LEU A 19 5.85 2.93 10.43
CA LEU A 19 5.54 2.03 11.51
C LEU A 19 4.50 2.67 12.44
N THR A 20 3.61 3.44 11.82
CA THR A 20 2.57 4.12 12.57
C THR A 20 1.20 3.88 11.91
N ALA A 21 1.16 4.09 10.61
CA ALA A 21 -0.06 3.91 9.86
C ALA A 21 -0.90 5.19 9.93
N ASP A 22 -0.50 6.06 10.84
CA ASP A 22 -1.20 7.32 11.01
C ASP A 22 -1.04 8.18 9.76
N GLN A 23 0.19 8.19 9.24
CA GLN A 23 0.49 8.96 8.05
C GLN A 23 -0.35 8.45 6.86
N ILE A 24 -0.40 7.14 6.74
CA ILE A 24 -1.16 6.52 5.66
C ILE A 24 -2.66 6.63 5.98
N ALA A 25 -2.97 6.70 7.26
CA ALA A 25 -4.35 6.81 7.69
C ALA A 25 -4.95 8.10 7.12
N MET A 26 -4.08 9.05 6.85
CA MET A 26 -4.52 10.32 6.29
C MET A 26 -4.76 10.22 4.79
N LEU A 27 -4.41 9.06 4.24
CA LEU A 27 -4.57 8.82 2.82
C LEU A 27 -5.90 8.11 2.57
N PRO A 28 -6.47 8.36 1.37
CA PRO A 28 -7.74 7.74 1.00
C PRO A 28 -7.54 6.26 0.65
N PRO A 29 -8.70 5.58 0.40
CA PRO A 29 -8.67 4.17 0.04
C PRO A 29 -8.20 3.97 -1.39
N GLU A 30 -8.71 4.80 -2.28
CA GLU A 30 -8.34 4.72 -3.68
C GLU A 30 -6.85 4.98 -3.85
N GLN A 31 -6.25 5.50 -2.79
CA GLN A 31 -4.83 5.79 -2.81
C GLN A 31 -4.05 4.76 -1.99
N ARG A 32 -4.70 4.29 -0.93
CA ARG A 32 -4.09 3.32 -0.05
C ARG A 32 -3.46 2.19 -0.88
N GLN A 33 -4.29 1.54 -1.67
CA GLN A 33 -3.82 0.44 -2.51
C GLN A 33 -2.65 0.91 -3.37
N SER A 34 -2.66 2.20 -3.69
CA SER A 34 -1.61 2.77 -4.51
C SER A 34 -0.23 2.41 -3.93
N ILE A 35 -0.19 2.35 -2.61
CA ILE A 35 1.05 2.02 -1.92
C ILE A 35 1.49 0.61 -2.32
N LEU A 36 0.50 -0.28 -2.43
CA LEU A 36 0.77 -1.66 -2.81
C LEU A 36 1.43 -1.69 -4.19
N ILE A 37 0.94 -0.82 -5.06
CA ILE A 37 1.47 -0.73 -6.41
C ILE A 37 2.91 -0.23 -6.36
N LEU A 38 3.10 0.84 -5.58
CA LEU A 38 4.42 1.42 -5.44
C LEU A 38 5.35 0.44 -4.72
N LYS A 39 4.75 -0.31 -3.80
CA LYS A 39 5.50 -1.29 -3.04
C LYS A 39 6.10 -2.33 -3.99
N GLU A 40 5.33 -2.65 -5.02
CA GLU A 40 5.77 -3.62 -6.00
C GLU A 40 7.01 -3.11 -6.73
N GLN A 41 7.00 -1.83 -7.05
CA GLN A 41 8.11 -1.21 -7.74
C GLN A 41 9.35 -1.17 -6.84
N ILE A 42 9.09 -0.90 -5.56
CA ILE A 42 10.17 -0.83 -4.59
C ILE A 42 10.90 -2.17 -4.56
N GLN A 43 10.14 -3.24 -4.74
CA GLN A 43 10.70 -4.58 -4.73
C GLN A 43 11.74 -4.72 -5.84
N LYS A 44 11.51 -4.01 -6.93
CA LYS A 44 12.41 -4.04 -8.06
C LYS A 44 12.47 -5.48 -8.61
N SER A 45 13.21 -5.62 -9.70
CA SER A 45 13.35 -6.92 -10.33
C SER A 45 13.56 -8.00 -9.26
N THR A 46 12.90 -9.13 -9.47
CA THR A 46 13.00 -10.24 -8.54
C THR A 46 12.94 -11.57 -9.28
N GLY A 47 13.85 -12.47 -8.92
CA GLY A 47 13.90 -13.78 -9.54
C GLY A 47 12.83 -14.70 -8.97
N ALA A 48 11.71 -14.76 -9.67
CA ALA A 48 10.60 -15.60 -9.25
C ALA A 48 10.05 -16.36 -10.45
N PRO A 49 9.39 -17.51 -10.16
CA PRO A 49 8.81 -18.33 -11.20
C PRO A 49 7.53 -17.70 -11.76
N HIS A 1 -14.04 -5.25 -8.44
CA HIS A 1 -13.67 -4.14 -7.57
C HIS A 1 -12.67 -4.62 -6.52
N MET A 2 -11.42 -4.23 -6.73
CA MET A 2 -10.35 -4.62 -5.83
C MET A 2 -10.84 -4.60 -4.38
N THR A 3 -10.91 -5.79 -3.80
CA THR A 3 -11.36 -5.93 -2.42
C THR A 3 -10.74 -4.83 -1.55
N PRO A 4 -11.33 -4.66 -0.34
CA PRO A 4 -10.85 -3.66 0.59
C PRO A 4 -9.54 -4.11 1.25
N GLN A 5 -9.29 -5.41 1.17
CA GLN A 5 -8.09 -5.97 1.75
C GLN A 5 -6.85 -5.53 0.96
N ASP A 6 -7.03 -5.49 -0.35
CA ASP A 6 -5.94 -5.11 -1.24
C ASP A 6 -5.53 -3.66 -0.93
N HIS A 7 -6.55 -2.82 -0.76
CA HIS A 7 -6.31 -1.41 -0.46
C HIS A 7 -5.69 -1.29 0.93
N GLU A 8 -5.99 -2.27 1.77
CA GLU A 8 -5.48 -2.29 3.13
C GLU A 8 -4.05 -2.85 3.15
N LYS A 9 -3.55 -3.13 1.96
CA LYS A 9 -2.20 -3.67 1.83
C LYS A 9 -1.19 -2.63 2.32
N ALA A 10 -1.61 -1.38 2.30
CA ALA A 10 -0.75 -0.29 2.75
C ALA A 10 -0.55 -0.38 4.25
N ALA A 11 -1.58 -0.90 4.93
CA ALA A 11 -1.51 -1.05 6.37
C ALA A 11 -0.30 -1.89 6.74
N LEU A 12 -0.10 -2.97 5.99
CA LEU A 12 1.02 -3.85 6.24
C LEU A 12 2.33 -3.14 5.88
N ILE A 13 2.27 -2.42 4.77
CA ILE A 13 3.44 -1.67 4.30
C ILE A 13 3.53 -0.36 5.06
N MET A 14 2.54 -0.12 5.90
CA MET A 14 2.49 1.11 6.69
C MET A 14 3.63 1.12 7.71
N GLN A 15 3.94 -0.06 8.21
CA GLN A 15 4.99 -0.20 9.21
C GLN A 15 6.34 0.23 8.62
N VAL A 16 6.61 -0.26 7.42
CA VAL A 16 7.85 0.06 6.74
C VAL A 16 7.89 1.56 6.44
N LEU A 17 6.71 2.12 6.20
CA LEU A 17 6.60 3.54 5.91
C LEU A 17 6.98 4.34 7.16
N GLN A 18 5.95 4.79 7.87
CA GLN A 18 6.16 5.57 9.07
C GLN A 18 5.83 4.73 10.31
N LEU A 19 4.99 3.73 10.10
CA LEU A 19 4.59 2.85 11.19
C LEU A 19 3.75 3.64 12.19
N THR A 20 2.46 3.74 11.89
CA THR A 20 1.55 4.46 12.76
C THR A 20 0.10 4.05 12.47
N ALA A 21 -0.22 3.98 11.19
CA ALA A 21 -1.55 3.60 10.76
C ALA A 21 -2.45 4.84 10.76
N ASP A 22 -2.33 5.62 11.83
CA ASP A 22 -3.11 6.84 11.96
C ASP A 22 -2.82 7.77 10.79
N GLN A 23 -1.54 7.80 10.41
CA GLN A 23 -1.12 8.65 9.31
C GLN A 23 -1.73 8.16 8.01
N ILE A 24 -1.81 6.85 7.86
CA ILE A 24 -2.37 6.25 6.67
C ILE A 24 -3.89 6.45 6.66
N ALA A 25 -4.44 6.54 7.87
CA ALA A 25 -5.87 6.74 8.01
C ALA A 25 -6.27 8.06 7.36
N MET A 26 -5.33 9.00 7.38
CA MET A 26 -5.57 10.31 6.79
C MET A 26 -5.37 10.28 5.27
N LEU A 27 -4.95 9.12 4.79
CA LEU A 27 -4.72 8.94 3.36
C LEU A 27 -5.97 8.35 2.71
N PRO A 28 -6.21 8.77 1.44
CA PRO A 28 -7.37 8.30 0.70
C PRO A 28 -7.16 6.86 0.22
N PRO A 29 -8.24 6.29 -0.36
CA PRO A 29 -8.19 4.92 -0.86
C PRO A 29 -7.40 4.85 -2.17
N GLU A 30 -7.60 5.87 -3.00
CA GLU A 30 -6.92 5.93 -4.29
C GLU A 30 -5.42 6.17 -4.07
N GLN A 31 -5.06 6.39 -2.82
CA GLN A 31 -3.67 6.62 -2.48
C GLN A 31 -3.14 5.49 -1.60
N ARG A 32 -4.00 5.03 -0.70
CA ARG A 32 -3.64 3.96 0.20
C ARG A 32 -3.05 2.78 -0.58
N GLN A 33 -3.90 2.21 -1.43
CA GLN A 33 -3.47 1.07 -2.25
C GLN A 33 -2.24 1.44 -3.08
N SER A 34 -2.10 2.73 -3.33
CA SER A 34 -0.99 3.23 -4.11
C SER A 34 0.32 2.60 -3.60
N ILE A 35 0.39 2.44 -2.29
CA ILE A 35 1.57 1.86 -1.67
C ILE A 35 1.75 0.43 -2.18
N LEU A 36 0.64 -0.28 -2.27
CA LEU A 36 0.67 -1.65 -2.75
C LEU A 36 1.23 -1.69 -4.17
N ILE A 37 0.94 -0.65 -4.93
CA ILE A 37 1.41 -0.55 -6.29
C ILE A 37 2.93 -0.33 -6.29
N LEU A 38 3.35 0.60 -5.44
CA LEU A 38 4.77 0.91 -5.34
C LEU A 38 5.50 -0.27 -4.71
N LYS A 39 4.81 -0.95 -3.81
CA LYS A 39 5.38 -2.11 -3.14
C LYS A 39 5.74 -3.17 -4.17
N GLU A 40 4.78 -3.44 -5.05
CA GLU A 40 4.99 -4.44 -6.08
C GLU A 40 6.03 -3.95 -7.09
N GLN A 41 6.02 -2.65 -7.32
CA GLN A 41 6.97 -2.05 -8.25
C GLN A 41 8.40 -2.23 -7.73
N ILE A 42 8.54 -2.11 -6.43
CA ILE A 42 9.85 -2.25 -5.80
C ILE A 42 10.41 -3.65 -6.13
N GLN A 43 9.53 -4.63 -6.08
CA GLN A 43 9.92 -6.00 -6.36
C GLN A 43 10.39 -6.13 -7.81
N LYS A 44 9.64 -5.50 -8.70
CA LYS A 44 9.96 -5.54 -10.11
C LYS A 44 9.67 -6.94 -10.66
N SER A 45 8.39 -7.25 -10.74
CA SER A 45 7.97 -8.55 -11.24
C SER A 45 7.41 -8.41 -12.66
N THR A 46 7.48 -9.50 -13.40
CA THR A 46 6.99 -9.52 -14.77
C THR A 46 5.54 -9.04 -14.82
N GLY A 47 4.80 -9.38 -13.78
CA GLY A 47 3.41 -9.00 -13.69
C GLY A 47 2.55 -10.15 -13.16
N ALA A 48 1.29 -10.14 -13.57
CA ALA A 48 0.36 -11.18 -13.14
C ALA A 48 0.18 -11.10 -11.62
N PRO A 49 -0.49 -9.99 -11.18
CA PRO A 49 -0.73 -9.79 -9.76
C PRO A 49 -1.85 -10.71 -9.26
N HIS A 1 -7.10 -8.43 -6.41
CA HIS A 1 -6.92 -7.00 -6.22
C HIS A 1 -8.27 -6.32 -6.15
N MET A 2 -8.88 -6.39 -4.98
CA MET A 2 -10.18 -5.78 -4.76
C MET A 2 -10.55 -5.80 -3.27
N THR A 3 -11.79 -5.40 -3.01
CA THR A 3 -12.29 -5.35 -1.64
C THR A 3 -11.50 -4.33 -0.82
N PRO A 4 -11.78 -4.33 0.51
CA PRO A 4 -11.11 -3.40 1.41
C PRO A 4 -9.67 -3.83 1.68
N GLN A 5 -9.39 -5.09 1.36
CA GLN A 5 -8.07 -5.62 1.55
C GLN A 5 -7.08 -5.00 0.57
N ASP A 6 -7.55 -4.82 -0.65
CA ASP A 6 -6.73 -4.22 -1.70
C ASP A 6 -6.45 -2.77 -1.35
N HIS A 7 -7.47 -2.09 -0.85
CA HIS A 7 -7.34 -0.69 -0.48
C HIS A 7 -6.63 -0.59 0.87
N GLU A 8 -6.75 -1.65 1.66
CA GLU A 8 -6.12 -1.69 2.97
C GLU A 8 -4.81 -2.47 2.90
N LYS A 9 -4.43 -2.83 1.68
CA LYS A 9 -3.20 -3.58 1.47
C LYS A 9 -2.00 -2.69 1.76
N ALA A 10 -2.24 -1.39 1.69
CA ALA A 10 -1.19 -0.42 1.94
C ALA A 10 -0.75 -0.52 3.41
N ALA A 11 -1.72 -0.83 4.25
CA ALA A 11 -1.45 -0.96 5.67
C ALA A 11 -0.36 -2.01 5.89
N LEU A 12 -0.41 -3.05 5.07
CA LEU A 12 0.56 -4.13 5.15
C LEU A 12 1.97 -3.55 4.94
N ILE A 13 2.04 -2.52 4.11
CA ILE A 13 3.31 -1.88 3.83
C ILE A 13 3.45 -0.62 4.70
N MET A 14 2.33 -0.22 5.28
CA MET A 14 2.32 0.95 6.14
C MET A 14 3.29 0.79 7.30
N GLN A 15 3.41 -0.45 7.77
CA GLN A 15 4.30 -0.74 8.88
C GLN A 15 5.74 -0.43 8.50
N VAL A 16 6.11 -0.84 7.29
CA VAL A 16 7.46 -0.60 6.80
C VAL A 16 7.63 0.88 6.50
N LEU A 17 6.54 1.49 6.05
CA LEU A 17 6.57 2.91 5.72
C LEU A 17 7.04 3.71 6.92
N GLN A 18 6.08 4.10 7.76
CA GLN A 18 6.39 4.86 8.94
C GLN A 18 6.22 4.00 10.20
N LEU A 19 5.22 3.12 10.13
CA LEU A 19 4.94 2.23 11.25
C LEU A 19 3.76 2.80 12.05
N THR A 20 2.85 3.45 11.34
CA THR A 20 1.69 4.04 11.98
C THR A 20 0.59 4.29 10.95
N ALA A 21 -0.49 3.52 11.07
CA ALA A 21 -1.61 3.67 10.15
C ALA A 21 -2.23 5.05 10.32
N ASP A 22 -1.83 5.72 11.39
CA ASP A 22 -2.34 7.05 11.67
C ASP A 22 -1.94 8.00 10.53
N GLN A 23 -0.68 7.90 10.14
CA GLN A 23 -0.17 8.73 9.06
C GLN A 23 -0.79 8.33 7.73
N ILE A 24 -0.95 7.02 7.56
CA ILE A 24 -1.53 6.50 6.34
C ILE A 24 -3.03 6.77 6.34
N ALA A 25 -3.58 6.90 7.54
CA ALA A 25 -5.00 7.15 7.70
C ALA A 25 -5.36 8.46 6.97
N MET A 26 -4.35 9.29 6.78
CA MET A 26 -4.54 10.57 6.12
C MET A 26 -4.83 10.37 4.63
N LEU A 27 -4.43 9.20 4.13
CA LEU A 27 -4.65 8.88 2.73
C LEU A 27 -5.89 8.00 2.60
N PRO A 28 -6.61 8.19 1.46
CA PRO A 28 -7.82 7.43 1.20
C PRO A 28 -7.49 6.00 0.79
N PRO A 29 -8.56 5.18 0.65
CA PRO A 29 -8.40 3.79 0.26
C PRO A 29 -8.07 3.67 -1.23
N GLU A 30 -8.74 4.50 -2.01
CA GLU A 30 -8.53 4.50 -3.45
C GLU A 30 -7.13 4.98 -3.78
N GLN A 31 -6.44 5.47 -2.76
CA GLN A 31 -5.09 5.96 -2.93
C GLN A 31 -4.10 5.09 -2.15
N ARG A 32 -4.54 4.70 -0.95
CA ARG A 32 -3.71 3.86 -0.09
C ARG A 32 -3.00 2.79 -0.92
N GLN A 33 -3.79 2.00 -1.62
CA GLN A 33 -3.26 0.94 -2.45
C GLN A 33 -2.02 1.43 -3.20
N SER A 34 -2.05 2.70 -3.56
CA SER A 34 -0.94 3.31 -4.28
C SER A 34 0.38 2.86 -3.67
N ILE A 35 0.40 2.79 -2.36
CA ILE A 35 1.60 2.37 -1.64
C ILE A 35 1.99 0.96 -2.08
N LEU A 36 0.97 0.11 -2.17
CA LEU A 36 1.18 -1.27 -2.58
C LEU A 36 1.83 -1.29 -3.97
N ILE A 37 1.42 -0.34 -4.80
CA ILE A 37 1.94 -0.24 -6.14
C ILE A 37 3.39 0.26 -6.09
N LEU A 38 3.59 1.28 -5.27
CA LEU A 38 4.92 1.86 -5.12
C LEU A 38 5.85 0.83 -4.48
N LYS A 39 5.34 0.18 -3.44
CA LYS A 39 6.11 -0.82 -2.74
C LYS A 39 6.31 -2.05 -3.64
N GLU A 40 5.28 -2.34 -4.43
CA GLU A 40 5.32 -3.46 -5.34
C GLU A 40 6.46 -3.28 -6.36
N GLN A 41 6.64 -2.03 -6.75
CA GLN A 41 7.68 -1.71 -7.72
C GLN A 41 9.07 -2.05 -7.15
N ILE A 42 9.22 -1.80 -5.86
CA ILE A 42 10.48 -2.09 -5.18
C ILE A 42 10.80 -3.57 -5.32
N GLN A 43 9.76 -4.39 -5.15
CA GLN A 43 9.93 -5.83 -5.26
C GLN A 43 10.29 -6.22 -6.68
N LYS A 44 9.65 -5.56 -7.63
CA LYS A 44 9.91 -5.83 -9.04
C LYS A 44 11.33 -5.38 -9.39
N SER A 45 11.94 -6.13 -10.29
CA SER A 45 13.30 -5.83 -10.73
C SER A 45 13.29 -4.64 -11.69
N THR A 46 13.22 -3.45 -11.12
CA THR A 46 13.20 -2.23 -11.91
C THR A 46 14.60 -1.92 -12.44
N GLY A 47 14.64 -1.47 -13.69
CA GLY A 47 15.90 -1.13 -14.32
C GLY A 47 16.76 -0.25 -13.40
N ALA A 48 16.20 0.89 -13.04
CA ALA A 48 16.90 1.82 -12.17
C ALA A 48 16.15 1.93 -10.84
N PRO A 49 16.55 1.06 -9.88
CA PRO A 49 15.92 1.06 -8.57
C PRO A 49 16.40 2.25 -7.73
N HIS A 1 -11.89 -2.74 -10.23
CA HIS A 1 -12.26 -2.95 -8.84
C HIS A 1 -11.24 -3.88 -8.17
N MET A 2 -11.17 -3.76 -6.85
CA MET A 2 -10.25 -4.57 -6.09
C MET A 2 -10.78 -4.83 -4.68
N THR A 3 -10.64 -6.08 -4.24
CA THR A 3 -11.11 -6.47 -2.92
C THR A 3 -10.73 -5.40 -1.88
N PRO A 4 -11.30 -5.57 -0.66
CA PRO A 4 -11.04 -4.64 0.42
C PRO A 4 -9.65 -4.87 1.01
N GLN A 5 -9.14 -6.08 0.80
CA GLN A 5 -7.82 -6.43 1.30
C GLN A 5 -6.74 -5.73 0.49
N ASP A 6 -6.97 -5.63 -0.80
CA ASP A 6 -6.02 -4.97 -1.69
C ASP A 6 -5.87 -3.51 -1.28
N HIS A 7 -6.99 -2.93 -0.87
CA HIS A 7 -7.00 -1.54 -0.45
C HIS A 7 -6.37 -1.42 0.94
N GLU A 8 -6.60 -2.45 1.74
CA GLU A 8 -6.06 -2.47 3.09
C GLU A 8 -4.67 -3.11 3.10
N LYS A 9 -4.13 -3.29 1.91
CA LYS A 9 -2.81 -3.88 1.76
C LYS A 9 -1.75 -2.89 2.25
N ALA A 10 -2.13 -1.62 2.25
CA ALA A 10 -1.23 -0.57 2.68
C ALA A 10 -0.88 -0.78 4.16
N ALA A 11 -1.85 -1.33 4.88
CA ALA A 11 -1.66 -1.59 6.30
C ALA A 11 -0.43 -2.48 6.50
N LEU A 12 -0.27 -3.43 5.58
CA LEU A 12 0.86 -4.33 5.63
C LEU A 12 2.15 -3.57 5.34
N ILE A 13 2.01 -2.54 4.51
CA ILE A 13 3.16 -1.73 4.14
C ILE A 13 3.20 -0.48 5.03
N MET A 14 2.31 -0.46 6.01
CA MET A 14 2.23 0.66 6.94
C MET A 14 3.50 0.76 7.78
N GLN A 15 3.94 -0.38 8.28
CA GLN A 15 5.14 -0.43 9.10
C GLN A 15 6.37 -0.05 8.26
N VAL A 16 6.37 -0.52 7.02
CA VAL A 16 7.48 -0.23 6.12
C VAL A 16 7.52 1.27 5.83
N LEU A 17 6.33 1.86 5.81
CA LEU A 17 6.22 3.29 5.53
C LEU A 17 6.80 4.07 6.71
N GLN A 18 5.92 4.54 7.58
CA GLN A 18 6.32 5.29 8.74
C GLN A 18 6.20 4.45 10.01
N LEU A 19 5.18 3.60 10.01
CA LEU A 19 4.94 2.72 11.15
C LEU A 19 4.13 3.48 12.21
N THR A 20 2.85 3.65 11.91
CA THR A 20 1.96 4.35 12.82
C THR A 20 0.51 4.16 12.41
N ALA A 21 0.28 4.24 11.10
CA ALA A 21 -1.05 4.09 10.56
C ALA A 21 -1.76 5.43 10.56
N ASP A 22 -1.41 6.25 11.54
CA ASP A 22 -2.01 7.57 11.67
C ASP A 22 -1.71 8.39 10.41
N GLN A 23 -0.49 8.22 9.91
CA GLN A 23 -0.07 8.93 8.71
C GLN A 23 -0.82 8.41 7.48
N ILE A 24 -1.00 7.09 7.46
CA ILE A 24 -1.70 6.45 6.37
C ILE A 24 -3.20 6.73 6.49
N ALA A 25 -3.64 6.92 7.72
CA ALA A 25 -5.04 7.20 7.99
C ALA A 25 -5.45 8.48 7.27
N MET A 26 -4.48 9.38 7.13
CA MET A 26 -4.72 10.65 6.46
C MET A 26 -4.77 10.47 4.94
N LEU A 27 -4.46 9.25 4.51
CA LEU A 27 -4.46 8.94 3.09
C LEU A 27 -5.81 8.33 2.70
N PRO A 28 -6.27 8.67 1.48
CA PRO A 28 -7.53 8.16 0.98
C PRO A 28 -7.40 6.69 0.56
N PRO A 29 -8.57 6.10 0.21
CA PRO A 29 -8.61 4.70 -0.21
C PRO A 29 -8.06 4.55 -1.63
N GLU A 30 -8.38 5.53 -2.46
CA GLU A 30 -7.93 5.52 -3.84
C GLU A 30 -6.42 5.76 -3.92
N GLN A 31 -5.84 6.02 -2.75
CA GLN A 31 -4.41 6.29 -2.67
C GLN A 31 -3.73 5.22 -1.81
N ARG A 32 -4.42 4.86 -0.73
CA ARG A 32 -3.89 3.86 0.18
C ARG A 32 -3.26 2.72 -0.59
N GLN A 33 -4.05 2.11 -1.46
CA GLN A 33 -3.59 1.01 -2.28
C GLN A 33 -2.37 1.42 -3.09
N SER A 34 -2.35 2.70 -3.47
CA SER A 34 -1.25 3.23 -4.25
C SER A 34 0.08 2.77 -3.66
N ILE A 35 0.10 2.65 -2.34
CA ILE A 35 1.30 2.22 -1.65
C ILE A 35 1.67 0.80 -2.10
N LEU A 36 0.64 -0.02 -2.25
CA LEU A 36 0.85 -1.39 -2.68
C LEU A 36 1.53 -1.40 -4.05
N ILE A 37 1.15 -0.44 -4.88
CA ILE A 37 1.72 -0.32 -6.21
C ILE A 37 3.17 0.15 -6.11
N LEU A 38 3.36 1.16 -5.26
CA LEU A 38 4.68 1.72 -5.05
C LEU A 38 5.59 0.66 -4.42
N LYS A 39 5.05 0.00 -3.41
CA LYS A 39 5.80 -1.03 -2.71
C LYS A 39 5.96 -2.24 -3.62
N GLU A 40 4.92 -2.51 -4.40
CA GLU A 40 4.95 -3.64 -5.33
C GLU A 40 6.06 -3.44 -6.37
N GLN A 41 6.22 -2.19 -6.77
CA GLN A 41 7.24 -1.86 -7.76
C GLN A 41 8.63 -2.20 -7.22
N ILE A 42 8.81 -1.94 -5.95
CA ILE A 42 10.09 -2.21 -5.30
C ILE A 42 10.35 -3.72 -5.31
N GLN A 43 9.28 -4.48 -5.11
CA GLN A 43 9.40 -5.93 -5.10
C GLN A 43 9.85 -6.43 -6.47
N LYS A 44 9.39 -5.74 -7.51
CA LYS A 44 9.75 -6.12 -8.87
C LYS A 44 9.36 -4.98 -9.82
N SER A 45 10.28 -4.65 -10.69
CA SER A 45 10.05 -3.59 -11.66
C SER A 45 9.15 -4.10 -12.79
N THR A 46 8.56 -3.15 -13.51
CA THR A 46 7.68 -3.48 -14.61
C THR A 46 6.49 -4.31 -14.11
N GLY A 47 5.35 -3.63 -14.01
CA GLY A 47 4.13 -4.28 -13.55
C GLY A 47 2.90 -3.72 -14.26
N ALA A 48 2.20 -2.85 -13.55
CA ALA A 48 1.01 -2.23 -14.10
C ALA A 48 -0.04 -3.31 -14.39
N PRO A 49 -1.33 -2.87 -14.42
CA PRO A 49 -2.42 -3.79 -14.69
C PRO A 49 -2.48 -4.16 -16.17
N HIS A 1 -12.16 -11.04 -6.58
CA HIS A 1 -12.58 -9.74 -6.12
C HIS A 1 -11.60 -9.22 -5.07
N MET A 2 -11.02 -8.07 -5.37
CA MET A 2 -10.06 -7.45 -4.47
C MET A 2 -10.74 -6.99 -3.19
N THR A 3 -11.98 -6.53 -3.33
CA THR A 3 -12.74 -6.05 -2.20
C THR A 3 -12.07 -4.84 -1.57
N PRO A 4 -12.64 -4.38 -0.42
CA PRO A 4 -12.10 -3.24 0.28
C PRO A 4 -10.83 -3.61 1.05
N GLN A 5 -10.66 -4.92 1.26
CA GLN A 5 -9.50 -5.41 1.96
C GLN A 5 -8.23 -5.18 1.13
N ASP A 6 -8.38 -5.36 -0.18
CA ASP A 6 -7.26 -5.18 -1.09
C ASP A 6 -6.74 -3.74 -0.96
N HIS A 7 -7.67 -2.81 -0.81
CA HIS A 7 -7.32 -1.41 -0.68
C HIS A 7 -6.66 -1.17 0.67
N GLU A 8 -7.01 -2.03 1.63
CA GLU A 8 -6.45 -1.92 2.97
C GLU A 8 -5.12 -2.68 3.05
N LYS A 9 -4.65 -3.11 1.89
CA LYS A 9 -3.40 -3.85 1.82
C LYS A 9 -2.24 -2.90 2.11
N ALA A 10 -2.50 -1.61 1.89
CA ALA A 10 -1.49 -0.60 2.12
C ALA A 10 -1.13 -0.57 3.60
N ALA A 11 -2.12 -0.87 4.43
CA ALA A 11 -1.91 -0.89 5.86
C ALA A 11 -0.75 -1.82 6.20
N LEU A 12 -0.68 -2.92 5.46
CA LEU A 12 0.37 -3.90 5.67
C LEU A 12 1.72 -3.30 5.23
N ILE A 13 1.64 -2.46 4.21
CA ILE A 13 2.84 -1.82 3.69
C ILE A 13 3.16 -0.57 4.53
N MET A 14 2.12 -0.07 5.19
CA MET A 14 2.28 1.11 6.03
C MET A 14 3.33 0.88 7.11
N GLN A 15 3.39 -0.35 7.59
CA GLN A 15 4.34 -0.71 8.62
C GLN A 15 5.77 -0.70 8.04
N VAL A 16 5.87 -1.17 6.81
CA VAL A 16 7.16 -1.22 6.13
C VAL A 16 7.71 0.20 5.99
N LEU A 17 6.81 1.15 5.82
CA LEU A 17 7.19 2.54 5.67
C LEU A 17 7.85 3.02 6.96
N GLN A 18 7.08 3.79 7.73
CA GLN A 18 7.58 4.31 8.98
C GLN A 18 6.91 3.59 10.16
N LEU A 19 5.73 3.05 9.90
CA LEU A 19 4.99 2.33 10.92
C LEU A 19 4.29 3.34 11.82
N THR A 20 2.99 3.48 11.61
CA THR A 20 2.20 4.40 12.40
C THR A 20 0.71 4.21 12.10
N ALA A 21 0.40 4.08 10.81
CA ALA A 21 -0.97 3.90 10.38
C ALA A 21 -1.63 5.26 10.20
N ASP A 22 -1.26 6.18 11.07
CA ASP A 22 -1.81 7.53 11.02
C ASP A 22 -1.50 8.15 9.67
N GLN A 23 -0.31 7.84 9.17
CA GLN A 23 0.12 8.36 7.88
C GLN A 23 -0.82 7.89 6.78
N ILE A 24 -1.14 6.61 6.83
CA ILE A 24 -2.03 6.03 5.83
C ILE A 24 -3.47 6.44 6.14
N ALA A 25 -3.73 6.63 7.42
CA ALA A 25 -5.06 7.02 7.86
C ALA A 25 -5.44 8.36 7.21
N MET A 26 -4.43 9.22 7.09
CA MET A 26 -4.64 10.53 6.48
C MET A 26 -4.67 10.43 4.95
N LEU A 27 -4.50 9.21 4.47
CA LEU A 27 -4.50 8.98 3.04
C LEU A 27 -5.80 8.28 2.64
N PRO A 28 -6.27 8.60 1.41
CA PRO A 28 -7.51 8.02 0.90
C PRO A 28 -7.29 6.56 0.49
N PRO A 29 -8.42 5.90 0.10
CA PRO A 29 -8.36 4.51 -0.33
C PRO A 29 -7.78 4.39 -1.74
N GLU A 30 -8.15 5.35 -2.58
CA GLU A 30 -7.66 5.37 -3.95
C GLU A 30 -6.16 5.68 -3.98
N GLN A 31 -5.63 6.01 -2.81
CA GLN A 31 -4.22 6.33 -2.69
C GLN A 31 -3.53 5.34 -1.75
N ARG A 32 -4.26 4.94 -0.73
CA ARG A 32 -3.74 4.01 0.26
C ARG A 32 -3.03 2.85 -0.44
N GLN A 33 -3.82 2.00 -1.07
CA GLN A 33 -3.27 0.85 -1.78
C GLN A 33 -2.10 1.28 -2.67
N SER A 34 -2.21 2.50 -3.20
CA SER A 34 -1.18 3.04 -4.06
C SER A 34 0.20 2.75 -3.46
N ILE A 35 0.26 2.80 -2.14
CA ILE A 35 1.51 2.56 -1.43
C ILE A 35 1.97 1.12 -1.73
N LEU A 36 1.02 0.20 -1.67
CA LEU A 36 1.32 -1.19 -1.92
C LEU A 36 1.89 -1.35 -3.32
N ILE A 37 1.33 -0.58 -4.24
CA ILE A 37 1.77 -0.61 -5.63
C ILE A 37 3.16 0.00 -5.73
N LEU A 38 3.33 1.12 -5.05
CA LEU A 38 4.60 1.81 -5.06
C LEU A 38 5.66 0.94 -4.39
N LYS A 39 5.24 0.24 -3.35
CA LYS A 39 6.14 -0.63 -2.61
C LYS A 39 6.50 -1.84 -3.50
N GLU A 40 5.49 -2.34 -4.20
CA GLU A 40 5.68 -3.48 -5.07
C GLU A 40 6.69 -3.13 -6.18
N GLN A 41 6.64 -1.89 -6.61
CA GLN A 41 7.54 -1.43 -7.66
C GLN A 41 8.99 -1.53 -7.19
N ILE A 42 9.20 -1.22 -5.91
CA ILE A 42 10.52 -1.26 -5.34
C ILE A 42 11.07 -2.69 -5.45
N GLN A 43 10.19 -3.65 -5.18
CA GLN A 43 10.58 -5.05 -5.26
C GLN A 43 11.02 -5.41 -6.69
N LYS A 44 10.30 -4.86 -7.65
CA LYS A 44 10.60 -5.12 -9.05
C LYS A 44 11.84 -4.31 -9.44
N SER A 45 12.44 -4.72 -10.56
CA SER A 45 13.63 -4.04 -11.06
C SER A 45 13.28 -2.63 -11.51
N THR A 46 13.88 -1.65 -10.84
CA THR A 46 13.64 -0.26 -11.17
C THR A 46 13.83 -0.02 -12.66
N GLY A 47 13.01 0.87 -13.20
CA GLY A 47 13.08 1.21 -14.62
C GLY A 47 11.96 2.16 -15.01
N ALA A 48 10.74 1.66 -14.97
CA ALA A 48 9.58 2.45 -15.32
C ALA A 48 9.53 3.68 -14.40
N PRO A 49 8.78 4.72 -14.88
CA PRO A 49 8.63 5.95 -14.11
C PRO A 49 7.68 5.76 -12.93
N HIS A 1 -14.17 -5.22 -8.39
CA HIS A 1 -14.11 -4.43 -7.19
C HIS A 1 -13.00 -4.94 -6.28
N MET A 2 -11.80 -4.42 -6.52
CA MET A 2 -10.65 -4.81 -5.73
C MET A 2 -11.02 -5.03 -4.26
N THR A 3 -10.82 -6.25 -3.80
CA THR A 3 -11.14 -6.60 -2.43
C THR A 3 -10.67 -5.50 -1.48
N PRO A 4 -11.15 -5.59 -0.21
CA PRO A 4 -10.79 -4.60 0.80
C PRO A 4 -9.36 -4.82 1.29
N GLN A 5 -8.87 -6.04 1.07
CA GLN A 5 -7.53 -6.39 1.50
C GLN A 5 -6.50 -5.67 0.63
N ASP A 6 -6.80 -5.59 -0.66
CA ASP A 6 -5.92 -4.94 -1.60
C ASP A 6 -5.80 -3.45 -1.23
N HIS A 7 -6.92 -2.90 -0.80
CA HIS A 7 -6.96 -1.50 -0.42
C HIS A 7 -6.33 -1.32 0.97
N GLU A 8 -6.39 -2.39 1.74
CA GLU A 8 -5.84 -2.38 3.09
C GLU A 8 -4.44 -2.99 3.09
N LYS A 9 -3.93 -3.24 1.89
CA LYS A 9 -2.60 -3.81 1.74
C LYS A 9 -1.55 -2.77 2.15
N ALA A 10 -1.96 -1.51 2.10
CA ALA A 10 -1.07 -0.42 2.45
C ALA A 10 -0.79 -0.47 3.96
N ALA A 11 -1.80 -0.93 4.70
CA ALA A 11 -1.67 -1.03 6.14
C ALA A 11 -0.47 -1.90 6.48
N LEU A 12 -0.29 -2.95 5.69
CA LEU A 12 0.82 -3.86 5.90
C LEU A 12 2.14 -3.15 5.56
N ILE A 13 2.07 -2.29 4.56
CA ILE A 13 3.24 -1.55 4.13
C ILE A 13 3.40 -0.30 5.01
N MET A 14 2.28 0.10 5.60
CA MET A 14 2.29 1.27 6.47
C MET A 14 3.28 1.10 7.63
N GLN A 15 3.41 -0.15 8.06
CA GLN A 15 4.32 -0.45 9.16
C GLN A 15 5.76 -0.14 8.76
N VAL A 16 6.14 -0.63 7.59
CA VAL A 16 7.49 -0.40 7.09
C VAL A 16 7.62 1.05 6.63
N LEU A 17 6.52 1.57 6.10
CA LEU A 17 6.50 2.94 5.62
C LEU A 17 6.92 3.88 6.75
N GLN A 18 5.95 4.27 7.56
CA GLN A 18 6.21 5.17 8.67
C GLN A 18 6.19 4.38 9.99
N LEU A 19 5.36 3.35 10.01
CA LEU A 19 5.24 2.52 11.21
C LEU A 19 4.02 2.96 12.01
N THR A 20 3.18 3.75 11.36
CA THR A 20 1.97 4.25 11.99
C THR A 20 0.85 4.42 10.96
N ALA A 21 -0.30 3.83 11.28
CA ALA A 21 -1.45 3.91 10.40
C ALA A 21 -2.15 5.26 10.60
N ASP A 22 -1.60 6.05 11.50
CA ASP A 22 -2.15 7.36 11.79
C ASP A 22 -2.09 8.22 10.52
N GLN A 23 -0.93 8.20 9.90
CA GLN A 23 -0.73 8.97 8.68
C GLN A 23 -1.55 8.39 7.53
N ILE A 24 -1.59 7.07 7.49
CA ILE A 24 -2.34 6.37 6.46
C ILE A 24 -3.84 6.61 6.66
N ALA A 25 -4.21 6.74 7.93
CA ALA A 25 -5.61 6.98 8.28
C ALA A 25 -6.07 8.29 7.66
N MET A 26 -5.13 9.22 7.56
CA MET A 26 -5.43 10.52 6.98
C MET A 26 -5.28 10.49 5.46
N LEU A 27 -4.87 9.34 4.96
CA LEU A 27 -4.69 9.18 3.52
C LEU A 27 -5.95 8.55 2.92
N PRO A 28 -6.24 8.94 1.66
CA PRO A 28 -7.42 8.42 0.96
C PRO A 28 -7.18 6.98 0.50
N PRO A 29 -8.27 6.37 -0.04
CA PRO A 29 -8.19 5.00 -0.52
C PRO A 29 -7.45 4.92 -1.85
N GLU A 30 -7.72 5.90 -2.70
CA GLU A 30 -7.08 5.96 -4.01
C GLU A 30 -5.59 6.21 -3.86
N GLN A 31 -5.19 6.51 -2.63
CA GLN A 31 -3.79 6.77 -2.34
C GLN A 31 -3.21 5.64 -1.48
N ARG A 32 -4.04 5.15 -0.57
CA ARG A 32 -3.61 4.08 0.32
C ARG A 32 -3.09 2.90 -0.49
N GLN A 33 -4.00 2.26 -1.21
CA GLN A 33 -3.64 1.12 -2.03
C GLN A 33 -2.50 1.48 -2.98
N SER A 34 -2.31 2.77 -3.16
CA SER A 34 -1.26 3.27 -4.04
C SER A 34 0.09 2.73 -3.58
N ILE A 35 0.23 2.59 -2.28
CA ILE A 35 1.46 2.09 -1.70
C ILE A 35 1.70 0.65 -2.18
N LEU A 36 0.61 -0.10 -2.27
CA LEU A 36 0.68 -1.47 -2.72
C LEU A 36 1.24 -1.52 -4.14
N ILE A 37 0.84 -0.54 -4.93
CA ILE A 37 1.29 -0.44 -6.31
C ILE A 37 2.79 -0.15 -6.34
N LEU A 38 3.18 0.83 -5.52
CA LEU A 38 4.57 1.22 -5.45
C LEU A 38 5.39 0.09 -4.81
N LYS A 39 4.74 -0.58 -3.86
CA LYS A 39 5.39 -1.69 -3.17
C LYS A 39 5.74 -2.79 -4.18
N GLU A 40 4.85 -2.96 -5.15
CA GLU A 40 5.05 -3.96 -6.18
C GLU A 40 6.28 -3.62 -7.03
N GLN A 41 6.45 -2.33 -7.27
CA GLN A 41 7.57 -1.86 -8.06
C GLN A 41 8.89 -2.13 -7.33
N ILE A 42 8.86 -1.94 -6.03
CA ILE A 42 10.04 -2.17 -5.21
C ILE A 42 10.48 -3.63 -5.36
N GLN A 43 9.48 -4.51 -5.45
CA GLN A 43 9.76 -5.93 -5.58
C GLN A 43 10.44 -6.21 -6.92
N LYS A 44 9.99 -5.49 -7.95
CA LYS A 44 10.55 -5.65 -9.27
C LYS A 44 10.21 -7.05 -9.80
N SER A 45 10.23 -7.18 -11.12
CA SER A 45 9.94 -8.44 -11.75
C SER A 45 10.92 -9.51 -11.28
N THR A 46 10.48 -10.27 -10.28
CA THR A 46 11.31 -11.33 -9.72
C THR A 46 10.48 -12.23 -8.82
N GLY A 47 9.64 -13.04 -9.45
CA GLY A 47 8.78 -13.95 -8.72
C GLY A 47 7.91 -14.76 -9.68
N ALA A 48 6.70 -14.26 -9.89
CA ALA A 48 5.75 -14.92 -10.79
C ALA A 48 6.33 -14.94 -12.20
N PRO A 49 6.77 -13.73 -12.66
CA PRO A 49 7.34 -13.61 -14.00
C PRO A 49 8.75 -14.19 -14.04
N HIS A 1 -16.02 -7.69 -5.76
CA HIS A 1 -15.50 -6.34 -5.89
C HIS A 1 -14.28 -6.16 -4.99
N MET A 2 -13.27 -5.50 -5.53
CA MET A 2 -12.04 -5.26 -4.78
C MET A 2 -12.34 -4.97 -3.31
N THR A 3 -12.19 -6.00 -2.50
CA THR A 3 -12.43 -5.87 -1.07
C THR A 3 -11.64 -4.69 -0.50
N PRO A 4 -12.01 -4.31 0.75
CA PRO A 4 -11.36 -3.20 1.42
C PRO A 4 -9.97 -3.61 1.92
N GLN A 5 -9.70 -4.91 1.83
CA GLN A 5 -8.42 -5.44 2.26
C GLN A 5 -7.31 -5.00 1.30
N ASP A 6 -7.64 -5.01 0.01
CA ASP A 6 -6.69 -4.62 -1.01
C ASP A 6 -6.27 -3.16 -0.77
N HIS A 7 -7.25 -2.35 -0.42
CA HIS A 7 -7.00 -0.94 -0.17
C HIS A 7 -6.28 -0.78 1.18
N GLU A 8 -6.50 -1.75 2.05
CA GLU A 8 -5.89 -1.72 3.36
C GLU A 8 -4.49 -2.33 3.30
N LYS A 9 -4.08 -2.67 2.09
CA LYS A 9 -2.76 -3.26 1.88
C LYS A 9 -1.69 -2.25 2.28
N ALA A 10 -2.06 -0.98 2.25
CA ALA A 10 -1.15 0.09 2.60
C ALA A 10 -0.72 -0.08 4.07
N ALA A 11 -1.66 -0.56 4.87
CA ALA A 11 -1.39 -0.77 6.28
C ALA A 11 -0.30 -1.82 6.44
N LEU A 12 -0.34 -2.82 5.57
CA LEU A 12 0.64 -3.89 5.60
C LEU A 12 2.01 -3.34 5.20
N ILE A 13 1.99 -2.36 4.31
CA ILE A 13 3.20 -1.74 3.83
C ILE A 13 3.56 -0.57 4.75
N MET A 14 2.57 -0.12 5.50
CA MET A 14 2.76 1.00 6.41
C MET A 14 3.87 0.69 7.42
N GLN A 15 3.94 -0.57 7.82
CA GLN A 15 4.94 -1.00 8.77
C GLN A 15 6.34 -0.89 8.16
N VAL A 16 6.42 -1.22 6.88
CA VAL A 16 7.68 -1.17 6.17
C VAL A 16 8.20 0.28 6.16
N LEU A 17 7.25 1.20 6.12
CA LEU A 17 7.58 2.62 6.11
C LEU A 17 7.94 3.06 7.54
N GLN A 18 6.96 3.66 8.20
CA GLN A 18 7.16 4.13 9.56
C GLN A 18 6.44 3.23 10.54
N LEU A 19 5.35 2.65 10.08
CA LEU A 19 4.56 1.75 10.91
C LEU A 19 3.69 2.58 11.87
N THR A 20 2.48 2.86 11.42
CA THR A 20 1.55 3.64 12.22
C THR A 20 0.11 3.43 11.72
N ALA A 21 -0.04 3.48 10.41
CA ALA A 21 -1.35 3.29 9.80
C ALA A 21 -2.06 4.64 9.72
N ASP A 22 -1.81 5.46 10.73
CA ASP A 22 -2.42 6.78 10.78
C ASP A 22 -2.02 7.57 9.54
N GLN A 23 -0.78 7.37 9.13
CA GLN A 23 -0.26 8.07 7.96
C GLN A 23 -1.08 7.70 6.71
N ILE A 24 -1.34 6.41 6.58
CA ILE A 24 -2.11 5.92 5.44
C ILE A 24 -3.59 6.25 5.65
N ALA A 25 -3.99 6.25 6.91
CA ALA A 25 -5.37 6.56 7.26
C ALA A 25 -5.72 7.96 6.77
N MET A 26 -4.68 8.76 6.58
CA MET A 26 -4.85 10.13 6.11
C MET A 26 -4.97 10.17 4.59
N LEU A 27 -4.76 9.02 3.98
CA LEU A 27 -4.83 8.90 2.53
C LEU A 27 -6.12 8.18 2.14
N PRO A 28 -6.58 8.46 0.89
CA PRO A 28 -7.80 7.85 0.38
C PRO A 28 -7.55 6.38 0.00
N PRO A 29 -8.67 5.70 -0.37
CA PRO A 29 -8.58 4.30 -0.77
C PRO A 29 -7.98 4.15 -2.16
N GLU A 30 -8.38 5.06 -3.04
CA GLU A 30 -7.89 5.04 -4.41
C GLU A 30 -6.38 5.35 -4.44
N GLN A 31 -5.87 5.75 -3.28
CA GLN A 31 -4.46 6.08 -3.16
C GLN A 31 -3.78 5.12 -2.18
N ARG A 32 -4.52 4.75 -1.14
CA ARG A 32 -4.00 3.84 -0.14
C ARG A 32 -3.22 2.71 -0.80
N GLN A 33 -3.92 1.96 -1.63
CA GLN A 33 -3.30 0.84 -2.33
C GLN A 33 -2.12 1.33 -3.17
N SER A 34 -2.24 2.56 -3.64
CA SER A 34 -1.18 3.15 -4.45
C SER A 34 0.18 2.91 -3.80
N ILE A 35 0.18 2.95 -2.47
CA ILE A 35 1.40 2.73 -1.71
C ILE A 35 1.93 1.33 -1.99
N LEU A 36 1.01 0.37 -1.99
CA LEU A 36 1.38 -1.01 -2.24
C LEU A 36 2.04 -1.13 -3.62
N ILE A 37 1.48 -0.38 -4.56
CA ILE A 37 2.01 -0.38 -5.92
C ILE A 37 3.42 0.20 -5.92
N LEU A 38 3.57 1.31 -5.20
CA LEU A 38 4.87 1.97 -5.12
C LEU A 38 5.83 1.08 -4.30
N LYS A 39 5.28 0.47 -3.27
CA LYS A 39 6.07 -0.39 -2.41
C LYS A 39 6.45 -1.66 -3.18
N GLU A 40 5.43 -2.26 -3.81
CA GLU A 40 5.66 -3.47 -4.58
C GLU A 40 6.56 -3.18 -5.77
N GLN A 41 6.43 -1.99 -6.30
CA GLN A 41 7.23 -1.57 -7.44
C GLN A 41 8.71 -1.60 -7.08
N ILE A 42 9.01 -1.19 -5.86
CA ILE A 42 10.38 -1.15 -5.39
C ILE A 42 10.97 -2.56 -5.46
N GLN A 43 10.12 -3.54 -5.17
CA GLN A 43 10.55 -4.93 -5.20
C GLN A 43 11.03 -5.31 -6.59
N LYS A 44 10.28 -4.86 -7.60
CA LYS A 44 10.63 -5.15 -8.97
C LYS A 44 10.56 -6.66 -9.22
N SER A 45 9.53 -7.06 -9.93
CA SER A 45 9.34 -8.47 -10.24
C SER A 45 8.67 -8.62 -11.61
N THR A 46 7.49 -8.02 -11.73
CA THR A 46 6.74 -8.08 -12.97
C THR A 46 6.35 -9.53 -13.28
N GLY A 47 5.42 -10.05 -12.49
CA GLY A 47 4.96 -11.41 -12.68
C GLY A 47 3.68 -11.44 -13.53
N ALA A 48 2.66 -10.77 -13.02
CA ALA A 48 1.39 -10.72 -13.72
C ALA A 48 1.05 -9.26 -14.04
N PRO A 49 0.14 -9.09 -15.03
CA PRO A 49 -0.27 -7.76 -15.45
C PRO A 49 -1.24 -7.15 -14.43
N HIS A 1 -11.48 -1.21 -7.42
CA HIS A 1 -12.30 -1.35 -6.23
C HIS A 1 -12.62 -2.82 -6.00
N MET A 2 -11.60 -3.57 -5.60
CA MET A 2 -11.75 -4.99 -5.34
C MET A 2 -11.98 -5.25 -3.86
N THR A 3 -13.11 -4.75 -3.36
CA THR A 3 -13.46 -4.93 -1.96
C THR A 3 -12.50 -4.14 -1.07
N PRO A 4 -12.77 -4.21 0.26
CA PRO A 4 -11.94 -3.50 1.23
C PRO A 4 -10.60 -4.22 1.43
N GLN A 5 -10.58 -5.48 1.04
CA GLN A 5 -9.37 -6.28 1.16
C GLN A 5 -8.29 -5.78 0.19
N ASP A 6 -8.74 -5.42 -1.00
CA ASP A 6 -7.84 -4.92 -2.02
C ASP A 6 -7.17 -3.64 -1.53
N HIS A 7 -7.99 -2.73 -1.04
CA HIS A 7 -7.50 -1.46 -0.53
C HIS A 7 -6.69 -1.70 0.74
N GLU A 8 -7.02 -2.79 1.41
CA GLU A 8 -6.33 -3.15 2.65
C GLU A 8 -4.97 -3.78 2.33
N LYS A 9 -4.68 -3.87 1.05
CA LYS A 9 -3.42 -4.43 0.61
C LYS A 9 -2.26 -3.56 1.10
N ALA A 10 -2.59 -2.30 1.37
CA ALA A 10 -1.60 -1.36 1.85
C ALA A 10 -1.18 -1.74 3.27
N ALA A 11 -2.10 -2.37 3.97
CA ALA A 11 -1.84 -2.80 5.33
C ALA A 11 -0.51 -3.57 5.38
N LEU A 12 -0.28 -4.35 4.33
CA LEU A 12 0.94 -5.14 4.24
C LEU A 12 2.14 -4.20 4.23
N ILE A 13 1.94 -3.03 3.64
CA ILE A 13 3.00 -2.04 3.56
C ILE A 13 2.87 -1.05 4.71
N MET A 14 1.70 -1.08 5.34
CA MET A 14 1.44 -0.19 6.46
C MET A 14 2.45 -0.40 7.58
N GLN A 15 2.91 -1.64 7.70
CA GLN A 15 3.89 -1.99 8.72
C GLN A 15 5.18 -1.20 8.51
N VAL A 16 5.58 -1.12 7.25
CA VAL A 16 6.80 -0.40 6.90
C VAL A 16 6.57 1.10 7.06
N LEU A 17 5.40 1.54 6.61
CA LEU A 17 5.04 2.94 6.68
C LEU A 17 4.24 3.18 7.97
N GLN A 18 4.39 2.25 8.90
CA GLN A 18 3.70 2.35 10.17
C GLN A 18 4.50 3.22 11.15
N LEU A 19 5.70 3.57 10.72
CA LEU A 19 6.57 4.40 11.55
C LEU A 19 5.73 5.47 12.25
N THR A 20 4.64 5.85 11.60
CA THR A 20 3.76 6.87 12.14
C THR A 20 2.30 6.43 12.00
N ALA A 21 1.96 6.03 10.78
CA ALA A 21 0.61 5.60 10.49
C ALA A 21 -0.25 6.81 10.12
N ASP A 22 0.09 7.94 10.72
CA ASP A 22 -0.64 9.17 10.46
C ASP A 22 -0.54 9.51 8.98
N GLN A 23 0.63 9.25 8.42
CA GLN A 23 0.87 9.52 7.01
C GLN A 23 -0.07 8.67 6.14
N ILE A 24 -0.17 7.40 6.50
CA ILE A 24 -1.02 6.48 5.76
C ILE A 24 -2.48 6.76 6.11
N ALA A 25 -2.72 7.00 7.39
CA ALA A 25 -4.06 7.28 7.87
C ALA A 25 -4.59 8.54 7.17
N MET A 26 -3.67 9.35 6.69
CA MET A 26 -4.01 10.58 6.00
C MET A 26 -4.42 10.30 4.56
N LEU A 27 -4.17 9.07 4.13
CA LEU A 27 -4.49 8.66 2.78
C LEU A 27 -5.75 7.81 2.79
N PRO A 28 -6.55 7.93 1.69
CA PRO A 28 -7.78 7.18 1.56
C PRO A 28 -7.50 5.70 1.25
N PRO A 29 -8.60 4.90 1.21
CA PRO A 29 -8.48 3.48 0.92
C PRO A 29 -8.22 3.24 -0.56
N GLU A 30 -8.88 4.05 -1.38
CA GLU A 30 -8.73 3.94 -2.83
C GLU A 30 -7.33 4.39 -3.25
N GLN A 31 -6.59 4.90 -2.28
CA GLN A 31 -5.24 5.37 -2.54
C GLN A 31 -4.23 4.54 -1.75
N ARG A 32 -4.64 4.15 -0.54
CA ARG A 32 -3.78 3.36 0.32
C ARG A 32 -3.05 2.30 -0.50
N GLN A 33 -3.83 1.48 -1.19
CA GLN A 33 -3.27 0.42 -2.01
C GLN A 33 -2.13 0.97 -2.87
N SER A 34 -2.29 2.21 -3.29
CA SER A 34 -1.29 2.86 -4.12
C SER A 34 0.11 2.60 -3.55
N ILE A 35 0.16 2.53 -2.23
CA ILE A 35 1.42 2.30 -1.54
C ILE A 35 1.99 0.95 -1.97
N LEU A 36 1.09 -0.02 -2.11
CA LEU A 36 1.48 -1.35 -2.52
C LEU A 36 2.15 -1.30 -3.90
N ILE A 37 1.64 -0.38 -4.71
CA ILE A 37 2.18 -0.21 -6.06
C ILE A 37 3.56 0.43 -5.98
N LEU A 38 3.64 1.48 -5.15
CA LEU A 38 4.90 2.19 -4.97
C LEU A 38 5.92 1.26 -4.32
N LYS A 39 5.46 0.56 -3.29
CA LYS A 39 6.32 -0.36 -2.57
C LYS A 39 6.65 -1.56 -3.47
N GLU A 40 5.65 -1.94 -4.26
CA GLU A 40 5.81 -3.07 -5.17
C GLU A 40 6.94 -2.80 -6.16
N GLN A 41 7.03 -1.53 -6.55
CA GLN A 41 8.07 -1.12 -7.50
C GLN A 41 9.45 -1.30 -6.89
N ILE A 42 9.54 -1.01 -5.60
CA ILE A 42 10.80 -1.13 -4.89
C ILE A 42 11.29 -2.57 -4.98
N GLN A 43 10.35 -3.49 -4.95
CA GLN A 43 10.66 -4.91 -5.03
C GLN A 43 11.35 -5.22 -6.36
N LYS A 44 10.96 -4.48 -7.39
CA LYS A 44 11.52 -4.66 -8.71
C LYS A 44 12.91 -4.03 -8.76
N SER A 45 13.89 -4.86 -9.10
CA SER A 45 15.26 -4.39 -9.19
C SER A 45 15.38 -3.29 -10.24
N THR A 46 15.57 -2.07 -9.76
CA THR A 46 15.69 -0.93 -10.65
C THR A 46 16.85 -1.14 -11.64
N GLY A 47 16.51 -1.13 -12.91
CA GLY A 47 17.52 -1.32 -13.95
C GLY A 47 16.87 -1.31 -15.35
N ALA A 48 17.59 -0.72 -16.29
CA ALA A 48 17.10 -0.64 -17.66
C ALA A 48 18.05 -1.41 -18.58
N PRO A 49 17.79 -2.73 -18.70
CA PRO A 49 18.61 -3.58 -19.55
C PRO A 49 18.30 -3.34 -21.03
N HIS A 1 -10.60 -1.50 -8.30
CA HIS A 1 -10.82 -1.83 -6.91
C HIS A 1 -10.87 -3.36 -6.75
N MET A 2 -9.76 -3.91 -6.27
CA MET A 2 -9.66 -5.34 -6.06
C MET A 2 -10.01 -5.71 -4.62
N THR A 3 -11.26 -5.45 -4.26
CA THR A 3 -11.74 -5.76 -2.92
C THR A 3 -11.13 -4.78 -1.90
N PRO A 4 -11.52 -4.96 -0.61
CA PRO A 4 -11.02 -4.12 0.45
C PRO A 4 -9.58 -4.46 0.80
N GLN A 5 -9.27 -5.75 0.73
CA GLN A 5 -7.93 -6.21 1.05
C GLN A 5 -6.91 -5.50 0.16
N ASP A 6 -7.30 -5.27 -1.08
CA ASP A 6 -6.43 -4.61 -2.03
C ASP A 6 -6.05 -3.23 -1.48
N HIS A 7 -7.06 -2.53 -0.99
CA HIS A 7 -6.84 -1.19 -0.43
C HIS A 7 -6.24 -1.32 0.98
N GLU A 8 -6.52 -2.44 1.60
CA GLU A 8 -6.02 -2.70 2.95
C GLU A 8 -4.60 -3.27 2.88
N LYS A 9 -4.12 -3.44 1.66
CA LYS A 9 -2.79 -3.98 1.45
C LYS A 9 -1.76 -2.97 1.92
N ALA A 10 -2.18 -1.71 1.96
CA ALA A 10 -1.29 -0.64 2.39
C ALA A 10 -1.08 -0.75 3.90
N ALA A 11 -2.09 -1.26 4.58
CA ALA A 11 -2.02 -1.42 6.02
C ALA A 11 -0.77 -2.21 6.38
N LEU A 12 -0.50 -3.23 5.58
CA LEU A 12 0.66 -4.07 5.81
C LEU A 12 1.93 -3.26 5.55
N ILE A 13 1.83 -2.35 4.58
CA ILE A 13 2.97 -1.52 4.23
C ILE A 13 2.89 -0.21 5.03
N MET A 14 1.94 -0.18 5.95
CA MET A 14 1.75 1.01 6.78
C MET A 14 2.96 1.21 7.71
N GLN A 15 3.40 0.12 8.31
CA GLN A 15 4.52 0.17 9.22
C GLN A 15 5.81 0.47 8.45
N VAL A 16 5.92 -0.12 7.27
CA VAL A 16 7.08 0.09 6.42
C VAL A 16 7.10 1.52 5.93
N LEU A 17 5.90 2.06 5.71
CA LEU A 17 5.77 3.42 5.23
C LEU A 17 6.51 4.37 6.18
N GLN A 18 5.75 4.95 7.10
CA GLN A 18 6.31 5.86 8.08
C GLN A 18 6.44 5.18 9.44
N LEU A 19 5.75 4.06 9.58
CA LEU A 19 5.79 3.30 10.82
C LEU A 19 4.65 3.77 11.72
N THR A 20 3.57 4.22 11.09
CA THR A 20 2.42 4.69 11.82
C THR A 20 1.15 4.54 10.98
N ALA A 21 0.08 4.12 11.65
CA ALA A 21 -1.19 3.92 10.98
C ALA A 21 -1.99 5.23 11.03
N ASP A 22 -1.62 6.08 11.96
CA ASP A 22 -2.30 7.36 12.12
C ASP A 22 -2.02 8.24 10.90
N GLN A 23 -0.79 8.15 10.42
CA GLN A 23 -0.38 8.92 9.25
C GLN A 23 -1.10 8.41 8.00
N ILE A 24 -1.11 7.09 7.86
CA ILE A 24 -1.76 6.47 6.71
C ILE A 24 -3.28 6.53 6.89
N ALA A 25 -3.70 6.52 8.15
CA ALA A 25 -5.11 6.58 8.46
C ALA A 25 -5.70 7.89 7.94
N MET A 26 -4.82 8.86 7.77
CA MET A 26 -5.23 10.16 7.27
C MET A 26 -5.21 10.20 5.73
N LEU A 27 -4.81 9.07 5.16
CA LEU A 27 -4.74 8.96 3.71
C LEU A 27 -5.99 8.24 3.19
N PRO A 28 -6.39 8.60 1.94
CA PRO A 28 -7.55 7.99 1.34
C PRO A 28 -7.26 6.57 0.87
N PRO A 29 -8.33 5.89 0.39
CA PRO A 29 -8.20 4.52 -0.10
C PRO A 29 -7.51 4.48 -1.46
N GLU A 30 -7.93 5.39 -2.32
CA GLU A 30 -7.37 5.48 -3.67
C GLU A 30 -5.88 5.80 -3.59
N GLN A 31 -5.44 6.20 -2.40
CA GLN A 31 -4.05 6.54 -2.20
C GLN A 31 -3.34 5.43 -1.41
N ARG A 32 -4.07 4.86 -0.47
CA ARG A 32 -3.53 3.79 0.35
C ARG A 32 -3.01 2.65 -0.53
N GLN A 33 -3.92 2.06 -1.28
CA GLN A 33 -3.55 0.97 -2.18
C GLN A 33 -2.36 1.37 -3.06
N SER A 34 -2.27 2.67 -3.31
CA SER A 34 -1.20 3.19 -4.12
C SER A 34 0.16 2.67 -3.61
N ILE A 35 0.22 2.47 -2.30
CA ILE A 35 1.44 1.98 -1.68
C ILE A 35 1.71 0.56 -2.17
N LEU A 36 0.64 -0.20 -2.32
CA LEU A 36 0.76 -1.58 -2.78
C LEU A 36 1.37 -1.59 -4.18
N ILE A 37 0.95 -0.62 -4.98
CA ILE A 37 1.45 -0.50 -6.34
C ILE A 37 2.95 -0.21 -6.31
N LEU A 38 3.31 0.77 -5.49
CA LEU A 38 4.70 1.16 -5.36
C LEU A 38 5.48 0.03 -4.69
N LYS A 39 4.82 -0.65 -3.76
CA LYS A 39 5.44 -1.74 -3.05
C LYS A 39 5.81 -2.85 -4.04
N GLU A 40 4.89 -3.09 -4.97
CA GLU A 40 5.11 -4.11 -5.98
C GLU A 40 6.33 -3.75 -6.85
N GLN A 41 6.46 -2.46 -7.10
CA GLN A 41 7.57 -1.98 -7.92
C GLN A 41 8.90 -2.24 -7.22
N ILE A 42 8.89 -2.05 -5.90
CA ILE A 42 10.08 -2.26 -5.10
C ILE A 42 10.54 -3.71 -5.26
N GLN A 43 9.57 -4.61 -5.30
CA GLN A 43 9.86 -6.03 -5.45
C GLN A 43 10.51 -6.30 -6.81
N LYS A 44 10.10 -5.52 -7.79
CA LYS A 44 10.65 -5.66 -9.13
C LYS A 44 10.36 -7.08 -9.64
N SER A 45 9.28 -7.20 -10.40
CA SER A 45 8.89 -8.49 -10.95
C SER A 45 7.97 -8.28 -12.15
N THR A 46 8.57 -8.34 -13.33
CA THR A 46 7.81 -8.17 -14.56
C THR A 46 6.68 -9.18 -14.63
N GLY A 47 5.56 -8.74 -15.20
CA GLY A 47 4.39 -9.59 -15.34
C GLY A 47 3.38 -8.99 -16.32
N ALA A 48 2.39 -8.33 -15.75
CA ALA A 48 1.35 -7.71 -16.56
C ALA A 48 0.99 -8.64 -17.72
N PRO A 49 0.31 -9.76 -17.37
CA PRO A 49 -0.10 -10.74 -18.36
C PRO A 49 -1.30 -10.24 -19.16
N HIS A 1 -13.99 -3.93 -8.75
CA HIS A 1 -14.19 -3.34 -7.43
C HIS A 1 -13.20 -3.95 -6.45
N MET A 2 -11.93 -3.71 -6.71
CA MET A 2 -10.87 -4.23 -5.85
C MET A 2 -11.30 -4.20 -4.37
N THR A 3 -11.48 -5.39 -3.82
CA THR A 3 -11.88 -5.51 -2.43
C THR A 3 -11.13 -4.50 -1.57
N PRO A 4 -11.66 -4.29 -0.33
CA PRO A 4 -11.05 -3.35 0.59
C PRO A 4 -9.77 -3.93 1.21
N GLN A 5 -9.67 -5.25 1.13
CA GLN A 5 -8.51 -5.94 1.67
C GLN A 5 -7.28 -5.66 0.81
N ASP A 6 -7.50 -5.62 -0.49
CA ASP A 6 -6.41 -5.36 -1.43
C ASP A 6 -5.86 -3.97 -1.18
N HIS A 7 -6.77 -3.01 -1.09
CA HIS A 7 -6.38 -1.62 -0.86
C HIS A 7 -5.78 -1.49 0.55
N GLU A 8 -6.20 -2.40 1.42
CA GLU A 8 -5.73 -2.40 2.79
C GLU A 8 -4.31 -2.96 2.85
N LYS A 9 -3.80 -3.36 1.70
CA LYS A 9 -2.47 -3.93 1.61
C LYS A 9 -1.44 -2.86 2.02
N ALA A 10 -1.86 -1.61 1.91
CA ALA A 10 -0.99 -0.49 2.26
C ALA A 10 -0.78 -0.48 3.77
N ALA A 11 -1.81 -0.92 4.48
CA ALA A 11 -1.75 -0.96 5.94
C ALA A 11 -0.54 -1.82 6.37
N LEU A 12 -0.33 -2.88 5.62
CA LEU A 12 0.78 -3.79 5.90
C LEU A 12 2.10 -3.08 5.61
N ILE A 13 2.10 -2.31 4.54
CA ILE A 13 3.29 -1.57 4.14
C ILE A 13 3.40 -0.29 4.96
N MET A 14 2.25 0.12 5.50
CA MET A 14 2.20 1.33 6.32
C MET A 14 3.14 1.22 7.52
N GLN A 15 3.27 0.00 8.02
CA GLN A 15 4.12 -0.26 9.16
C GLN A 15 5.59 -0.07 8.78
N VAL A 16 5.96 -0.67 7.66
CA VAL A 16 7.33 -0.58 7.17
C VAL A 16 7.58 0.83 6.65
N LEU A 17 6.54 1.41 6.08
CA LEU A 17 6.63 2.76 5.53
C LEU A 17 7.15 3.71 6.62
N GLN A 18 6.21 4.24 7.39
CA GLN A 18 6.57 5.16 8.46
C GLN A 18 6.47 4.45 9.82
N LEU A 19 5.56 3.48 9.89
CA LEU A 19 5.36 2.73 11.11
C LEU A 19 4.25 3.38 11.93
N THR A 20 3.39 4.09 11.23
CA THR A 20 2.27 4.77 11.87
C THR A 20 1.04 4.75 10.95
N ALA A 21 0.10 3.88 11.30
CA ALA A 21 -1.12 3.76 10.53
C ALA A 21 -1.89 5.09 10.59
N ASP A 22 -1.51 5.91 11.54
CA ASP A 22 -2.15 7.21 11.71
C ASP A 22 -1.84 8.09 10.50
N GLN A 23 -0.59 8.03 10.07
CA GLN A 23 -0.16 8.82 8.92
C GLN A 23 -0.87 8.33 7.65
N ILE A 24 -0.91 7.02 7.49
CA ILE A 24 -1.55 6.43 6.34
C ILE A 24 -3.07 6.52 6.49
N ALA A 25 -3.50 6.57 7.75
CA ALA A 25 -4.91 6.66 8.05
C ALA A 25 -5.49 7.93 7.43
N MET A 26 -4.59 8.89 7.19
CA MET A 26 -5.00 10.15 6.61
C MET A 26 -5.19 10.02 5.09
N LEU A 27 -4.76 8.88 4.57
CA LEU A 27 -4.89 8.62 3.15
C LEU A 27 -6.33 8.24 2.83
N PRO A 28 -6.82 8.76 1.67
CA PRO A 28 -8.18 8.49 1.24
C PRO A 28 -8.30 7.06 0.69
N PRO A 29 -9.57 6.68 0.37
CA PRO A 29 -9.84 5.36 -0.16
C PRO A 29 -9.40 5.25 -1.62
N GLU A 30 -8.62 4.22 -1.90
CA GLU A 30 -8.13 3.99 -3.25
C GLU A 30 -6.72 4.58 -3.41
N GLN A 31 -6.42 5.54 -2.54
CA GLN A 31 -5.11 6.19 -2.58
C GLN A 31 -4.09 5.37 -1.78
N ARG A 32 -4.60 4.69 -0.76
CA ARG A 32 -3.75 3.87 0.09
C ARG A 32 -3.08 2.77 -0.74
N GLN A 33 -3.91 1.96 -1.39
CA GLN A 33 -3.41 0.87 -2.21
C GLN A 33 -2.17 1.33 -2.99
N SER A 34 -2.12 2.62 -3.27
CA SER A 34 -0.99 3.18 -3.99
C SER A 34 0.32 2.64 -3.44
N ILE A 35 0.34 2.46 -2.12
CA ILE A 35 1.52 1.95 -1.46
C ILE A 35 1.83 0.55 -1.98
N LEU A 36 0.78 -0.23 -2.17
CA LEU A 36 0.91 -1.59 -2.67
C LEU A 36 1.52 -1.55 -4.08
N ILE A 37 1.08 -0.57 -4.85
CA ILE A 37 1.56 -0.42 -6.21
C ILE A 37 3.06 -0.08 -6.17
N LEU A 38 3.39 0.88 -5.32
CA LEU A 38 4.78 1.30 -5.18
C LEU A 38 5.60 0.16 -4.59
N LYS A 39 4.97 -0.60 -3.71
CA LYS A 39 5.63 -1.73 -3.08
C LYS A 39 6.03 -2.74 -4.14
N GLU A 40 5.18 -2.89 -5.14
CA GLU A 40 5.44 -3.81 -6.23
C GLU A 40 6.72 -3.42 -6.97
N GLN A 41 6.91 -2.11 -7.10
CA GLN A 41 8.07 -1.58 -7.78
C GLN A 41 9.35 -1.91 -6.99
N ILE A 42 9.24 -1.78 -5.68
CA ILE A 42 10.36 -2.06 -4.80
C ILE A 42 10.80 -3.51 -4.99
N GLN A 43 9.82 -4.37 -5.18
CA GLN A 43 10.10 -5.79 -5.37
C GLN A 43 10.84 -6.01 -6.68
N LYS A 44 10.48 -5.22 -7.68
CA LYS A 44 11.11 -5.32 -8.99
C LYS A 44 10.80 -6.69 -9.59
N SER A 45 9.58 -6.81 -10.09
CA SER A 45 9.14 -8.06 -10.70
C SER A 45 7.86 -7.85 -11.49
N THR A 46 8.03 -7.42 -12.73
CA THR A 46 6.90 -7.17 -13.60
C THR A 46 5.84 -6.33 -12.87
N GLY A 47 5.93 -5.02 -13.07
CA GLY A 47 4.98 -4.11 -12.44
C GLY A 47 3.68 -4.06 -13.21
N ALA A 48 2.62 -3.73 -12.49
CA ALA A 48 1.29 -3.65 -13.09
C ALA A 48 0.72 -2.24 -12.87
N PRO A 49 -0.21 -1.84 -13.77
CA PRO A 49 -0.83 -0.54 -13.67
C PRO A 49 -1.86 -0.50 -12.55
N HIS A 1 -14.02 -5.80 -9.54
CA HIS A 1 -13.14 -4.90 -8.83
C HIS A 1 -12.44 -5.65 -7.70
N MET A 2 -11.26 -5.16 -7.34
CA MET A 2 -10.48 -5.77 -6.28
C MET A 2 -11.26 -5.79 -4.96
N THR A 3 -10.77 -6.58 -4.03
CA THR A 3 -11.40 -6.69 -2.72
C THR A 3 -10.83 -5.66 -1.75
N PRO A 4 -11.22 -5.81 -0.46
CA PRO A 4 -10.75 -4.90 0.57
C PRO A 4 -9.30 -5.23 0.96
N GLN A 5 -8.86 -6.41 0.56
CA GLN A 5 -7.51 -6.84 0.85
C GLN A 5 -6.51 -6.04 0.02
N ASP A 6 -6.83 -5.91 -1.27
CA ASP A 6 -5.96 -5.17 -2.17
C ASP A 6 -5.93 -3.70 -1.76
N HIS A 7 -7.08 -3.21 -1.31
CA HIS A 7 -7.19 -1.83 -0.89
C HIS A 7 -6.61 -1.68 0.52
N GLU A 8 -6.63 -2.79 1.26
CA GLU A 8 -6.12 -2.79 2.61
C GLU A 8 -4.67 -3.31 2.63
N LYS A 9 -4.13 -3.47 1.44
CA LYS A 9 -2.76 -3.95 1.31
C LYS A 9 -1.79 -2.88 1.80
N ALA A 10 -2.27 -1.65 1.79
CA ALA A 10 -1.45 -0.52 2.24
C ALA A 10 -1.23 -0.64 3.74
N ALA A 11 -2.21 -1.21 4.43
CA ALA A 11 -2.12 -1.38 5.87
C ALA A 11 -0.87 -2.18 6.20
N LEU A 12 -0.56 -3.13 5.34
CA LEU A 12 0.61 -3.96 5.54
C LEU A 12 1.87 -3.13 5.30
N ILE A 13 1.76 -2.19 4.38
CA ILE A 13 2.88 -1.33 4.06
C ILE A 13 2.78 -0.05 4.90
N MET A 14 1.74 0.01 5.72
CA MET A 14 1.54 1.17 6.58
C MET A 14 2.64 1.29 7.62
N GLN A 15 2.98 0.15 8.22
CA GLN A 15 4.02 0.12 9.23
C GLN A 15 5.39 0.35 8.59
N VAL A 16 5.56 -0.21 7.40
CA VAL A 16 6.81 -0.08 6.68
C VAL A 16 7.05 1.40 6.35
N LEU A 17 5.94 2.10 6.12
CA LEU A 17 6.02 3.52 5.79
C LEU A 17 6.65 4.27 6.95
N GLN A 18 5.83 4.56 7.95
CA GLN A 18 6.30 5.27 9.13
C GLN A 18 6.45 4.31 10.31
N LEU A 19 5.53 3.37 10.38
CA LEU A 19 5.54 2.39 11.46
C LEU A 19 4.47 2.75 12.49
N THR A 20 3.57 3.64 12.08
CA THR A 20 2.50 4.07 12.96
C THR A 20 1.15 3.96 12.24
N ALA A 21 1.16 4.33 10.97
CA ALA A 21 -0.05 4.28 10.17
C ALA A 21 -0.85 5.56 10.39
N ASP A 22 -0.41 6.34 11.36
CA ASP A 22 -1.08 7.59 11.68
C ASP A 22 -1.07 8.50 10.45
N GLN A 23 0.08 8.50 9.77
CA GLN A 23 0.23 9.32 8.58
C GLN A 23 -0.64 8.78 7.45
N ILE A 24 -0.59 7.47 7.28
CA ILE A 24 -1.36 6.81 6.23
C ILE A 24 -2.86 6.92 6.58
N ALA A 25 -3.13 7.01 7.87
CA ALA A 25 -4.50 7.12 8.34
C ALA A 25 -5.14 8.38 7.75
N MET A 26 -4.28 9.32 7.39
CA MET A 26 -4.75 10.58 6.82
C MET A 26 -4.83 10.50 5.29
N LEU A 27 -4.43 9.34 4.78
CA LEU A 27 -4.45 9.11 3.34
C LEU A 27 -5.79 8.49 2.94
N PRO A 28 -6.25 8.84 1.72
CA PRO A 28 -7.50 8.32 1.20
C PRO A 28 -7.36 6.86 0.75
N PRO A 29 -8.50 6.25 0.38
CA PRO A 29 -8.52 4.87 -0.06
C PRO A 29 -7.95 4.74 -1.47
N GLU A 30 -8.31 5.72 -2.31
CA GLU A 30 -7.84 5.72 -3.68
C GLU A 30 -6.33 5.97 -3.74
N GLN A 31 -5.78 6.27 -2.57
CA GLN A 31 -4.35 6.53 -2.48
C GLN A 31 -3.68 5.45 -1.61
N ARG A 32 -4.40 5.04 -0.57
CA ARG A 32 -3.89 4.03 0.33
C ARG A 32 -3.30 2.87 -0.46
N GLN A 33 -4.14 2.26 -1.28
CA GLN A 33 -3.71 1.13 -2.09
C GLN A 33 -2.51 1.53 -2.95
N SER A 34 -2.47 2.80 -3.31
CA SER A 34 -1.39 3.31 -4.13
C SER A 34 -0.04 2.86 -3.57
N ILE A 35 -0.01 2.64 -2.27
CA ILE A 35 1.20 2.20 -1.60
C ILE A 35 1.53 0.78 -2.05
N LEU A 36 0.47 -0.01 -2.23
CA LEU A 36 0.64 -1.39 -2.65
C LEU A 36 1.34 -1.42 -4.00
N ILE A 37 1.03 -0.42 -4.82
CA ILE A 37 1.62 -0.33 -6.15
C ILE A 37 3.08 0.09 -6.02
N LEU A 38 3.32 1.07 -5.15
CA LEU A 38 4.67 1.56 -4.92
C LEU A 38 5.52 0.44 -4.32
N LYS A 39 4.93 -0.23 -3.34
CA LYS A 39 5.63 -1.32 -2.67
C LYS A 39 5.80 -2.49 -3.63
N GLU A 40 4.77 -2.71 -4.44
CA GLU A 40 4.79 -3.79 -5.41
C GLU A 40 5.93 -3.57 -6.42
N GLN A 41 6.14 -2.30 -6.74
CA GLN A 41 7.19 -1.95 -7.69
C GLN A 41 8.57 -2.28 -7.11
N ILE A 42 8.70 -2.05 -5.81
CA ILE A 42 9.95 -2.31 -5.12
C ILE A 42 10.30 -3.79 -5.27
N GLN A 43 9.27 -4.62 -5.15
CA GLN A 43 9.47 -6.06 -5.27
C GLN A 43 9.93 -6.42 -6.69
N LYS A 44 9.47 -5.64 -7.65
CA LYS A 44 9.83 -5.86 -9.04
C LYS A 44 11.29 -5.44 -9.24
N SER A 45 12.10 -6.42 -9.62
CA SER A 45 13.51 -6.18 -9.85
C SER A 45 14.02 -7.09 -10.96
N THR A 46 13.76 -8.38 -10.81
CA THR A 46 14.18 -9.37 -11.78
C THR A 46 13.02 -10.30 -12.15
N GLY A 47 12.31 -9.94 -13.20
CA GLY A 47 11.18 -10.72 -13.65
C GLY A 47 9.91 -10.34 -12.90
N ALA A 48 9.14 -11.36 -12.54
CA ALA A 48 7.90 -11.14 -11.81
C ALA A 48 7.80 -12.16 -10.67
N PRO A 49 7.03 -11.77 -9.63
CA PRO A 49 6.84 -12.64 -8.47
C PRO A 49 5.89 -13.78 -8.80
N HIS A 1 -14.30 -4.69 -8.41
CA HIS A 1 -13.38 -3.80 -7.71
C HIS A 1 -12.76 -4.54 -6.52
N MET A 2 -11.45 -4.55 -6.50
CA MET A 2 -10.71 -5.21 -5.43
C MET A 2 -11.31 -4.85 -4.07
N THR A 3 -11.65 -5.89 -3.31
CA THR A 3 -12.24 -5.70 -2.00
C THR A 3 -11.41 -4.68 -1.19
N PRO A 4 -11.93 -4.37 0.02
CA PRO A 4 -11.26 -3.41 0.89
C PRO A 4 -10.02 -4.04 1.54
N GLN A 5 -9.95 -5.36 1.46
CA GLN A 5 -8.83 -6.09 2.03
C GLN A 5 -7.56 -5.81 1.24
N ASP A 6 -7.71 -5.80 -0.08
CA ASP A 6 -6.59 -5.54 -0.96
C ASP A 6 -6.15 -4.08 -0.82
N HIS A 7 -7.13 -3.22 -0.66
CA HIS A 7 -6.87 -1.79 -0.51
C HIS A 7 -6.16 -1.54 0.82
N GLU A 8 -6.40 -2.44 1.77
CA GLU A 8 -5.80 -2.33 3.08
C GLU A 8 -4.39 -2.95 3.07
N LYS A 9 -3.94 -3.31 1.88
CA LYS A 9 -2.63 -3.91 1.72
C LYS A 9 -1.56 -2.87 2.06
N ALA A 10 -1.95 -1.61 1.95
CA ALA A 10 -1.03 -0.52 2.25
C ALA A 10 -0.72 -0.52 3.75
N ALA A 11 -1.71 -0.90 4.53
CA ALA A 11 -1.56 -0.95 5.97
C ALA A 11 -0.40 -1.89 6.32
N LEU A 12 -0.29 -2.95 5.55
CA LEU A 12 0.77 -3.93 5.77
C LEU A 12 2.13 -3.28 5.50
N ILE A 13 2.13 -2.36 4.53
CA ILE A 13 3.34 -1.67 4.17
C ILE A 13 3.46 -0.39 4.99
N MET A 14 2.33 0.02 5.56
CA MET A 14 2.29 1.23 6.37
C MET A 14 3.26 1.13 7.55
N GLN A 15 3.38 -0.08 8.07
CA GLN A 15 4.26 -0.33 9.20
C GLN A 15 5.72 -0.06 8.80
N VAL A 16 6.10 -0.65 7.67
CA VAL A 16 7.45 -0.48 7.17
C VAL A 16 7.64 0.94 6.66
N LEU A 17 6.55 1.48 6.11
CA LEU A 17 6.58 2.84 5.58
C LEU A 17 7.06 3.80 6.66
N GLN A 18 6.11 4.27 7.46
CA GLN A 18 6.42 5.19 8.54
C GLN A 18 6.37 4.46 9.89
N LEU A 19 5.50 3.47 9.96
CA LEU A 19 5.34 2.69 11.17
C LEU A 19 4.17 3.25 11.98
N THR A 20 3.18 3.74 11.26
CA THR A 20 1.99 4.31 11.88
C THR A 20 0.80 4.25 10.93
N ALA A 21 -0.32 3.77 11.46
CA ALA A 21 -1.53 3.65 10.67
C ALA A 21 -2.25 5.01 10.64
N ASP A 22 -1.96 5.82 11.65
CA ASP A 22 -2.56 7.13 11.74
C ASP A 22 -2.16 7.96 10.53
N GLN A 23 -0.90 7.81 10.14
CA GLN A 23 -0.38 8.54 8.99
C GLN A 23 -1.08 8.08 7.71
N ILE A 24 -1.23 6.77 7.59
CA ILE A 24 -1.87 6.19 6.42
C ILE A 24 -3.37 6.42 6.50
N ALA A 25 -3.86 6.51 7.73
CA ALA A 25 -5.28 6.74 7.96
C ALA A 25 -5.68 8.08 7.36
N MET A 26 -4.69 8.94 7.19
CA MET A 26 -4.93 10.26 6.62
C MET A 26 -4.95 10.20 5.09
N LEU A 27 -4.63 9.02 4.57
CA LEU A 27 -4.61 8.82 3.14
C LEU A 27 -6.03 8.65 2.63
N PRO A 28 -6.29 9.21 1.42
CA PRO A 28 -7.61 9.13 0.82
C PRO A 28 -7.85 7.72 0.24
N PRO A 29 -9.11 7.52 -0.24
CA PRO A 29 -9.49 6.24 -0.82
C PRO A 29 -8.88 6.06 -2.21
N GLU A 30 -8.22 4.93 -2.39
CA GLU A 30 -7.60 4.62 -3.67
C GLU A 30 -6.12 5.05 -3.65
N GLN A 31 -5.80 5.91 -2.68
CA GLN A 31 -4.44 6.40 -2.55
C GLN A 31 -3.61 5.44 -1.68
N ARG A 32 -4.31 4.81 -0.74
CA ARG A 32 -3.66 3.88 0.17
C ARG A 32 -3.05 2.71 -0.61
N GLN A 33 -3.93 1.97 -1.28
CA GLN A 33 -3.48 0.83 -2.07
C GLN A 33 -2.33 1.24 -2.98
N SER A 34 -2.24 2.53 -3.24
CA SER A 34 -1.18 3.05 -4.10
C SER A 34 0.18 2.56 -3.61
N ILE A 35 0.28 2.39 -2.29
CA ILE A 35 1.52 1.93 -1.69
C ILE A 35 1.81 0.51 -2.17
N LEU A 36 0.76 -0.28 -2.26
CA LEU A 36 0.89 -1.66 -2.71
C LEU A 36 1.48 -1.68 -4.12
N ILE A 37 1.12 -0.67 -4.90
CA ILE A 37 1.61 -0.56 -6.26
C ILE A 37 3.08 -0.17 -6.24
N LEU A 38 3.39 0.81 -5.40
CA LEU A 38 4.75 1.29 -5.28
C LEU A 38 5.63 0.19 -4.68
N LYS A 39 5.02 -0.58 -3.78
CA LYS A 39 5.72 -1.67 -3.13
C LYS A 39 6.18 -2.68 -4.18
N GLU A 40 5.29 -2.92 -5.13
CA GLU A 40 5.59 -3.87 -6.20
C GLU A 40 6.79 -3.38 -7.02
N GLN A 41 6.89 -2.07 -7.15
CA GLN A 41 7.98 -1.47 -7.90
C GLN A 41 9.31 -1.75 -7.20
N ILE A 42 9.29 -1.69 -5.87
CA ILE A 42 10.48 -1.93 -5.08
C ILE A 42 11.00 -3.34 -5.37
N GLN A 43 10.06 -4.26 -5.53
CA GLN A 43 10.41 -5.64 -5.81
C GLN A 43 11.11 -5.75 -7.17
N LYS A 44 10.56 -5.04 -8.14
CA LYS A 44 11.12 -5.04 -9.48
C LYS A 44 11.53 -6.47 -9.86
N SER A 45 10.58 -7.38 -9.73
CA SER A 45 10.83 -8.78 -10.05
C SER A 45 9.56 -9.43 -10.58
N THR A 46 9.62 -9.81 -11.85
CA THR A 46 8.47 -10.45 -12.49
C THR A 46 7.27 -9.51 -12.49
N GLY A 47 6.98 -8.96 -13.66
CA GLY A 47 5.87 -8.05 -13.80
C GLY A 47 4.62 -8.79 -14.28
N ALA A 48 3.86 -9.28 -13.31
CA ALA A 48 2.63 -10.01 -13.61
C ALA A 48 1.88 -9.30 -14.73
N PRO A 49 1.59 -10.06 -15.82
CA PRO A 49 0.88 -9.51 -16.96
C PRO A 49 -0.60 -9.35 -16.64
N HIS A 1 -15.83 -3.59 -8.39
CA HIS A 1 -15.15 -2.64 -7.51
C HIS A 1 -14.20 -3.41 -6.58
N MET A 2 -12.92 -3.19 -6.80
CA MET A 2 -11.89 -3.84 -6.00
C MET A 2 -12.33 -3.96 -4.54
N THR A 3 -12.55 -5.20 -4.12
CA THR A 3 -12.97 -5.46 -2.76
C THR A 3 -12.18 -4.60 -1.77
N PRO A 4 -12.68 -4.57 -0.51
CA PRO A 4 -12.01 -3.79 0.53
C PRO A 4 -10.74 -4.49 1.01
N GLN A 5 -10.61 -5.75 0.62
CA GLN A 5 -9.45 -6.54 1.00
C GLN A 5 -8.21 -6.05 0.25
N ASP A 6 -8.42 -5.73 -1.02
CA ASP A 6 -7.33 -5.26 -1.85
C ASP A 6 -6.84 -3.90 -1.34
N HIS A 7 -7.80 -3.10 -0.89
CA HIS A 7 -7.48 -1.79 -0.37
C HIS A 7 -6.72 -1.93 0.95
N GLU A 8 -6.95 -3.04 1.62
CA GLU A 8 -6.27 -3.30 2.88
C GLU A 8 -4.92 -3.96 2.63
N LYS A 9 -4.52 -3.98 1.37
CA LYS A 9 -3.25 -4.57 0.98
C LYS A 9 -2.11 -3.70 1.52
N ALA A 10 -2.43 -2.44 1.76
CA ALA A 10 -1.45 -1.50 2.27
C ALA A 10 -0.99 -1.95 3.66
N ALA A 11 -1.92 -2.58 4.37
CA ALA A 11 -1.63 -3.07 5.71
C ALA A 11 -0.38 -3.96 5.67
N LEU A 12 -0.23 -4.66 4.56
CA LEU A 12 0.91 -5.55 4.39
C LEU A 12 2.19 -4.72 4.32
N ILE A 13 2.04 -3.49 3.84
CA ILE A 13 3.16 -2.59 3.73
C ILE A 13 3.01 -1.45 4.73
N MET A 14 2.02 -1.59 5.59
CA MET A 14 1.75 -0.59 6.61
C MET A 14 2.89 -0.52 7.63
N GLN A 15 3.49 -1.68 7.87
CA GLN A 15 4.59 -1.77 8.82
C GLN A 15 5.76 -0.89 8.36
N VAL A 16 6.00 -0.90 7.07
CA VAL A 16 7.08 -0.12 6.50
C VAL A 16 6.70 1.37 6.54
N LEU A 17 5.45 1.64 6.19
CA LEU A 17 4.95 3.00 6.19
C LEU A 17 4.23 3.27 7.51
N GLN A 18 4.60 2.51 8.53
CA GLN A 18 3.99 2.66 9.84
C GLN A 18 4.82 3.62 10.69
N LEU A 19 5.96 4.02 10.14
CA LEU A 19 6.85 4.95 10.84
C LEU A 19 6.00 5.98 11.59
N THR A 20 4.85 6.29 11.01
CA THR A 20 3.95 7.25 11.61
C THR A 20 2.52 6.72 11.63
N ALA A 21 2.07 6.28 10.46
CA ALA A 21 0.72 5.74 10.33
C ALA A 21 -0.25 6.88 10.08
N ASP A 22 0.17 8.07 10.47
CA ASP A 22 -0.67 9.26 10.30
C ASP A 22 -0.82 9.55 8.80
N GLN A 23 0.26 9.33 8.07
CA GLN A 23 0.26 9.56 6.63
C GLN A 23 -0.65 8.54 5.93
N ILE A 24 -0.49 7.29 6.33
CA ILE A 24 -1.28 6.22 5.76
C ILE A 24 -2.71 6.31 6.27
N ALA A 25 -2.83 6.59 7.55
CA ALA A 25 -4.13 6.72 8.18
C ALA A 25 -4.88 7.89 7.56
N MET A 26 -4.14 8.96 7.29
CA MET A 26 -4.72 10.15 6.70
C MET A 26 -4.91 9.97 5.20
N LEU A 27 -4.37 8.88 4.69
CA LEU A 27 -4.47 8.59 3.27
C LEU A 27 -5.84 7.96 2.98
N PRO A 28 -6.34 8.22 1.74
CA PRO A 28 -7.63 7.69 1.33
C PRO A 28 -7.52 6.20 1.01
N PRO A 29 -8.70 5.58 0.75
CA PRO A 29 -8.76 4.16 0.41
C PRO A 29 -8.27 3.92 -1.01
N GLU A 30 -8.57 4.87 -1.88
CA GLU A 30 -8.17 4.77 -3.28
C GLU A 30 -6.68 5.05 -3.42
N GLN A 31 -6.05 5.32 -2.29
CA GLN A 31 -4.62 5.62 -2.28
C GLN A 31 -3.88 4.60 -1.40
N ARG A 32 -4.52 4.24 -0.30
CA ARG A 32 -3.94 3.30 0.63
C ARG A 32 -3.20 2.20 -0.12
N GLN A 33 -3.93 1.53 -1.01
CA GLN A 33 -3.36 0.46 -1.80
C GLN A 33 -2.22 0.99 -2.67
N SER A 34 -2.39 2.22 -3.12
CA SER A 34 -1.38 2.86 -3.96
C SER A 34 0.01 2.61 -3.38
N ILE A 35 0.07 2.52 -2.06
CA ILE A 35 1.33 2.30 -1.37
C ILE A 35 1.89 0.93 -1.80
N LEU A 36 0.99 -0.03 -1.92
CA LEU A 36 1.38 -1.37 -2.31
C LEU A 36 2.05 -1.31 -3.68
N ILE A 37 1.54 -0.44 -4.52
CA ILE A 37 2.09 -0.27 -5.86
C ILE A 37 3.45 0.42 -5.77
N LEU A 38 3.50 1.46 -4.96
CA LEU A 38 4.73 2.22 -4.78
C LEU A 38 5.77 1.34 -4.10
N LYS A 39 5.32 0.63 -3.07
CA LYS A 39 6.20 -0.25 -2.32
C LYS A 39 6.58 -1.45 -3.21
N GLU A 40 5.60 -1.89 -3.99
CA GLU A 40 5.82 -3.02 -4.89
C GLU A 40 6.90 -2.69 -5.91
N GLN A 41 6.90 -1.43 -6.33
CA GLN A 41 7.86 -0.97 -7.32
C GLN A 41 9.29 -1.11 -6.76
N ILE A 42 9.42 -0.79 -5.49
CA ILE A 42 10.71 -0.87 -4.82
C ILE A 42 11.22 -2.31 -4.88
N GLN A 43 10.30 -3.23 -4.66
CA GLN A 43 10.63 -4.65 -4.67
C GLN A 43 11.09 -5.06 -6.07
N LYS A 44 10.36 -4.58 -7.07
CA LYS A 44 10.69 -4.89 -8.46
C LYS A 44 10.97 -6.39 -8.58
N SER A 45 11.61 -6.75 -9.69
CA SER A 45 11.94 -8.14 -9.94
C SER A 45 10.76 -9.04 -9.58
N THR A 46 9.85 -9.17 -10.53
CA THR A 46 8.66 -9.98 -10.33
C THR A 46 8.66 -11.17 -11.30
N GLY A 47 8.57 -12.36 -10.73
CA GLY A 47 8.56 -13.58 -11.53
C GLY A 47 7.23 -13.73 -12.27
N ALA A 48 7.34 -14.10 -13.54
CA ALA A 48 6.16 -14.27 -14.36
C ALA A 48 5.16 -13.16 -14.08
N PRO A 49 5.37 -12.01 -14.78
CA PRO A 49 4.49 -10.86 -14.61
C PRO A 49 3.15 -11.08 -15.31
N HIS A 1 -13.65 -5.15 -8.85
CA HIS A 1 -13.52 -4.23 -7.73
C HIS A 1 -12.64 -4.86 -6.65
N MET A 2 -11.34 -4.67 -6.81
CA MET A 2 -10.38 -5.21 -5.86
C MET A 2 -10.92 -5.10 -4.43
N THR A 3 -11.09 -6.26 -3.81
CA THR A 3 -11.59 -6.31 -2.44
C THR A 3 -10.91 -5.25 -1.58
N PRO A 4 -11.47 -5.05 -0.36
CA PRO A 4 -10.93 -4.07 0.56
C PRO A 4 -9.63 -4.58 1.20
N GLN A 5 -9.38 -5.87 1.02
CA GLN A 5 -8.19 -6.49 1.58
C GLN A 5 -6.95 -6.02 0.80
N ASP A 6 -7.12 -5.91 -0.50
CA ASP A 6 -6.02 -5.48 -1.36
C ASP A 6 -5.72 -4.01 -1.09
N HIS A 7 -6.79 -3.24 -0.89
CA HIS A 7 -6.66 -1.82 -0.63
C HIS A 7 -5.99 -1.62 0.74
N GLU A 8 -6.19 -2.60 1.61
CA GLU A 8 -5.62 -2.54 2.95
C GLU A 8 -4.17 -3.04 2.93
N LYS A 9 -3.69 -3.29 1.72
CA LYS A 9 -2.31 -3.77 1.56
C LYS A 9 -1.34 -2.69 2.01
N ALA A 10 -1.82 -1.45 1.98
CA ALA A 10 -1.00 -0.31 2.39
C ALA A 10 -0.76 -0.38 3.90
N ALA A 11 -1.76 -0.88 4.61
CA ALA A 11 -1.67 -1.01 6.05
C ALA A 11 -0.48 -1.91 6.41
N LEU A 12 -0.29 -2.94 5.60
CA LEU A 12 0.79 -3.87 5.81
C LEU A 12 2.13 -3.17 5.54
N ILE A 13 2.10 -2.29 4.55
CA ILE A 13 3.30 -1.55 4.18
C ILE A 13 3.40 -0.29 5.05
N MET A 14 2.28 0.09 5.63
CA MET A 14 2.23 1.26 6.49
C MET A 14 3.18 1.11 7.67
N GLN A 15 3.30 -0.13 8.14
CA GLN A 15 4.17 -0.43 9.26
C GLN A 15 5.63 -0.12 8.91
N VAL A 16 6.03 -0.61 7.75
CA VAL A 16 7.39 -0.40 7.29
C VAL A 16 7.58 1.07 6.93
N LEU A 17 6.50 1.66 6.41
CA LEU A 17 6.54 3.06 6.02
C LEU A 17 7.00 3.91 7.21
N GLN A 18 6.03 4.35 8.00
CA GLN A 18 6.33 5.17 9.16
C GLN A 18 6.19 4.34 10.44
N LEU A 19 5.36 3.31 10.36
CA LEU A 19 5.13 2.44 11.50
C LEU A 19 3.88 2.90 12.25
N THR A 20 3.12 3.76 11.58
CA THR A 20 1.90 4.29 12.17
C THR A 20 0.83 4.49 11.09
N ALA A 21 -0.34 3.91 11.34
CA ALA A 21 -1.44 4.03 10.41
C ALA A 21 -2.12 5.38 10.59
N ASP A 22 -1.57 6.17 11.50
CA ASP A 22 -2.11 7.49 11.78
C ASP A 22 -1.93 8.38 10.55
N GLN A 23 -0.71 8.37 10.04
CA GLN A 23 -0.38 9.18 8.86
C GLN A 23 -1.07 8.61 7.62
N ILE A 24 -1.08 7.30 7.53
CA ILE A 24 -1.71 6.61 6.41
C ILE A 24 -3.23 6.75 6.53
N ALA A 25 -3.69 6.82 7.76
CA ALA A 25 -5.11 6.94 8.04
C ALA A 25 -5.63 8.25 7.42
N MET A 26 -4.74 9.21 7.33
CA MET A 26 -5.09 10.51 6.76
C MET A 26 -5.09 10.46 5.23
N LEU A 27 -4.67 9.32 4.71
CA LEU A 27 -4.61 9.12 3.27
C LEU A 27 -5.93 8.53 2.79
N PRO A 28 -6.29 8.87 1.53
CA PRO A 28 -7.53 8.37 0.94
C PRO A 28 -7.40 6.90 0.55
N PRO A 29 -8.55 6.32 0.14
CA PRO A 29 -8.59 4.92 -0.26
C PRO A 29 -7.97 4.74 -1.64
N GLU A 30 -8.19 5.73 -2.50
CA GLU A 30 -7.66 5.68 -3.85
C GLU A 30 -6.15 5.91 -3.83
N GLN A 31 -5.63 6.15 -2.64
CA GLN A 31 -4.20 6.39 -2.48
C GLN A 31 -3.59 5.30 -1.60
N ARG A 32 -4.35 4.88 -0.59
CA ARG A 32 -3.90 3.85 0.32
C ARG A 32 -3.25 2.70 -0.44
N GLN A 33 -4.02 2.13 -1.36
CA GLN A 33 -3.54 1.03 -2.17
C GLN A 33 -2.33 1.47 -3.00
N SER A 34 -2.30 2.76 -3.31
CA SER A 34 -1.21 3.32 -4.09
C SER A 34 0.13 2.78 -3.58
N ILE A 35 0.20 2.58 -2.27
CA ILE A 35 1.41 2.07 -1.65
C ILE A 35 1.70 0.67 -2.21
N LEU A 36 0.65 -0.11 -2.34
CA LEU A 36 0.79 -1.47 -2.85
C LEU A 36 1.35 -1.41 -4.28
N ILE A 37 0.88 -0.44 -5.03
CA ILE A 37 1.32 -0.27 -6.40
C ILE A 37 2.81 0.08 -6.41
N LEU A 38 3.17 1.06 -5.59
CA LEU A 38 4.55 1.50 -5.49
C LEU A 38 5.38 0.39 -4.84
N LYS A 39 4.75 -0.31 -3.91
CA LYS A 39 5.43 -1.39 -3.21
C LYS A 39 5.82 -2.48 -4.21
N GLU A 40 4.95 -2.68 -5.19
CA GLU A 40 5.19 -3.67 -6.21
C GLU A 40 6.46 -3.34 -7.00
N GLN A 41 6.69 -2.04 -7.15
CA GLN A 41 7.86 -1.57 -7.88
C GLN A 41 9.14 -2.06 -7.19
N ILE A 42 9.11 -2.03 -5.87
CA ILE A 42 10.25 -2.46 -5.08
C ILE A 42 10.54 -3.93 -5.37
N GLN A 43 9.46 -4.70 -5.46
CA GLN A 43 9.59 -6.12 -5.74
C GLN A 43 10.18 -6.35 -7.13
N LYS A 44 9.70 -5.56 -8.08
CA LYS A 44 10.16 -5.67 -9.44
C LYS A 44 9.58 -6.92 -10.08
N SER A 45 8.28 -6.90 -10.29
CA SER A 45 7.59 -8.03 -10.89
C SER A 45 6.27 -7.58 -11.51
N THR A 46 5.63 -8.50 -12.22
CA THR A 46 4.36 -8.20 -12.87
C THR A 46 3.22 -8.31 -11.87
N GLY A 47 2.08 -7.73 -12.24
CA GLY A 47 0.91 -7.76 -11.38
C GLY A 47 -0.38 -7.76 -12.22
N ALA A 48 -1.48 -7.48 -11.55
CA ALA A 48 -2.77 -7.46 -12.21
C ALA A 48 -2.73 -6.42 -13.33
N PRO A 49 -3.70 -6.56 -14.28
CA PRO A 49 -3.78 -5.65 -15.41
C PRO A 49 -4.35 -4.30 -14.98
N HIS A 1 -15.08 -1.60 -8.42
CA HIS A 1 -13.72 -1.19 -8.10
C HIS A 1 -13.08 -2.20 -7.14
N MET A 2 -11.76 -2.27 -7.19
CA MET A 2 -11.03 -3.19 -6.34
C MET A 2 -11.66 -3.27 -4.95
N THR A 3 -12.05 -4.48 -4.59
CA THR A 3 -12.66 -4.71 -3.29
C THR A 3 -11.90 -3.97 -2.19
N PRO A 4 -12.51 -3.94 -0.98
CA PRO A 4 -11.89 -3.28 0.15
C PRO A 4 -10.74 -4.11 0.72
N GLN A 5 -10.78 -5.40 0.41
CA GLN A 5 -9.75 -6.31 0.89
C GLN A 5 -8.43 -6.02 0.17
N ASP A 6 -8.53 -5.75 -1.12
CA ASP A 6 -7.36 -5.45 -1.92
C ASP A 6 -6.73 -4.14 -1.46
N HIS A 7 -7.61 -3.20 -1.10
CA HIS A 7 -7.16 -1.90 -0.64
C HIS A 7 -6.47 -2.05 0.72
N GLU A 8 -6.85 -3.10 1.43
CA GLU A 8 -6.27 -3.37 2.73
C GLU A 8 -4.92 -4.07 2.59
N LYS A 9 -4.48 -4.17 1.35
CA LYS A 9 -3.20 -4.81 1.05
C LYS A 9 -2.07 -3.98 1.66
N ALA A 10 -2.36 -2.71 1.86
CA ALA A 10 -1.38 -1.80 2.44
C ALA A 10 -1.06 -2.23 3.87
N ALA A 11 -2.05 -2.86 4.49
CA ALA A 11 -1.88 -3.34 5.86
C ALA A 11 -0.61 -4.18 5.95
N LEU A 12 -0.33 -4.88 4.86
CA LEU A 12 0.85 -5.73 4.81
C LEU A 12 2.11 -4.86 4.84
N ILE A 13 1.97 -3.65 4.29
CA ILE A 13 3.08 -2.72 4.25
C ILE A 13 2.82 -1.58 5.25
N MET A 14 1.81 -1.79 6.08
CA MET A 14 1.45 -0.79 7.07
C MET A 14 2.55 -0.64 8.12
N GLN A 15 3.08 -1.78 8.55
CA GLN A 15 4.13 -1.79 9.55
C GLN A 15 5.35 -1.04 9.04
N VAL A 16 5.64 -1.25 7.75
CA VAL A 16 6.78 -0.61 7.13
C VAL A 16 6.49 0.89 6.97
N LEU A 17 5.27 1.18 6.54
CA LEU A 17 4.85 2.55 6.34
C LEU A 17 4.13 3.06 7.60
N GLN A 18 4.42 2.39 8.71
CA GLN A 18 3.81 2.76 9.97
C GLN A 18 4.71 3.74 10.73
N LEU A 19 5.88 3.98 10.16
CA LEU A 19 6.83 4.90 10.77
C LEU A 19 6.07 6.06 11.42
N THR A 20 4.96 6.42 10.80
CA THR A 20 4.14 7.51 11.31
C THR A 20 2.66 7.09 11.32
N ALA A 21 2.20 6.59 10.18
CA ALA A 21 0.82 6.16 10.06
C ALA A 21 -0.05 7.36 9.67
N ASP A 22 0.40 8.53 10.10
CA ASP A 22 -0.34 9.75 9.80
C ASP A 22 -0.41 9.93 8.28
N GLN A 23 0.67 9.60 7.61
CA GLN A 23 0.73 9.71 6.16
C GLN A 23 -0.23 8.72 5.51
N ILE A 24 -0.18 7.49 6.00
CA ILE A 24 -1.04 6.45 5.47
C ILE A 24 -2.49 6.73 5.88
N ALA A 25 -2.65 7.13 7.13
CA ALA A 25 -3.98 7.43 7.65
C ALA A 25 -4.48 8.73 7.00
N MET A 26 -3.55 9.52 6.51
CA MET A 26 -3.88 10.77 5.87
C MET A 26 -4.55 10.55 4.51
N LEU A 27 -4.29 9.37 3.96
CA LEU A 27 -4.85 9.02 2.67
C LEU A 27 -6.07 8.11 2.88
N PRO A 28 -6.94 8.06 1.84
CA PRO A 28 -8.13 7.25 1.90
C PRO A 28 -7.80 5.76 1.74
N PRO A 29 -8.85 4.92 1.89
CA PRO A 29 -8.67 3.48 1.76
C PRO A 29 -8.52 3.08 0.30
N GLU A 30 -9.27 3.76 -0.56
CA GLU A 30 -9.24 3.48 -1.98
C GLU A 30 -7.92 3.99 -2.58
N GLN A 31 -7.10 4.58 -1.72
CA GLN A 31 -5.82 5.11 -2.16
C GLN A 31 -4.69 4.40 -1.42
N ARG A 32 -4.95 4.07 -0.17
CA ARG A 32 -3.96 3.39 0.65
C ARG A 32 -3.19 2.37 -0.18
N GLN A 33 -3.94 1.54 -0.89
CA GLN A 33 -3.33 0.53 -1.74
C GLN A 33 -2.10 1.09 -2.44
N SER A 34 -2.11 2.40 -2.63
CA SER A 34 -1.00 3.07 -3.30
C SER A 34 0.33 2.56 -2.73
N ILE A 35 0.32 2.28 -1.44
CA ILE A 35 1.50 1.78 -0.76
C ILE A 35 1.93 0.46 -1.40
N LEU A 36 0.93 -0.33 -1.77
CA LEU A 36 1.19 -1.62 -2.38
C LEU A 36 1.82 -1.41 -3.77
N ILE A 37 1.32 -0.41 -4.46
CA ILE A 37 1.82 -0.08 -5.79
C ILE A 37 3.28 0.35 -5.68
N LEU A 38 3.54 1.24 -4.73
CA LEU A 38 4.88 1.74 -4.52
C LEU A 38 5.77 0.60 -4.02
N LYS A 39 5.18 -0.29 -3.24
CA LYS A 39 5.91 -1.42 -2.71
C LYS A 39 6.41 -2.29 -3.86
N GLU A 40 5.55 -2.46 -4.85
CA GLU A 40 5.90 -3.26 -6.01
C GLU A 40 7.08 -2.63 -6.75
N GLN A 41 7.00 -1.32 -6.93
CA GLN A 41 8.06 -0.60 -7.62
C GLN A 41 9.36 -0.68 -6.83
N ILE A 42 9.23 -0.60 -5.52
CA ILE A 42 10.39 -0.68 -4.64
C ILE A 42 11.10 -2.01 -4.85
N GLN A 43 10.30 -3.06 -4.99
CA GLN A 43 10.84 -4.39 -5.20
C GLN A 43 11.60 -4.45 -6.53
N LYS A 44 11.01 -3.83 -7.54
CA LYS A 44 11.62 -3.81 -8.86
C LYS A 44 11.68 -5.24 -9.41
N SER A 45 10.51 -5.75 -9.77
CA SER A 45 10.40 -7.09 -10.31
C SER A 45 10.06 -7.03 -11.79
N THR A 46 10.19 -8.18 -12.45
CA THR A 46 9.89 -8.27 -13.86
C THR A 46 8.41 -8.59 -14.08
N GLY A 47 7.57 -7.92 -13.30
CA GLY A 47 6.13 -8.12 -13.40
C GLY A 47 5.40 -6.79 -13.62
N ALA A 48 4.23 -6.90 -14.23
CA ALA A 48 3.43 -5.72 -14.51
C ALA A 48 4.07 -4.93 -15.65
N PRO A 49 3.22 -4.09 -16.31
CA PRO A 49 3.69 -3.28 -17.42
C PRO A 49 4.54 -2.10 -16.92
N HIS A 1 -13.91 -3.86 -8.32
CA HIS A 1 -13.97 -3.08 -7.09
C HIS A 1 -13.13 -3.76 -6.01
N MET A 2 -11.82 -3.71 -6.20
CA MET A 2 -10.90 -4.31 -5.25
C MET A 2 -11.38 -4.10 -3.81
N THR A 3 -11.64 -5.22 -3.14
CA THR A 3 -12.10 -5.17 -1.77
C THR A 3 -11.29 -4.16 -0.96
N PRO A 4 -11.79 -3.87 0.27
CA PRO A 4 -11.12 -2.92 1.15
C PRO A 4 -9.86 -3.54 1.77
N GLN A 5 -9.80 -4.86 1.69
CA GLN A 5 -8.66 -5.58 2.24
C GLN A 5 -7.41 -5.34 1.39
N ASP A 6 -7.63 -5.31 0.08
CA ASP A 6 -6.53 -5.08 -0.85
C ASP A 6 -6.00 -3.66 -0.66
N HIS A 7 -6.92 -2.73 -0.45
CA HIS A 7 -6.57 -1.34 -0.25
C HIS A 7 -5.80 -1.19 1.06
N GLU A 8 -6.06 -2.12 1.97
CA GLU A 8 -5.41 -2.10 3.27
C GLU A 8 -4.04 -2.79 3.18
N LYS A 9 -3.64 -3.11 1.96
CA LYS A 9 -2.38 -3.78 1.73
C LYS A 9 -1.24 -2.80 2.05
N ALA A 10 -1.57 -1.52 2.01
CA ALA A 10 -0.59 -0.49 2.28
C ALA A 10 -0.15 -0.59 3.75
N ALA A 11 -1.08 -1.00 4.59
CA ALA A 11 -0.80 -1.15 6.00
C ALA A 11 0.39 -2.09 6.19
N LEU A 12 0.46 -3.09 5.32
CA LEU A 12 1.53 -4.06 5.38
C LEU A 12 2.87 -3.35 5.17
N ILE A 13 2.83 -2.31 4.36
CA ILE A 13 4.02 -1.53 4.07
C ILE A 13 4.07 -0.31 4.99
N MET A 14 2.94 -0.04 5.61
CA MET A 14 2.83 1.10 6.53
C MET A 14 3.86 1.00 7.65
N GLN A 15 4.02 -0.21 8.16
CA GLN A 15 4.97 -0.46 9.22
C GLN A 15 6.41 -0.31 8.72
N VAL A 16 6.62 -0.77 7.50
CA VAL A 16 7.93 -0.70 6.88
C VAL A 16 8.34 0.77 6.75
N LEU A 17 7.35 1.61 6.50
CA LEU A 17 7.59 3.04 6.35
C LEU A 17 7.93 3.64 7.72
N GLN A 18 6.93 4.27 8.31
CA GLN A 18 7.12 4.89 9.61
C GLN A 18 6.43 4.06 10.69
N LEU A 19 5.37 3.38 10.29
CA LEU A 19 4.61 2.55 11.21
C LEU A 19 3.82 3.44 12.17
N THR A 20 2.55 3.65 11.82
CA THR A 20 1.68 4.48 12.62
C THR A 20 0.21 4.14 12.33
N ALA A 21 -0.09 3.99 11.05
CA ALA A 21 -1.44 3.67 10.62
C ALA A 21 -2.23 4.97 10.43
N ASP A 22 -1.94 5.92 11.31
CA ASP A 22 -2.62 7.21 11.24
C ASP A 22 -2.34 7.86 9.89
N GLN A 23 -1.12 7.68 9.42
CA GLN A 23 -0.72 8.24 8.14
C GLN A 23 -1.54 7.63 7.01
N ILE A 24 -1.76 6.33 7.12
CA ILE A 24 -2.52 5.61 6.12
C ILE A 24 -4.01 5.90 6.31
N ALA A 25 -4.37 6.19 7.55
CA ALA A 25 -5.74 6.50 7.88
C ALA A 25 -6.16 7.80 7.20
N MET A 26 -5.23 8.74 7.19
CA MET A 26 -5.48 10.03 6.57
C MET A 26 -5.40 9.95 5.04
N LEU A 27 -4.90 8.80 4.58
CA LEU A 27 -4.76 8.57 3.15
C LEU A 27 -6.09 8.07 2.59
N PRO A 28 -6.41 8.52 1.35
CA PRO A 28 -7.64 8.12 0.69
C PRO A 28 -7.54 6.67 0.18
N PRO A 29 -8.70 6.17 -0.32
CA PRO A 29 -8.76 4.81 -0.85
C PRO A 29 -8.07 4.73 -2.21
N GLU A 30 -8.22 5.79 -2.98
CA GLU A 30 -7.64 5.84 -4.30
C GLU A 30 -6.12 6.04 -4.20
N GLN A 31 -5.65 6.15 -2.97
CA GLN A 31 -4.23 6.34 -2.72
C GLN A 31 -3.68 5.20 -1.85
N ARG A 32 -4.51 4.78 -0.90
CA ARG A 32 -4.12 3.71 0.00
C ARG A 32 -3.53 2.54 -0.79
N GLN A 33 -4.32 2.06 -1.74
CA GLN A 33 -3.89 0.94 -2.58
C GLN A 33 -2.66 1.33 -3.40
N SER A 34 -2.52 2.63 -3.61
CA SER A 34 -1.41 3.15 -4.37
C SER A 34 -0.10 2.50 -3.90
N ILE A 35 -0.05 2.23 -2.61
CA ILE A 35 1.13 1.61 -2.02
C ILE A 35 1.32 0.22 -2.63
N LEU A 36 0.20 -0.44 -2.90
CA LEU A 36 0.23 -1.77 -3.48
C LEU A 36 0.90 -1.71 -4.85
N ILE A 37 0.59 -0.64 -5.58
CA ILE A 37 1.16 -0.45 -6.90
C ILE A 37 2.66 -0.17 -6.77
N LEU A 38 2.97 0.77 -5.89
CA LEU A 38 4.36 1.15 -5.68
C LEU A 38 5.10 -0.01 -5.00
N LYS A 39 4.34 -0.78 -4.24
CA LYS A 39 4.89 -1.92 -3.52
C LYS A 39 5.60 -2.83 -4.51
N GLU A 40 4.96 -3.02 -5.67
CA GLU A 40 5.51 -3.87 -6.70
C GLU A 40 6.84 -3.31 -7.20
N GLN A 41 6.89 -1.98 -7.29
CA GLN A 41 8.09 -1.30 -7.75
C GLN A 41 9.23 -1.49 -6.74
N ILE A 42 8.86 -1.44 -5.47
CA ILE A 42 9.84 -1.60 -4.40
C ILE A 42 10.40 -3.02 -4.45
N GLN A 43 9.52 -3.97 -4.69
CA GLN A 43 9.92 -5.37 -4.76
C GLN A 43 10.82 -5.60 -5.98
N LYS A 44 10.44 -5.00 -7.09
CA LYS A 44 11.21 -5.13 -8.32
C LYS A 44 11.16 -6.57 -8.80
N SER A 45 10.08 -6.90 -9.49
CA SER A 45 9.89 -8.24 -10.01
C SER A 45 9.42 -8.18 -11.47
N THR A 46 8.28 -7.55 -11.66
CA THR A 46 7.71 -7.41 -12.99
C THR A 46 7.50 -5.94 -13.33
N GLY A 47 7.60 -5.64 -14.62
CA GLY A 47 7.42 -4.27 -15.08
C GLY A 47 6.12 -4.14 -15.88
N ALA A 48 5.56 -2.94 -15.84
CA ALA A 48 4.33 -2.67 -16.55
C ALA A 48 3.74 -1.34 -16.04
N PRO A 49 3.57 -1.25 -14.69
CA PRO A 49 3.03 -0.06 -14.08
C PRO A 49 4.06 1.06 -14.06
N HIS A 1 -11.70 -4.20 -9.56
CA HIS A 1 -12.50 -3.93 -8.38
C HIS A 1 -11.66 -4.23 -7.13
N MET A 2 -11.22 -5.48 -7.03
CA MET A 2 -10.42 -5.90 -5.90
C MET A 2 -11.19 -5.73 -4.59
N THR A 3 -10.66 -6.36 -3.55
CA THR A 3 -11.29 -6.29 -2.23
C THR A 3 -10.68 -5.14 -1.42
N PRO A 4 -11.09 -5.07 -0.12
CA PRO A 4 -10.59 -4.03 0.77
C PRO A 4 -9.15 -4.31 1.18
N GLN A 5 -8.75 -5.57 1.01
CA GLN A 5 -7.40 -5.98 1.37
C GLN A 5 -6.39 -5.37 0.41
N ASP A 6 -6.77 -5.34 -0.86
CA ASP A 6 -5.90 -4.79 -1.89
C ASP A 6 -5.62 -3.32 -1.58
N HIS A 7 -6.69 -2.60 -1.27
CA HIS A 7 -6.57 -1.18 -0.94
C HIS A 7 -6.02 -1.02 0.47
N GLU A 8 -6.48 -1.90 1.36
CA GLU A 8 -6.05 -1.86 2.74
C GLU A 8 -4.68 -2.55 2.89
N LYS A 9 -4.14 -2.97 1.76
CA LYS A 9 -2.85 -3.63 1.74
C LYS A 9 -1.77 -2.62 2.14
N ALA A 10 -2.09 -1.35 1.96
CA ALA A 10 -1.16 -0.29 2.30
C ALA A 10 -0.96 -0.24 3.81
N ALA A 11 -2.01 -0.60 4.52
CA ALA A 11 -1.98 -0.61 5.98
C ALA A 11 -0.83 -1.51 6.44
N LEU A 12 -0.68 -2.63 5.74
CA LEU A 12 0.37 -3.58 6.08
C LEU A 12 1.72 -2.98 5.75
N ILE A 13 1.74 -2.17 4.69
CA ILE A 13 2.97 -1.52 4.26
C ILE A 13 3.16 -0.22 5.03
N MET A 14 2.04 0.28 5.57
CA MET A 14 2.07 1.51 6.33
C MET A 14 3.06 1.41 7.50
N GLN A 15 3.18 0.20 8.02
CA GLN A 15 4.08 -0.04 9.14
C GLN A 15 5.52 0.23 8.72
N VAL A 16 5.89 -0.32 7.58
CA VAL A 16 7.24 -0.14 7.05
C VAL A 16 7.41 1.31 6.59
N LEU A 17 6.33 1.88 6.12
CA LEU A 17 6.35 3.25 5.65
C LEU A 17 6.82 4.17 6.78
N GLN A 18 5.85 4.69 7.52
CA GLN A 18 6.16 5.57 8.64
C GLN A 18 5.97 4.84 9.96
N LEU A 19 5.21 3.75 9.91
CA LEU A 19 4.95 2.96 11.09
C LEU A 19 3.56 3.30 11.64
N THR A 20 3.42 4.56 12.04
CA THR A 20 2.16 5.03 12.58
C THR A 20 1.03 4.85 11.57
N ALA A 21 0.19 3.86 11.84
CA ALA A 21 -0.92 3.58 10.95
C ALA A 21 -1.83 4.79 10.87
N ASP A 22 -1.82 5.57 11.94
CA ASP A 22 -2.65 6.77 12.01
C ASP A 22 -2.25 7.71 10.87
N GLN A 23 -0.96 7.76 10.60
CA GLN A 23 -0.43 8.61 9.55
C GLN A 23 -1.01 8.20 8.20
N ILE A 24 -1.02 6.89 7.97
CA ILE A 24 -1.53 6.35 6.72
C ILE A 24 -3.06 6.41 6.74
N ALA A 25 -3.61 6.22 7.94
CA ALA A 25 -5.05 6.24 8.11
C ALA A 25 -5.59 7.62 7.71
N MET A 26 -4.70 8.59 7.75
CA MET A 26 -5.07 9.96 7.39
C MET A 26 -5.04 10.15 5.87
N LEU A 27 -4.56 9.12 5.19
CA LEU A 27 -4.47 9.17 3.74
C LEU A 27 -5.75 8.57 3.14
N PRO A 28 -6.02 8.96 1.86
CA PRO A 28 -7.20 8.47 1.17
C PRO A 28 -7.02 7.02 0.72
N PRO A 29 -8.16 6.38 0.36
CA PRO A 29 -8.14 5.00 -0.09
C PRO A 29 -7.58 4.89 -1.51
N GLU A 30 -7.92 5.88 -2.33
CA GLU A 30 -7.46 5.90 -3.70
C GLU A 30 -5.94 6.02 -3.75
N GLN A 31 -5.36 6.34 -2.60
CA GLN A 31 -3.92 6.47 -2.50
C GLN A 31 -3.31 5.26 -1.82
N ARG A 32 -4.02 4.75 -0.82
CA ARG A 32 -3.55 3.59 -0.08
C ARG A 32 -3.12 2.49 -1.05
N GLN A 33 -4.10 1.98 -1.78
CA GLN A 33 -3.84 0.92 -2.75
C GLN A 33 -2.63 1.28 -3.62
N SER A 34 -2.37 2.57 -3.70
CA SER A 34 -1.27 3.07 -4.50
C SER A 34 0.06 2.56 -3.93
N ILE A 35 0.11 2.51 -2.61
CA ILE A 35 1.31 2.04 -1.93
C ILE A 35 1.58 0.59 -2.31
N LEU A 36 0.49 -0.15 -2.45
CA LEU A 36 0.59 -1.56 -2.81
C LEU A 36 1.22 -1.68 -4.20
N ILE A 37 0.83 -0.75 -5.07
CA ILE A 37 1.35 -0.75 -6.43
C ILE A 37 2.85 -0.45 -6.39
N LEU A 38 3.20 0.58 -5.63
CA LEU A 38 4.59 0.99 -5.51
C LEU A 38 5.36 -0.09 -4.73
N LYS A 39 4.65 -0.72 -3.80
CA LYS A 39 5.26 -1.75 -2.98
C LYS A 39 5.71 -2.90 -3.89
N GLU A 40 4.80 -3.33 -4.75
CA GLU A 40 5.09 -4.41 -5.67
C GLU A 40 6.17 -4.00 -6.66
N GLN A 41 6.15 -2.73 -7.02
CA GLN A 41 7.12 -2.18 -7.96
C GLN A 41 8.54 -2.29 -7.38
N ILE A 42 8.61 -2.08 -6.07
CA ILE A 42 9.89 -2.15 -5.38
C ILE A 42 10.50 -3.54 -5.58
N GLN A 43 9.62 -4.53 -5.61
CA GLN A 43 10.06 -5.90 -5.80
C GLN A 43 10.79 -6.05 -7.14
N LYS A 44 10.23 -5.43 -8.16
CA LYS A 44 10.81 -5.48 -9.49
C LYS A 44 10.72 -6.91 -10.03
N SER A 45 9.64 -7.17 -10.76
CA SER A 45 9.42 -8.49 -11.33
C SER A 45 9.25 -8.38 -12.84
N THR A 46 10.15 -9.03 -13.56
CA THR A 46 10.11 -9.01 -15.01
C THR A 46 10.57 -10.36 -15.57
N GLY A 47 9.61 -11.27 -15.68
CA GLY A 47 9.89 -12.60 -16.19
C GLY A 47 10.03 -13.61 -15.06
N ALA A 48 11.09 -14.40 -15.15
CA ALA A 48 11.35 -15.42 -14.14
C ALA A 48 12.82 -15.36 -13.73
N PRO A 49 13.10 -15.87 -12.50
CA PRO A 49 14.45 -15.88 -11.98
C PRO A 49 15.30 -16.96 -12.66
N HIS A 1 -15.04 -4.25 -7.00
CA HIS A 1 -14.91 -3.31 -5.91
C HIS A 1 -13.97 -3.89 -4.85
N MET A 2 -12.70 -3.94 -5.20
CA MET A 2 -11.68 -4.47 -4.29
C MET A 2 -11.99 -4.06 -2.84
N THR A 3 -12.29 -5.06 -2.03
CA THR A 3 -12.60 -4.82 -0.64
C THR A 3 -11.61 -3.82 -0.04
N PRO A 4 -11.96 -3.33 1.18
CA PRO A 4 -11.12 -2.36 1.87
C PRO A 4 -9.88 -3.04 2.46
N GLN A 5 -9.93 -4.36 2.52
CA GLN A 5 -8.83 -5.15 3.05
C GLN A 5 -7.63 -5.10 2.10
N ASP A 6 -7.95 -5.18 0.81
CA ASP A 6 -6.92 -5.16 -0.21
C ASP A 6 -6.26 -3.78 -0.23
N HIS A 7 -7.08 -2.76 -0.04
CA HIS A 7 -6.59 -1.39 -0.02
C HIS A 7 -5.69 -1.18 1.19
N GLU A 8 -5.93 -1.98 2.23
CA GLU A 8 -5.16 -1.89 3.45
C GLU A 8 -3.85 -2.67 3.31
N LYS A 9 -3.63 -3.17 2.10
CA LYS A 9 -2.43 -3.94 1.83
C LYS A 9 -1.21 -3.03 1.95
N ALA A 10 -1.44 -1.74 1.79
CA ALA A 10 -0.38 -0.75 1.88
C ALA A 10 0.09 -0.66 3.33
N ALA A 11 -0.85 -0.86 4.25
CA ALA A 11 -0.55 -0.80 5.66
C ALA A 11 0.56 -1.81 6.00
N LEU A 12 0.50 -2.94 5.31
CA LEU A 12 1.47 -3.99 5.51
C LEU A 12 2.87 -3.43 5.23
N ILE A 13 2.93 -2.53 4.26
CA ILE A 13 4.19 -1.92 3.88
C ILE A 13 4.36 -0.60 4.64
N MET A 14 3.24 -0.02 5.01
CA MET A 14 3.25 1.24 5.75
C MET A 14 4.05 1.11 7.04
N GLN A 15 4.01 -0.09 7.61
CA GLN A 15 4.72 -0.36 8.84
C GLN A 15 6.22 -0.13 8.65
N VAL A 16 6.71 -0.49 7.48
CA VAL A 16 8.12 -0.32 7.17
C VAL A 16 8.47 1.17 7.19
N LEU A 17 7.49 1.98 6.82
CA LEU A 17 7.68 3.42 6.80
C LEU A 17 7.80 3.93 8.24
N GLN A 18 6.71 4.48 8.74
CA GLN A 18 6.68 5.00 10.09
C GLN A 18 5.90 4.06 11.02
N LEU A 19 4.88 3.44 10.46
CA LEU A 19 4.06 2.51 11.23
C LEU A 19 2.96 3.30 11.95
N THR A 20 1.81 3.39 11.29
CA THR A 20 0.68 4.10 11.85
C THR A 20 -0.52 4.04 10.91
N ALA A 21 -1.51 3.24 11.31
CA ALA A 21 -2.71 3.08 10.51
C ALA A 21 -3.40 4.44 10.37
N ASP A 22 -3.12 5.31 11.31
CA ASP A 22 -3.71 6.64 11.30
C ASP A 22 -3.31 7.37 10.02
N GLN A 23 -2.06 7.15 9.63
CA GLN A 23 -1.53 7.78 8.43
C GLN A 23 -2.25 7.25 7.19
N ILE A 24 -2.52 5.95 7.21
CA ILE A 24 -3.21 5.30 6.10
C ILE A 24 -4.68 5.67 6.15
N ALA A 25 -5.15 5.99 7.34
CA ALA A 25 -6.54 6.36 7.54
C ALA A 25 -6.79 7.73 6.92
N MET A 26 -5.78 8.58 7.02
CA MET A 26 -5.88 9.93 6.48
C MET A 26 -5.62 9.93 4.98
N LEU A 27 -5.21 8.77 4.48
CA LEU A 27 -4.93 8.63 3.06
C LEU A 27 -6.24 8.54 2.29
N PRO A 28 -6.23 9.15 1.07
CA PRO A 28 -7.41 9.14 0.22
C PRO A 28 -7.62 7.77 -0.42
N PRO A 29 -8.77 7.64 -1.13
CA PRO A 29 -9.10 6.39 -1.80
C PRO A 29 -8.26 6.21 -3.06
N GLU A 30 -7.63 5.03 -3.15
CA GLU A 30 -6.79 4.72 -4.29
C GLU A 30 -5.34 5.11 -4.01
N GLN A 31 -5.18 5.91 -2.97
CA GLN A 31 -3.84 6.36 -2.58
C GLN A 31 -3.23 5.41 -1.56
N ARG A 32 -4.09 4.79 -0.78
CA ARG A 32 -3.65 3.85 0.24
C ARG A 32 -2.91 2.68 -0.40
N GLN A 33 -3.65 1.92 -1.19
CA GLN A 33 -3.08 0.77 -1.87
C GLN A 33 -1.92 1.21 -2.76
N SER A 34 -1.85 2.51 -3.00
CA SER A 34 -0.80 3.08 -3.84
C SER A 34 0.56 2.52 -3.40
N ILE A 35 0.71 2.34 -2.10
CA ILE A 35 1.95 1.81 -1.56
C ILE A 35 2.19 0.41 -2.12
N LEU A 36 1.12 -0.37 -2.17
CA LEU A 36 1.21 -1.73 -2.68
C LEU A 36 1.68 -1.69 -4.14
N ILE A 37 1.25 -0.64 -4.83
CA ILE A 37 1.62 -0.48 -6.23
C ILE A 37 3.10 -0.13 -6.33
N LEU A 38 3.51 0.83 -5.50
CA LEU A 38 4.89 1.26 -5.48
C LEU A 38 5.78 0.12 -4.99
N LYS A 39 5.23 -0.66 -4.07
CA LYS A 39 5.96 -1.78 -3.50
C LYS A 39 6.29 -2.77 -4.62
N GLU A 40 5.35 -2.90 -5.54
CA GLU A 40 5.54 -3.81 -6.67
C GLU A 40 6.76 -3.40 -7.49
N GLN A 41 6.96 -2.09 -7.58
CA GLN A 41 8.09 -1.56 -8.33
C GLN A 41 9.41 -1.95 -7.65
N ILE A 42 9.39 -1.91 -6.33
CA ILE A 42 10.57 -2.24 -5.55
C ILE A 42 10.99 -3.68 -5.87
N GLN A 43 9.99 -4.52 -6.12
CA GLN A 43 10.25 -5.91 -6.43
C GLN A 43 11.00 -6.03 -7.76
N LYS A 44 10.60 -5.19 -8.71
CA LYS A 44 11.23 -5.19 -10.01
C LYS A 44 11.02 -6.55 -10.69
N SER A 45 9.76 -6.84 -10.97
CA SER A 45 9.40 -8.09 -11.61
C SER A 45 9.21 -7.88 -13.12
N THR A 46 8.25 -7.02 -13.45
CA THR A 46 7.96 -6.72 -14.84
C THR A 46 7.92 -5.21 -15.06
N GLY A 47 8.13 -4.82 -16.31
CA GLY A 47 8.12 -3.42 -16.67
C GLY A 47 6.71 -2.94 -17.00
N ALA A 48 6.03 -2.45 -15.97
CA ALA A 48 4.67 -1.96 -16.14
C ALA A 48 4.69 -0.67 -16.97
N PRO A 49 5.57 0.27 -16.53
CA PRO A 49 5.70 1.55 -17.22
C PRO A 49 6.46 1.38 -18.54
N HIS A 1 -16.46 -2.63 -7.57
CA HIS A 1 -16.28 -2.14 -6.22
C HIS A 1 -15.13 -2.87 -5.55
N MET A 2 -13.91 -2.49 -5.94
CA MET A 2 -12.72 -3.09 -5.39
C MET A 2 -12.89 -3.38 -3.89
N THR A 3 -13.01 -4.66 -3.57
CA THR A 3 -13.18 -5.08 -2.20
C THR A 3 -12.26 -4.27 -1.28
N PRO A 4 -12.55 -4.33 0.05
CA PRO A 4 -11.77 -3.62 1.03
C PRO A 4 -10.43 -4.31 1.27
N GLN A 5 -10.37 -5.57 0.85
CA GLN A 5 -9.15 -6.35 1.00
C GLN A 5 -8.05 -5.84 0.07
N ASP A 6 -8.47 -5.47 -1.14
CA ASP A 6 -7.54 -4.96 -2.13
C ASP A 6 -6.94 -3.65 -1.63
N HIS A 7 -7.82 -2.79 -1.13
CA HIS A 7 -7.39 -1.50 -0.62
C HIS A 7 -6.63 -1.69 0.70
N GLU A 8 -6.94 -2.79 1.37
CA GLU A 8 -6.30 -3.10 2.63
C GLU A 8 -4.95 -3.77 2.39
N LYS A 9 -4.59 -3.87 1.11
CA LYS A 9 -3.33 -4.47 0.73
C LYS A 9 -2.18 -3.63 1.29
N ALA A 10 -2.48 -2.37 1.55
CA ALA A 10 -1.48 -1.45 2.09
C ALA A 10 -1.10 -1.89 3.50
N ALA A 11 -2.06 -2.50 4.18
CA ALA A 11 -1.83 -2.97 5.54
C ALA A 11 -0.61 -3.89 5.55
N LEU A 12 -0.43 -4.61 4.46
CA LEU A 12 0.69 -5.52 4.34
C LEU A 12 2.00 -4.72 4.29
N ILE A 13 1.90 -3.52 3.73
CA ILE A 13 3.05 -2.65 3.62
C ILE A 13 2.94 -1.52 4.64
N MET A 14 1.91 -1.62 5.47
CA MET A 14 1.68 -0.62 6.50
C MET A 14 2.78 -0.63 7.55
N GLN A 15 3.32 -1.82 7.78
CA GLN A 15 4.38 -1.99 8.75
C GLN A 15 5.61 -1.17 8.34
N VAL A 16 5.89 -1.18 7.04
CA VAL A 16 7.02 -0.45 6.51
C VAL A 16 6.73 1.04 6.58
N LEU A 17 5.51 1.40 6.21
CA LEU A 17 5.09 2.79 6.23
C LEU A 17 4.37 3.09 7.55
N GLN A 18 4.65 2.25 8.54
CA GLN A 18 4.05 2.43 9.84
C GLN A 18 4.88 3.38 10.71
N LEU A 19 6.06 3.69 10.20
CA LEU A 19 6.96 4.59 10.90
C LEU A 19 6.15 5.74 11.53
N THR A 20 5.04 6.06 10.87
CA THR A 20 4.18 7.13 11.34
C THR A 20 2.73 6.64 11.42
N ALA A 21 2.26 6.12 10.29
CA ALA A 21 0.90 5.62 10.22
C ALA A 21 -0.03 6.76 9.83
N ASP A 22 0.31 7.95 10.30
CA ASP A 22 -0.50 9.13 10.02
C ASP A 22 -0.57 9.34 8.51
N GLN A 23 0.55 9.07 7.85
CA GLN A 23 0.63 9.22 6.41
C GLN A 23 -0.37 8.29 5.72
N ILE A 24 -0.39 7.05 6.19
CA ILE A 24 -1.28 6.05 5.62
C ILE A 24 -2.71 6.32 6.11
N ALA A 25 -2.82 6.67 7.40
CA ALA A 25 -4.10 6.96 7.99
C ALA A 25 -4.71 8.20 7.31
N MET A 26 -3.84 9.00 6.72
CA MET A 26 -4.27 10.20 6.03
C MET A 26 -4.63 9.91 4.58
N LEU A 27 -4.39 8.67 4.18
CA LEU A 27 -4.68 8.25 2.83
C LEU A 27 -6.16 7.86 2.73
N PRO A 28 -6.78 8.24 1.58
CA PRO A 28 -8.18 7.94 1.35
C PRO A 28 -8.37 6.46 0.99
N PRO A 29 -9.67 6.06 0.86
CA PRO A 29 -10.00 4.69 0.53
C PRO A 29 -9.73 4.40 -0.94
N GLU A 30 -8.96 3.34 -1.17
CA GLU A 30 -8.62 2.94 -2.53
C GLU A 30 -7.27 3.56 -2.93
N GLN A 31 -6.86 4.55 -2.16
CA GLN A 31 -5.59 5.21 -2.43
C GLN A 31 -4.47 4.55 -1.64
N ARG A 32 -4.83 4.01 -0.48
CA ARG A 32 -3.85 3.35 0.36
C ARG A 32 -3.03 2.34 -0.45
N GLN A 33 -3.75 1.39 -1.04
CA GLN A 33 -3.12 0.36 -1.85
C GLN A 33 -1.97 0.97 -2.66
N SER A 34 -2.18 2.20 -3.10
CA SER A 34 -1.18 2.90 -3.89
C SER A 34 0.21 2.69 -3.29
N ILE A 35 0.23 2.61 -1.97
CA ILE A 35 1.49 2.40 -1.25
C ILE A 35 2.09 1.06 -1.67
N LEU A 36 1.23 0.06 -1.78
CA LEU A 36 1.66 -1.27 -2.17
C LEU A 36 2.35 -1.20 -3.53
N ILE A 37 1.78 -0.37 -4.40
CA ILE A 37 2.32 -0.20 -5.73
C ILE A 37 3.70 0.47 -5.65
N LEU A 38 3.75 1.51 -4.83
CA LEU A 38 5.00 2.25 -4.64
C LEU A 38 6.02 1.35 -3.94
N LYS A 39 5.55 0.64 -2.93
CA LYS A 39 6.41 -0.25 -2.18
C LYS A 39 6.79 -1.45 -3.06
N GLU A 40 5.82 -1.87 -3.87
CA GLU A 40 6.05 -3.00 -4.77
C GLU A 40 7.16 -2.67 -5.77
N GLN A 41 7.13 -1.43 -6.25
CA GLN A 41 8.13 -0.97 -7.21
C GLN A 41 9.52 -1.02 -6.59
N ILE A 42 9.59 -0.65 -5.32
CA ILE A 42 10.85 -0.64 -4.60
C ILE A 42 11.43 -2.06 -4.59
N GLN A 43 10.54 -3.02 -4.43
CA GLN A 43 10.95 -4.42 -4.41
C GLN A 43 11.60 -4.81 -5.73
N LYS A 44 11.06 -4.26 -6.81
CA LYS A 44 11.58 -4.54 -8.14
C LYS A 44 11.49 -6.05 -8.40
N SER A 45 11.65 -6.40 -9.67
CA SER A 45 11.60 -7.80 -10.07
C SER A 45 12.40 -8.66 -9.08
N THR A 46 13.69 -8.37 -9.02
CA THR A 46 14.56 -9.11 -8.13
C THR A 46 14.56 -8.48 -6.73
N GLY A 47 14.31 -9.32 -5.75
CA GLY A 47 14.28 -8.86 -4.36
C GLY A 47 13.68 -9.93 -3.44
N ALA A 48 12.44 -9.70 -3.05
CA ALA A 48 11.75 -10.62 -2.17
C ALA A 48 12.50 -10.74 -0.85
N PRO A 49 11.78 -11.20 0.20
CA PRO A 49 12.38 -11.37 1.51
C PRO A 49 13.29 -12.59 1.56
N HIS A 1 -15.40 -4.60 -7.40
CA HIS A 1 -14.42 -3.57 -7.09
C HIS A 1 -13.45 -4.11 -6.04
N MET A 2 -12.28 -3.48 -5.99
CA MET A 2 -11.25 -3.88 -5.04
C MET A 2 -11.70 -3.64 -3.60
N THR A 3 -11.89 -4.74 -2.88
CA THR A 3 -12.33 -4.65 -1.50
C THR A 3 -11.48 -3.63 -0.73
N PRO A 4 -11.98 -3.26 0.48
CA PRO A 4 -11.28 -2.31 1.32
C PRO A 4 -10.05 -2.95 1.98
N GLN A 5 -10.03 -4.26 1.95
CA GLN A 5 -8.92 -5.01 2.54
C GLN A 5 -7.65 -4.82 1.71
N ASP A 6 -7.84 -4.83 0.39
CA ASP A 6 -6.72 -4.66 -0.52
C ASP A 6 -6.06 -3.30 -0.27
N HIS A 7 -6.90 -2.32 0.04
CA HIS A 7 -6.41 -0.98 0.30
C HIS A 7 -5.58 -0.98 1.59
N GLU A 8 -5.92 -1.91 2.47
CA GLU A 8 -5.23 -2.02 3.74
C GLU A 8 -3.88 -2.72 3.55
N LYS A 9 -3.59 -3.04 2.30
CA LYS A 9 -2.34 -3.70 1.97
C LYS A 9 -1.17 -2.75 2.25
N ALA A 10 -1.49 -1.47 2.26
CA ALA A 10 -0.50 -0.44 2.51
C ALA A 10 -0.06 -0.52 3.98
N ALA A 11 -1.01 -0.89 4.83
CA ALA A 11 -0.74 -1.00 6.25
C ALA A 11 0.44 -1.96 6.47
N LEU A 12 0.49 -2.98 5.62
CA LEU A 12 1.55 -3.97 5.70
C LEU A 12 2.89 -3.31 5.37
N ILE A 13 2.81 -2.32 4.49
CA ILE A 13 4.01 -1.60 4.08
C ILE A 13 4.16 -0.34 4.91
N MET A 14 3.09 0.00 5.62
CA MET A 14 3.08 1.19 6.46
C MET A 14 4.20 1.13 7.49
N GLN A 15 4.46 -0.08 7.97
CA GLN A 15 5.51 -0.29 8.95
C GLN A 15 6.87 0.09 8.39
N VAL A 16 7.06 -0.26 7.11
CA VAL A 16 8.31 0.02 6.44
C VAL A 16 8.50 1.55 6.36
N LEU A 17 7.38 2.25 6.26
CA LEU A 17 7.41 3.70 6.17
C LEU A 17 7.63 4.28 7.57
N GLN A 18 6.52 4.65 8.20
CA GLN A 18 6.58 5.23 9.54
C GLN A 18 6.08 4.21 10.57
N LEU A 19 5.11 3.42 10.14
CA LEU A 19 4.53 2.41 11.03
C LEU A 19 3.51 3.06 11.96
N THR A 20 2.25 3.03 11.53
CA THR A 20 1.19 3.62 12.32
C THR A 20 -0.17 3.11 11.83
N ALA A 21 -0.40 3.25 10.53
CA ALA A 21 -1.64 2.81 9.94
C ALA A 21 -2.69 3.92 10.07
N ASP A 22 -2.69 4.55 11.24
CA ASP A 22 -3.63 5.62 11.52
C ASP A 22 -3.43 6.75 10.49
N GLN A 23 -2.17 6.96 10.13
CA GLN A 23 -1.83 7.99 9.16
C GLN A 23 -2.51 7.70 7.82
N ILE A 24 -2.56 6.41 7.49
CA ILE A 24 -3.17 5.99 6.24
C ILE A 24 -4.65 6.35 6.25
N ALA A 25 -5.21 6.41 7.46
CA ALA A 25 -6.61 6.74 7.62
C ALA A 25 -6.88 8.13 7.03
N MET A 26 -5.81 8.92 6.93
CA MET A 26 -5.91 10.25 6.39
C MET A 26 -5.66 10.25 4.88
N LEU A 27 -5.44 9.06 4.35
CA LEU A 27 -5.20 8.91 2.92
C LEU A 27 -6.38 8.18 2.27
N PRO A 28 -6.62 8.50 0.98
CA PRO A 28 -7.71 7.88 0.24
C PRO A 28 -7.36 6.45 -0.15
N PRO A 29 -8.36 5.77 -0.75
CA PRO A 29 -8.17 4.39 -1.19
C PRO A 29 -7.32 4.32 -2.46
N GLU A 30 -7.61 5.22 -3.38
CA GLU A 30 -6.87 5.28 -4.63
C GLU A 30 -5.41 5.60 -4.37
N GLN A 31 -5.13 6.02 -3.15
CA GLN A 31 -3.77 6.35 -2.76
C GLN A 31 -3.22 5.31 -1.79
N ARG A 32 -4.11 4.77 -0.98
CA ARG A 32 -3.73 3.77 0.00
C ARG A 32 -3.03 2.59 -0.70
N GLN A 33 -3.81 1.83 -1.44
CA GLN A 33 -3.28 0.68 -2.16
C GLN A 33 -2.09 1.10 -3.02
N SER A 34 -2.03 2.40 -3.29
CA SER A 34 -0.96 2.95 -4.10
C SER A 34 0.40 2.46 -3.58
N ILE A 35 0.47 2.34 -2.26
CA ILE A 35 1.69 1.90 -1.62
C ILE A 35 2.03 0.48 -2.09
N LEU A 36 0.97 -0.31 -2.25
CA LEU A 36 1.13 -1.69 -2.69
C LEU A 36 1.62 -1.70 -4.15
N ILE A 37 1.05 -0.80 -4.93
CA ILE A 37 1.42 -0.70 -6.34
C ILE A 37 2.90 -0.31 -6.44
N LEU A 38 3.27 0.70 -5.69
CA LEU A 38 4.65 1.18 -5.70
C LEU A 38 5.54 0.12 -5.05
N LYS A 39 5.00 -0.57 -4.07
CA LYS A 39 5.74 -1.60 -3.38
C LYS A 39 6.09 -2.72 -4.36
N GLU A 40 5.15 -2.99 -5.26
CA GLU A 40 5.35 -4.02 -6.26
C GLU A 40 6.50 -3.65 -7.19
N GLN A 41 6.57 -2.37 -7.50
CA GLN A 41 7.62 -1.87 -8.39
C GLN A 41 8.99 -1.98 -7.69
N ILE A 42 8.98 -1.69 -6.41
CA ILE A 42 10.21 -1.76 -5.63
C ILE A 42 10.76 -3.18 -5.66
N GLN A 43 9.84 -4.14 -5.58
CA GLN A 43 10.22 -5.53 -5.61
C GLN A 43 10.82 -5.91 -6.96
N LYS A 44 10.18 -5.42 -8.01
CA LYS A 44 10.64 -5.67 -9.36
C LYS A 44 10.51 -7.17 -9.66
N SER A 45 10.67 -7.51 -10.93
CA SER A 45 10.57 -8.89 -11.35
C SER A 45 11.31 -9.80 -10.37
N THR A 46 10.59 -10.80 -9.88
CA THR A 46 11.17 -11.73 -8.93
C THR A 46 10.26 -12.97 -8.79
N GLY A 47 10.91 -14.11 -8.63
CA GLY A 47 10.19 -15.36 -8.49
C GLY A 47 8.98 -15.19 -7.56
N ALA A 48 7.82 -15.55 -8.09
CA ALA A 48 6.58 -15.44 -7.33
C ALA A 48 6.00 -16.83 -7.08
N PRO A 49 5.14 -16.93 -6.05
CA PRO A 49 4.51 -18.19 -5.70
C PRO A 49 3.41 -18.55 -6.69
N HIS A 1 -14.89 -4.57 -8.04
CA HIS A 1 -14.88 -3.73 -6.86
C HIS A 1 -13.93 -4.32 -5.82
N MET A 2 -12.64 -4.18 -6.09
CA MET A 2 -11.62 -4.68 -5.20
C MET A 2 -12.01 -4.45 -3.74
N THR A 3 -12.15 -5.55 -3.01
CA THR A 3 -12.52 -5.48 -1.61
C THR A 3 -11.68 -4.43 -0.89
N PRO A 4 -12.05 -4.18 0.39
CA PRO A 4 -11.33 -3.20 1.21
C PRO A 4 -9.98 -3.76 1.67
N GLN A 5 -9.83 -5.07 1.51
CA GLN A 5 -8.61 -5.73 1.91
C GLN A 5 -7.46 -5.33 0.97
N ASP A 6 -7.79 -5.23 -0.31
CA ASP A 6 -6.80 -4.87 -1.31
C ASP A 6 -6.35 -3.42 -1.07
N HIS A 7 -7.31 -2.59 -0.68
CA HIS A 7 -7.04 -1.20 -0.41
C HIS A 7 -6.25 -1.07 0.90
N GLU A 8 -6.47 -2.03 1.78
CA GLU A 8 -5.80 -2.04 3.06
C GLU A 8 -4.40 -2.66 2.92
N LYS A 9 -4.04 -2.95 1.69
CA LYS A 9 -2.75 -3.55 1.41
C LYS A 9 -1.65 -2.56 1.79
N ALA A 10 -2.02 -1.28 1.81
CA ALA A 10 -1.07 -0.23 2.15
C ALA A 10 -0.66 -0.38 3.61
N ALA A 11 -1.60 -0.83 4.42
CA ALA A 11 -1.35 -1.02 5.84
C ALA A 11 -0.27 -2.10 6.01
N LEU A 12 -0.28 -3.06 5.10
CA LEU A 12 0.69 -4.14 5.15
C LEU A 12 2.09 -3.57 4.93
N ILE A 13 2.14 -2.49 4.17
CA ILE A 13 3.41 -1.84 3.87
C ILE A 13 3.49 -0.51 4.62
N MET A 14 2.46 -0.25 5.42
CA MET A 14 2.39 0.97 6.19
C MET A 14 3.48 1.01 7.26
N GLN A 15 3.83 -0.18 7.75
CA GLN A 15 4.85 -0.30 8.77
C GLN A 15 6.19 0.24 8.25
N VAL A 16 6.54 -0.18 7.04
CA VAL A 16 7.77 0.25 6.42
C VAL A 16 7.66 1.72 6.03
N LEU A 17 6.45 2.11 5.65
CA LEU A 17 6.19 3.48 5.25
C LEU A 17 6.63 4.43 6.36
N GLN A 18 5.71 4.68 7.28
CA GLN A 18 6.00 5.56 8.41
C GLN A 18 6.14 4.75 9.69
N LEU A 19 5.48 3.60 9.71
CA LEU A 19 5.53 2.73 10.87
C LEU A 19 4.28 2.98 11.74
N THR A 20 3.26 3.52 11.10
CA THR A 20 2.02 3.82 11.80
C THR A 20 0.84 3.77 10.83
N ALA A 21 -0.29 3.31 11.34
CA ALA A 21 -1.50 3.21 10.54
C ALA A 21 -2.28 4.52 10.64
N ASP A 22 -2.04 5.23 11.72
CA ASP A 22 -2.71 6.50 11.94
C ASP A 22 -2.36 7.46 10.81
N GLN A 23 -1.10 7.41 10.39
CA GLN A 23 -0.63 8.26 9.32
C GLN A 23 -1.27 7.86 7.99
N ILE A 24 -1.40 6.54 7.81
CA ILE A 24 -1.99 6.01 6.59
C ILE A 24 -3.49 6.31 6.60
N ALA A 25 -4.04 6.42 7.79
CA ALA A 25 -5.46 6.70 7.94
C ALA A 25 -5.78 8.04 7.29
N MET A 26 -4.76 8.87 7.17
CA MET A 26 -4.92 10.19 6.57
C MET A 26 -4.92 10.09 5.04
N LEU A 27 -4.60 8.91 4.56
CA LEU A 27 -4.56 8.68 3.13
C LEU A 27 -5.85 7.97 2.69
N PRO A 28 -6.30 8.30 1.45
CA PRO A 28 -7.50 7.72 0.90
C PRO A 28 -7.26 6.26 0.47
N PRO A 29 -8.38 5.59 0.08
CA PRO A 29 -8.30 4.21 -0.37
C PRO A 29 -7.71 4.11 -1.77
N GLU A 30 -8.11 5.05 -2.62
CA GLU A 30 -7.62 5.07 -3.98
C GLU A 30 -6.12 5.39 -4.01
N GLN A 31 -5.61 5.74 -2.84
CA GLN A 31 -4.20 6.06 -2.72
C GLN A 31 -3.49 5.02 -1.86
N ARG A 32 -4.18 4.59 -0.82
CA ARG A 32 -3.62 3.58 0.08
C ARG A 32 -2.97 2.46 -0.72
N GLN A 33 -3.77 1.82 -1.55
CA GLN A 33 -3.27 0.72 -2.37
C GLN A 33 -2.11 1.19 -3.23
N SER A 34 -2.21 2.44 -3.68
CA SER A 34 -1.17 3.02 -4.52
C SER A 34 0.20 2.69 -3.94
N ILE A 35 0.27 2.64 -2.62
CA ILE A 35 1.51 2.33 -1.94
C ILE A 35 1.97 0.92 -2.31
N LEU A 36 1.01 0.01 -2.29
CA LEU A 36 1.29 -1.38 -2.63
C LEU A 36 1.90 -1.45 -4.03
N ILE A 37 1.45 -0.56 -4.88
CA ILE A 37 1.94 -0.50 -6.25
C ILE A 37 3.37 0.05 -6.24
N LEU A 38 3.55 1.14 -5.52
CA LEU A 38 4.85 1.78 -5.42
C LEU A 38 5.82 0.84 -4.70
N LYS A 39 5.33 0.27 -3.61
CA LYS A 39 6.14 -0.64 -2.81
C LYS A 39 6.41 -1.91 -3.63
N GLU A 40 5.43 -2.29 -4.42
CA GLU A 40 5.54 -3.47 -5.24
C GLU A 40 6.70 -3.32 -6.24
N GLN A 41 6.86 -2.10 -6.71
CA GLN A 41 7.93 -1.79 -7.67
C GLN A 41 9.29 -2.06 -7.04
N ILE A 42 9.41 -1.69 -5.78
CA ILE A 42 10.66 -1.89 -5.05
C ILE A 42 10.98 -3.38 -5.01
N GLN A 43 9.95 -4.17 -4.78
CA GLN A 43 10.12 -5.61 -4.71
C GLN A 43 10.53 -6.16 -6.07
N LYS A 44 10.05 -5.50 -7.12
CA LYS A 44 10.37 -5.92 -8.47
C LYS A 44 9.71 -7.27 -8.76
N SER A 45 8.49 -7.21 -9.26
CA SER A 45 7.75 -8.43 -9.56
C SER A 45 6.91 -8.22 -10.83
N THR A 46 5.97 -7.28 -10.73
CA THR A 46 5.10 -6.97 -11.85
C THR A 46 4.26 -8.19 -12.21
N GLY A 47 2.95 -7.99 -12.18
CA GLY A 47 2.02 -9.07 -12.50
C GLY A 47 0.67 -8.51 -12.95
N ALA A 48 0.30 -8.87 -14.17
CA ALA A 48 -0.96 -8.41 -14.74
C ALA A 48 -1.88 -9.62 -14.97
N PRO A 49 -2.74 -9.88 -13.95
CA PRO A 49 -3.68 -10.99 -14.03
C PRO A 49 -4.83 -10.67 -14.99
N HIS A 1 -14.58 -5.12 -7.86
CA HIS A 1 -14.40 -4.05 -6.89
C HIS A 1 -13.52 -4.54 -5.74
N MET A 2 -12.21 -4.50 -5.97
CA MET A 2 -11.26 -4.94 -4.96
C MET A 2 -11.73 -4.54 -3.56
N THR A 3 -12.00 -5.56 -2.76
CA THR A 3 -12.45 -5.33 -1.39
C THR A 3 -11.59 -4.28 -0.71
N PRO A 4 -12.03 -3.87 0.51
CA PRO A 4 -11.29 -2.87 1.27
C PRO A 4 -10.03 -3.47 1.90
N GLN A 5 -9.98 -4.80 1.88
CA GLN A 5 -8.84 -5.50 2.44
C GLN A 5 -7.59 -5.28 1.56
N ASP A 6 -7.79 -5.43 0.27
CA ASP A 6 -6.70 -5.25 -0.68
C ASP A 6 -6.17 -3.81 -0.57
N HIS A 7 -7.10 -2.89 -0.39
CA HIS A 7 -6.74 -1.48 -0.27
C HIS A 7 -5.98 -1.27 1.03
N GLU A 8 -6.24 -2.13 2.00
CA GLU A 8 -5.59 -2.03 3.29
C GLU A 8 -4.21 -2.72 3.24
N LYS A 9 -3.85 -3.13 2.04
CA LYS A 9 -2.57 -3.81 1.85
C LYS A 9 -1.44 -2.84 2.16
N ALA A 10 -1.75 -1.55 2.06
CA ALA A 10 -0.77 -0.51 2.33
C ALA A 10 -0.44 -0.51 3.83
N ALA A 11 -1.44 -0.86 4.63
CA ALA A 11 -1.27 -0.90 6.07
C ALA A 11 -0.12 -1.84 6.41
N LEU A 12 -0.04 -2.92 5.66
CA LEU A 12 1.01 -3.91 5.87
C LEU A 12 2.36 -3.32 5.44
N ILE A 13 2.30 -2.48 4.42
CA ILE A 13 3.50 -1.84 3.91
C ILE A 13 3.72 -0.51 4.64
N MET A 14 2.72 -0.12 5.41
CA MET A 14 2.79 1.12 6.16
C MET A 14 3.86 1.04 7.26
N GLN A 15 4.00 -0.17 7.81
CA GLN A 15 4.97 -0.39 8.86
C GLN A 15 6.39 -0.18 8.32
N VAL A 16 6.60 -0.65 7.10
CA VAL A 16 7.89 -0.52 6.46
C VAL A 16 8.22 0.96 6.27
N LEU A 17 7.18 1.75 6.06
CA LEU A 17 7.34 3.18 5.86
C LEU A 17 7.66 3.84 7.21
N GLN A 18 6.62 4.37 7.83
CA GLN A 18 6.77 5.03 9.11
C GLN A 18 6.21 4.16 10.23
N LEU A 19 5.13 3.46 9.91
CA LEU A 19 4.47 2.59 10.87
C LEU A 19 3.68 3.44 11.86
N THR A 20 2.38 3.52 11.59
CA THR A 20 1.49 4.29 12.44
C THR A 20 0.04 3.80 12.28
N ALA A 21 -0.36 3.65 11.04
CA ALA A 21 -1.71 3.19 10.73
C ALA A 21 -2.65 4.39 10.70
N ASP A 22 -2.48 5.26 11.68
CA ASP A 22 -3.32 6.46 11.77
C ASP A 22 -3.06 7.34 10.55
N GLN A 23 -1.79 7.41 10.16
CA GLN A 23 -1.40 8.22 9.03
C GLN A 23 -2.04 7.67 7.74
N ILE A 24 -2.08 6.35 7.67
CA ILE A 24 -2.66 5.69 6.50
C ILE A 24 -4.14 6.05 6.41
N ALA A 25 -4.72 6.34 7.57
CA ALA A 25 -6.13 6.68 7.63
C ALA A 25 -6.36 8.04 6.95
N MET A 26 -5.27 8.81 6.88
CA MET A 26 -5.34 10.12 6.26
C MET A 26 -5.18 10.01 4.73
N LEU A 27 -4.85 8.81 4.29
CA LEU A 27 -4.67 8.56 2.87
C LEU A 27 -6.04 8.51 2.19
N PRO A 28 -6.09 9.06 0.94
CA PRO A 28 -7.32 9.07 0.17
C PRO A 28 -7.64 7.68 -0.38
N PRO A 29 -8.83 7.59 -1.02
CA PRO A 29 -9.27 6.32 -1.60
C PRO A 29 -8.51 6.02 -2.89
N GLU A 30 -7.98 4.81 -2.96
CA GLU A 30 -7.24 4.39 -4.14
C GLU A 30 -5.76 4.79 -4.00
N GLN A 31 -5.51 5.65 -3.03
CA GLN A 31 -4.16 6.12 -2.79
C GLN A 31 -3.46 5.23 -1.76
N ARG A 32 -4.27 4.67 -0.86
CA ARG A 32 -3.74 3.79 0.18
C ARG A 32 -2.96 2.64 -0.45
N GLN A 33 -3.67 1.86 -1.26
CA GLN A 33 -3.05 0.72 -1.91
C GLN A 33 -1.90 1.19 -2.81
N SER A 34 -1.91 2.47 -3.13
CA SER A 34 -0.88 3.05 -3.96
C SER A 34 0.50 2.64 -3.46
N ILE A 35 0.61 2.54 -2.14
CA ILE A 35 1.86 2.15 -1.52
C ILE A 35 2.24 0.74 -1.97
N LEU A 36 1.24 -0.12 -2.01
CA LEU A 36 1.44 -1.50 -2.41
C LEU A 36 1.99 -1.53 -3.84
N ILE A 37 1.53 -0.57 -4.64
CA ILE A 37 1.96 -0.47 -6.03
C ILE A 37 3.41 -0.02 -6.07
N LEU A 38 3.71 1.00 -5.27
CA LEU A 38 5.06 1.54 -5.21
C LEU A 38 5.99 0.48 -4.60
N LYS A 39 5.45 -0.26 -3.65
CA LYS A 39 6.22 -1.30 -2.98
C LYS A 39 6.51 -2.44 -3.97
N GLU A 40 5.46 -2.82 -4.69
CA GLU A 40 5.59 -3.89 -5.67
C GLU A 40 6.60 -3.49 -6.76
N GLN A 41 6.60 -2.21 -7.08
CA GLN A 41 7.50 -1.70 -8.10
C GLN A 41 8.95 -1.87 -7.66
N ILE A 42 9.18 -1.67 -6.38
CA ILE A 42 10.51 -1.80 -5.81
C ILE A 42 11.01 -3.23 -6.04
N GLN A 43 10.11 -4.18 -5.84
CA GLN A 43 10.45 -5.58 -6.03
C GLN A 43 10.79 -5.86 -7.51
N LYS A 44 10.03 -5.21 -8.38
CA LYS A 44 10.23 -5.38 -9.81
C LYS A 44 9.95 -6.83 -10.19
N SER A 45 8.68 -7.12 -10.40
CA SER A 45 8.27 -8.47 -10.77
C SER A 45 6.92 -8.43 -11.47
N THR A 46 6.58 -9.56 -12.08
CA THR A 46 5.32 -9.66 -12.80
C THR A 46 4.47 -10.80 -12.22
N GLY A 47 3.24 -10.45 -11.87
CA GLY A 47 2.31 -11.43 -11.31
C GLY A 47 0.87 -10.93 -11.39
N ALA A 48 -0.04 -11.78 -10.92
CA ALA A 48 -1.44 -11.44 -10.94
C ALA A 48 -1.67 -10.16 -10.14
N PRO A 49 -1.12 -10.14 -8.89
CA PRO A 49 -1.25 -8.99 -8.02
C PRO A 49 -0.34 -7.85 -8.48
N HIS A 1 -13.80 -5.16 -9.21
CA HIS A 1 -13.34 -4.07 -8.35
C HIS A 1 -12.34 -4.62 -7.33
N MET A 2 -11.12 -4.09 -7.40
CA MET A 2 -10.08 -4.52 -6.49
C MET A 2 -10.63 -4.73 -5.08
N THR A 3 -10.58 -5.98 -4.64
CA THR A 3 -11.07 -6.34 -3.32
C THR A 3 -10.65 -5.29 -2.29
N PRO A 4 -11.31 -5.34 -1.11
CA PRO A 4 -11.02 -4.40 -0.04
C PRO A 4 -9.69 -4.75 0.64
N GLN A 5 -9.28 -6.00 0.47
CA GLN A 5 -8.05 -6.47 1.06
C GLN A 5 -6.85 -5.83 0.36
N ASP A 6 -6.97 -5.72 -0.96
CA ASP A 6 -5.90 -5.13 -1.75
C ASP A 6 -5.77 -3.64 -1.39
N HIS A 7 -6.91 -3.01 -1.15
CA HIS A 7 -6.93 -1.61 -0.81
C HIS A 7 -6.41 -1.42 0.62
N GLU A 8 -6.55 -2.46 1.41
CA GLU A 8 -6.10 -2.44 2.79
C GLU A 8 -4.72 -3.10 2.91
N LYS A 9 -4.16 -3.44 1.76
CA LYS A 9 -2.86 -4.08 1.72
C LYS A 9 -1.78 -3.07 2.15
N ALA A 10 -2.12 -1.80 1.99
CA ALA A 10 -1.21 -0.73 2.35
C ALA A 10 -1.01 -0.71 3.87
N ALA A 11 -2.07 -1.10 4.57
CA ALA A 11 -2.04 -1.14 6.02
C ALA A 11 -0.83 -1.96 6.47
N LEU A 12 -0.56 -3.03 5.73
CA LEU A 12 0.56 -3.90 6.05
C LEU A 12 1.87 -3.17 5.77
N ILE A 13 1.83 -2.31 4.76
CA ILE A 13 3.00 -1.54 4.38
C ILE A 13 3.02 -0.23 5.16
N MET A 14 1.90 0.05 5.82
CA MET A 14 1.77 1.26 6.60
C MET A 14 2.82 1.33 7.71
N GLN A 15 3.02 0.18 8.35
CA GLN A 15 3.99 0.08 9.43
C GLN A 15 5.41 0.26 8.89
N VAL A 16 5.69 -0.44 7.81
CA VAL A 16 7.00 -0.36 7.19
C VAL A 16 7.18 1.01 6.55
N LEU A 17 6.07 1.53 6.02
CA LEU A 17 6.09 2.82 5.38
C LEU A 17 6.86 3.82 6.25
N GLN A 18 6.15 4.38 7.22
CA GLN A 18 6.75 5.34 8.12
C GLN A 18 7.00 4.71 9.49
N LEU A 19 6.05 3.87 9.90
CA LEU A 19 6.16 3.19 11.18
C LEU A 19 4.76 2.96 11.74
N THR A 20 3.83 3.76 11.26
CA THR A 20 2.44 3.65 11.71
C THR A 20 1.49 4.00 10.58
N ALA A 21 0.27 3.49 10.70
CA ALA A 21 -0.76 3.74 9.69
C ALA A 21 -1.46 5.06 10.00
N ASP A 22 -1.10 5.64 11.14
CA ASP A 22 -1.69 6.89 11.56
C ASP A 22 -1.34 7.98 10.54
N GLN A 23 -0.09 7.96 10.11
CA GLN A 23 0.38 8.94 9.14
C GLN A 23 -0.34 8.74 7.80
N ILE A 24 -0.42 7.48 7.40
CA ILE A 24 -1.08 7.13 6.15
C ILE A 24 -2.58 7.27 6.30
N ALA A 25 -3.03 7.20 7.55
CA ALA A 25 -4.45 7.32 7.86
C ALA A 25 -5.00 8.61 7.25
N MET A 26 -4.08 9.53 7.00
CA MET A 26 -4.45 10.82 6.43
C MET A 26 -4.79 10.67 4.94
N LEU A 27 -4.38 9.54 4.38
CA LEU A 27 -4.64 9.27 2.98
C LEU A 27 -5.96 8.53 2.83
N PRO A 28 -6.61 8.72 1.66
CA PRO A 28 -7.88 8.07 1.38
C PRO A 28 -7.69 6.59 1.07
N PRO A 29 -8.84 5.87 0.98
CA PRO A 29 -8.81 4.44 0.69
C PRO A 29 -8.49 4.20 -0.79
N GLU A 30 -8.98 5.08 -1.63
CA GLU A 30 -8.75 4.97 -3.06
C GLU A 30 -7.30 5.33 -3.40
N GLN A 31 -6.56 5.72 -2.37
CA GLN A 31 -5.18 6.09 -2.54
C GLN A 31 -4.27 5.16 -1.72
N ARG A 32 -4.76 4.79 -0.55
CA ARG A 32 -4.01 3.91 0.33
C ARG A 32 -3.33 2.81 -0.48
N GLN A 33 -4.13 2.10 -1.24
CA GLN A 33 -3.61 1.02 -2.07
C GLN A 33 -2.36 1.47 -2.82
N SER A 34 -2.31 2.76 -3.11
CA SER A 34 -1.18 3.34 -3.82
C SER A 34 0.12 2.75 -3.27
N ILE A 35 0.18 2.65 -1.94
CA ILE A 35 1.36 2.12 -1.28
C ILE A 35 1.62 0.70 -1.79
N LEU A 36 0.54 -0.07 -1.91
CA LEU A 36 0.65 -1.44 -2.38
C LEU A 36 1.21 -1.45 -3.80
N ILE A 37 0.76 -0.48 -4.59
CA ILE A 37 1.22 -0.36 -5.96
C ILE A 37 2.72 -0.03 -5.98
N LEU A 38 3.08 0.95 -5.16
CA LEU A 38 4.46 1.38 -5.07
C LEU A 38 5.29 0.25 -4.46
N LYS A 39 4.68 -0.47 -3.54
CA LYS A 39 5.35 -1.58 -2.88
C LYS A 39 5.75 -2.63 -3.92
N GLU A 40 4.87 -2.80 -4.90
CA GLU A 40 5.12 -3.76 -5.96
C GLU A 40 6.38 -3.38 -6.74
N GLN A 41 6.57 -2.08 -6.90
CA GLN A 41 7.72 -1.57 -7.62
C GLN A 41 9.00 -1.86 -6.84
N ILE A 42 8.91 -1.72 -5.53
CA ILE A 42 10.05 -1.96 -4.66
C ILE A 42 10.52 -3.41 -4.84
N GLN A 43 9.55 -4.31 -4.92
CA GLN A 43 9.84 -5.72 -5.08
C GLN A 43 10.52 -5.97 -6.43
N LYS A 44 10.03 -5.26 -7.44
CA LYS A 44 10.57 -5.39 -8.78
C LYS A 44 10.35 -6.82 -9.28
N SER A 45 9.92 -6.92 -10.52
CA SER A 45 9.65 -8.21 -11.13
C SER A 45 10.75 -9.20 -10.72
N THR A 46 10.31 -10.39 -10.33
CA THR A 46 11.24 -11.43 -9.92
C THR A 46 10.55 -12.80 -9.93
N GLY A 47 9.93 -13.10 -11.06
CA GLY A 47 9.23 -14.36 -11.22
C GLY A 47 7.72 -14.17 -11.06
N ALA A 48 7.16 -13.35 -11.93
CA ALA A 48 5.73 -13.08 -11.90
C ALA A 48 5.01 -14.03 -12.86
N PRO A 49 3.67 -14.14 -12.67
CA PRO A 49 2.86 -15.00 -13.51
C PRO A 49 2.66 -14.39 -14.89
N HIS A 1 -14.13 -5.68 -8.52
CA HIS A 1 -13.90 -4.57 -7.61
C HIS A 1 -13.03 -5.05 -6.45
N MET A 2 -11.73 -4.95 -6.65
CA MET A 2 -10.78 -5.36 -5.63
C MET A 2 -11.28 -4.99 -4.23
N THR A 3 -11.60 -6.02 -3.47
CA THR A 3 -12.09 -5.83 -2.12
C THR A 3 -11.29 -4.73 -1.41
N PRO A 4 -11.87 -4.23 -0.28
CA PRO A 4 -11.22 -3.18 0.49
C PRO A 4 -10.04 -3.73 1.29
N GLN A 5 -10.04 -5.04 1.46
CA GLN A 5 -8.99 -5.70 2.20
C GLN A 5 -7.68 -5.68 1.39
N ASP A 6 -7.83 -5.87 0.09
CA ASP A 6 -6.67 -5.87 -0.80
C ASP A 6 -6.09 -4.46 -0.86
N HIS A 7 -6.98 -3.48 -0.88
CA HIS A 7 -6.56 -2.09 -0.95
C HIS A 7 -5.86 -1.71 0.35
N GLU A 8 -6.23 -2.41 1.42
CA GLU A 8 -5.66 -2.15 2.73
C GLU A 8 -4.34 -2.93 2.89
N LYS A 9 -3.90 -3.51 1.79
CA LYS A 9 -2.67 -4.27 1.79
C LYS A 9 -1.48 -3.33 2.00
N ALA A 10 -1.68 -2.09 1.63
CA ALA A 10 -0.64 -1.08 1.77
C ALA A 10 -0.45 -0.76 3.25
N ALA A 11 -1.55 -0.86 3.99
CA ALA A 11 -1.51 -0.58 5.42
C ALA A 11 -0.45 -1.46 6.08
N LEU A 12 -0.33 -2.68 5.57
CA LEU A 12 0.64 -3.61 6.10
C LEU A 12 2.05 -3.12 5.79
N ILE A 13 2.19 -2.51 4.62
CA ILE A 13 3.47 -1.98 4.19
C ILE A 13 3.65 -0.57 4.74
N MET A 14 2.53 0.07 5.01
CA MET A 14 2.54 1.42 5.55
C MET A 14 3.35 1.49 6.84
N GLN A 15 3.29 0.39 7.59
CA GLN A 15 4.00 0.31 8.86
C GLN A 15 5.51 0.48 8.62
N VAL A 16 6.00 -0.14 7.56
CA VAL A 16 7.40 -0.06 7.23
C VAL A 16 7.78 1.40 6.95
N LEU A 17 6.80 2.15 6.46
CA LEU A 17 7.01 3.55 6.15
C LEU A 17 7.21 4.33 7.45
N GLN A 18 6.10 4.59 8.13
CA GLN A 18 6.15 5.33 9.39
C GLN A 18 6.01 4.37 10.57
N LEU A 19 5.18 3.36 10.37
CA LEU A 19 4.96 2.37 11.41
C LEU A 19 3.69 2.73 12.19
N THR A 20 2.90 3.61 11.59
CA THR A 20 1.66 4.05 12.22
C THR A 20 0.58 4.26 11.17
N ALA A 21 -0.63 3.84 11.52
CA ALA A 21 -1.77 3.98 10.62
C ALA A 21 -2.42 5.34 10.83
N ASP A 22 -1.85 6.12 11.74
CA ASP A 22 -2.36 7.44 12.04
C ASP A 22 -2.21 8.33 10.81
N GLN A 23 -1.01 8.31 10.25
CA GLN A 23 -0.72 9.12 9.08
C GLN A 23 -1.47 8.56 7.86
N ILE A 24 -1.52 7.24 7.78
CA ILE A 24 -2.19 6.57 6.68
C ILE A 24 -3.71 6.78 6.82
N ALA A 25 -4.14 6.90 8.07
CA ALA A 25 -5.55 7.09 8.35
C ALA A 25 -6.03 8.38 7.68
N MET A 26 -5.08 9.26 7.43
CA MET A 26 -5.37 10.53 6.79
C MET A 26 -5.24 10.44 5.27
N LEU A 27 -4.78 9.28 4.83
CA LEU A 27 -4.58 9.05 3.41
C LEU A 27 -5.86 8.42 2.82
N PRO A 28 -6.14 8.77 1.54
CA PRO A 28 -7.30 8.25 0.86
C PRO A 28 -7.10 6.79 0.45
N PRO A 29 -8.20 6.18 -0.07
CA PRO A 29 -8.16 4.79 -0.51
C PRO A 29 -7.42 4.66 -1.83
N GLU A 30 -7.60 5.65 -2.68
CA GLU A 30 -6.96 5.66 -3.99
C GLU A 30 -5.47 5.93 -3.85
N GLN A 31 -5.07 6.18 -2.61
CA GLN A 31 -3.67 6.45 -2.33
C GLN A 31 -3.09 5.38 -1.40
N ARG A 32 -3.91 4.94 -0.47
CA ARG A 32 -3.50 3.91 0.47
C ARG A 32 -2.92 2.71 -0.28
N GLN A 33 -3.77 2.08 -1.09
CA GLN A 33 -3.35 0.92 -1.86
C GLN A 33 -2.14 1.27 -2.73
N SER A 34 -2.04 2.55 -3.07
CA SER A 34 -0.94 3.03 -3.89
C SER A 34 0.37 2.41 -3.41
N ILE A 35 0.47 2.24 -2.10
CA ILE A 35 1.67 1.67 -1.51
C ILE A 35 1.86 0.24 -2.04
N LEU A 36 0.75 -0.47 -2.14
CA LEU A 36 0.79 -1.85 -2.64
C LEU A 36 1.34 -1.85 -4.06
N ILE A 37 1.00 -0.81 -4.80
CA ILE A 37 1.45 -0.68 -6.18
C ILE A 37 2.96 -0.43 -6.19
N LEU A 38 3.37 0.49 -5.33
CA LEU A 38 4.79 0.84 -5.24
C LEU A 38 5.55 -0.34 -4.64
N LYS A 39 4.88 -1.08 -3.78
CA LYS A 39 5.49 -2.23 -3.13
C LYS A 39 5.91 -3.23 -4.21
N GLU A 40 4.99 -3.52 -5.12
CA GLU A 40 5.26 -4.46 -6.19
C GLU A 40 6.32 -3.89 -7.14
N GLN A 41 6.28 -2.58 -7.30
CA GLN A 41 7.22 -1.90 -8.17
C GLN A 41 8.64 -2.04 -7.62
N ILE A 42 8.73 -1.98 -6.30
CA ILE A 42 10.02 -2.09 -5.63
C ILE A 42 10.68 -3.42 -6.02
N GLN A 43 9.85 -4.45 -6.04
CA GLN A 43 10.34 -5.78 -6.39
C GLN A 43 10.93 -5.78 -7.81
N LYS A 44 10.24 -5.07 -8.70
CA LYS A 44 10.68 -4.98 -10.08
C LYS A 44 11.66 -3.81 -10.22
N SER A 45 12.80 -3.95 -9.59
CA SER A 45 13.82 -2.91 -9.63
C SER A 45 14.58 -2.99 -10.97
N THR A 46 14.11 -2.19 -11.92
CA THR A 46 14.72 -2.15 -13.24
C THR A 46 15.02 -0.71 -13.64
N GLY A 47 13.95 0.07 -13.75
CA GLY A 47 14.08 1.46 -14.13
C GLY A 47 12.75 2.02 -14.65
N ALA A 48 11.76 1.99 -13.78
CA ALA A 48 10.44 2.48 -14.14
C ALA A 48 9.88 1.65 -15.31
N PRO A 49 8.53 1.63 -15.41
CA PRO A 49 7.87 0.88 -16.46
C PRO A 49 7.98 1.61 -17.80
#